data_5DO7
#
_entry.id   5DO7
#
_cell.length_a   173.552
_cell.length_b   224.804
_cell.length_c   253.304
_cell.angle_alpha   90.00
_cell.angle_beta   90.00
_cell.angle_gamma   90.00
#
_symmetry.space_group_name_H-M   'I 2 2 2'
#
loop_
_entity.id
_entity.type
_entity.pdbx_description
1 polymer 'ATP-binding cassette sub-family G member 5'
2 polymer 'ATP-binding cassette sub-family G member 8'
#
loop_
_entity_poly.entity_id
_entity_poly.type
_entity_poly.pdbx_seq_one_letter_code
_entity_poly.pdbx_strand_id
1 'polypeptide(L)'
;MEDLSSLTPGGSMGLQVNRGSQSSLEGAPATAPEPHSLGILHASYSVSHRVRPWWDITSCRQQWTRQILKDVSLYVESGQ
IMCILGSSGSGKTTLLDAMSGRLGRAGTFLGEVYVNGRALRREQFQDCFSYVLQSDTLLSSLTVRETLHYTALLAIRRGN
PGSFQKKVEAVMAELSLSHVADRLIGNYSLGGISTGERRRVSIAAQLLQDPKVMLFDEPTTGLDCMTANQIVVLLVELAR
RNRIVVLTIHQPRSELFQLFDKIAILSFGELIFCGTPAEMLDFFNDCGYPCPEHSNPFDFYMDLTSVDTQSKEREIETSK
RVQMIESAYKKSAICHKTLKNIERMKHLKTLPMVPFKTKDSPGVFSKLGVLLRRVTRNLVRNKLAVITRLLQNLIMGLFL
LFFVLRVRSNVLKGAIQDRVGLLYQFVGATPYTGMLNAVNLFPVLRAVSDQESQDGLYQKWQMMLAYALHVLPFSVVATM
IFSSVCYWTLGLHPEVARFGYFSAALLAPHLIGEFLTLVLLGIVQNPNIVNSVVALLSIAGVLVGSGFLRNIQEMPIPFK
IISYFTFQKYCSEILVVNEFYGLNFTCGSSNVSVTTNPMCAFTQGIQFIEKTCPGATSRFTMNFLILYSFIPALVILGIV
VFKIRDHLISRGSHHHHHHGHHHHHH
;
A,C
2 'polypeptide(L)'
;MGSAGKAAEERGLPKGATPQDTSGLQDRLFSSESDNSLYFTYSGQPNTLEVRDLNYQVDLASQVPWFEQLAQFKMPWTSP
SCQNSCELGIQNLSFKVRSGQMLAIIGSSGCGRASLLDVITGRGHGGKIKSGQIWINGQPSSPQLVRKCVAHVRQHNQLL
PNLTVRETLAFIAQMRLPRTFSQAQRDKRVEDVIAELRLRQCADTRVGNMYVRGLSGGERRRVSIGVQLLWNPGILILDE
PTSGLDSFTAHNLVKTLSRLAKGNRLVLISLHQPRSDIFRLFDLVLLMTSGTPIYLGAAQHMVQYFTAIGYPCPRYSNPA
DFYVDLTSIDRRSREQELATREKAQSLAALFLEKVRDLDDFLWKAETKDLDEDTCVESSVTPLDTNCLPSPTKMPGAVQQ
FTTLIRRQISNDFRDLPTLLIHGAEACLMSMTIGFLYFGHGSIQLSFMDTAALLFMIGALIPFNVILDVISKCYSERAML
YYELEDGLYTTGPYFFAKILGELPEHCAYIIIYGMPTYWLANLRPGLQPFLLHFLLVWLVVFCCRIMALAAAALLPTFHM
ASFFSNALYNSFYLAGGFMINLSSLWTVPAWISKVSFLRWCFEGLMKIQFSRRTYKMPLGNLTIAVSGDKILSVMELDSY
PLYAIYLIVIGLSGGFMVLYYVSLRFIKQKPSQDWASNSLEVLFQ
;
B,D
#
# COMPACT_ATOMS: atom_id res chain seq x y z
N GLU A 34 -41.29 49.48 -2.95
CA GLU A 34 -41.64 49.81 -1.53
C GLU A 34 -42.66 48.85 -0.91
N PRO A 35 -43.56 48.26 -1.72
CA PRO A 35 -44.05 46.92 -1.36
C PRO A 35 -43.26 45.87 -2.14
N HIS A 36 -42.46 45.04 -1.48
CA HIS A 36 -41.74 44.00 -2.22
C HIS A 36 -42.43 42.64 -2.07
N SER A 37 -42.27 41.86 -3.12
CA SER A 37 -43.06 40.69 -3.37
C SER A 37 -42.21 39.44 -3.32
N LEU A 38 -42.53 38.55 -2.38
CA LEU A 38 -41.85 37.25 -2.30
C LEU A 38 -42.79 36.11 -1.96
N GLY A 39 -43.25 35.39 -2.97
CA GLY A 39 -44.23 34.35 -2.76
C GLY A 39 -43.75 32.99 -3.22
N ILE A 40 -44.44 31.96 -2.73
CA ILE A 40 -44.21 30.57 -3.16
C ILE A 40 -45.54 29.86 -3.36
N LEU A 41 -45.61 29.07 -4.45
CA LEU A 41 -46.77 28.20 -4.76
C LEU A 41 -46.34 26.75 -4.88
N HIS A 42 -47.07 25.87 -4.19
CA HIS A 42 -46.97 24.42 -4.40
C HIS A 42 -45.53 23.96 -4.60
N ALA A 43 -44.69 24.23 -3.60
CA ALA A 43 -43.29 23.83 -3.64
C ALA A 43 -43.05 22.53 -2.86
N SER A 44 -42.14 21.70 -3.35
CA SER A 44 -41.93 20.37 -2.80
C SER A 44 -40.49 19.92 -3.04
N TYR A 45 -40.10 18.81 -2.41
CA TYR A 45 -38.68 18.40 -2.46
C TYR A 45 -38.41 16.93 -2.17
N SER A 46 -37.60 16.30 -3.02
CA SER A 46 -36.94 15.04 -2.70
C SER A 46 -35.43 15.18 -2.86
N ARG A 66 -38.31 9.88 1.42
CA ARG A 66 -37.55 10.62 0.40
C ARG A 66 -38.48 11.51 -0.45
N GLN A 67 -39.27 12.33 0.24
CA GLN A 67 -40.03 13.44 -0.35
C GLN A 67 -40.33 14.45 0.78
N ILE A 68 -39.27 15.08 1.28
CA ILE A 68 -39.26 15.78 2.59
C ILE A 68 -40.01 17.11 2.67
N LEU A 69 -40.48 17.61 1.53
CA LEU A 69 -41.16 18.91 1.51
C LEU A 69 -42.33 18.82 0.57
N LYS A 70 -43.51 19.25 1.02
CA LYS A 70 -44.74 18.95 0.28
C LYS A 70 -45.63 20.16 0.01
N ASP A 71 -45.79 20.49 -1.28
CA ASP A 71 -46.71 21.52 -1.76
C ASP A 71 -46.96 22.64 -0.74
N VAL A 72 -45.88 23.34 -0.44
CA VAL A 72 -45.92 24.50 0.44
C VAL A 72 -46.20 25.75 -0.41
N SER A 73 -46.72 26.80 0.23
CA SER A 73 -47.10 28.03 -0.46
C SER A 73 -47.20 29.19 0.53
N LEU A 74 -46.54 30.33 0.24
CA LEU A 74 -46.40 31.46 1.23
C LEU A 74 -46.20 32.88 0.63
N TYR A 75 -46.79 33.92 1.25
CA TYR A 75 -46.66 35.33 0.75
C TYR A 75 -45.99 36.26 1.76
N VAL A 76 -45.11 37.12 1.25
CA VAL A 76 -44.41 38.14 2.03
C VAL A 76 -44.12 39.38 1.18
N GLU A 77 -44.09 40.53 1.85
CA GLU A 77 -43.81 41.81 1.24
C GLU A 77 -42.64 42.43 1.98
N SER A 78 -41.89 43.30 1.30
CA SER A 78 -40.80 44.03 1.96
C SER A 78 -41.28 44.68 3.23
N GLY A 79 -40.38 44.74 4.19
CA GLY A 79 -40.69 45.35 5.46
C GLY A 79 -41.30 44.40 6.46
N GLN A 80 -41.78 43.24 5.99
CA GLN A 80 -42.34 42.22 6.87
C GLN A 80 -41.26 41.31 7.48
N ILE A 81 -41.72 40.42 8.36
CA ILE A 81 -40.92 39.35 8.92
C ILE A 81 -41.67 38.05 8.81
N MET A 82 -40.89 37.02 8.52
CA MET A 82 -41.37 35.66 8.49
C MET A 82 -40.72 34.82 9.57
N CYS A 83 -41.58 34.23 10.39
CA CYS A 83 -41.18 33.38 11.48
C CYS A 83 -41.61 31.96 11.17
N ILE A 84 -40.63 31.12 10.86
CA ILE A 84 -40.89 29.70 10.70
C ILE A 84 -40.47 28.95 11.94
N LEU A 85 -41.44 28.22 12.45
CA LEU A 85 -41.23 27.32 13.54
C LEU A 85 -41.40 25.94 12.93
N GLY A 86 -40.44 25.05 13.19
CA GLY A 86 -40.49 23.70 12.66
C GLY A 86 -40.35 22.70 13.78
N SER A 87 -41.26 21.73 13.83
CA SER A 87 -41.17 20.62 14.76
C SER A 87 -39.78 20.03 14.67
N SER A 88 -39.39 19.29 15.71
CA SER A 88 -38.12 18.55 15.71
C SER A 88 -37.99 17.67 14.46
N GLY A 89 -39.11 17.13 13.98
CA GLY A 89 -39.18 16.48 12.68
C GLY A 89 -38.73 17.48 11.65
N SER A 90 -39.32 18.66 11.75
CA SER A 90 -38.92 19.83 10.99
C SER A 90 -39.28 19.69 9.52
N GLY A 91 -38.26 19.84 8.68
CA GLY A 91 -38.47 20.13 7.28
C GLY A 91 -38.14 21.60 7.09
N LYS A 92 -38.41 22.42 8.11
CA LYS A 92 -38.29 23.87 8.00
C LYS A 92 -36.92 24.22 7.43
N THR A 93 -35.90 23.83 8.17
CA THR A 93 -34.54 24.19 7.89
C THR A 93 -34.30 23.80 6.45
N THR A 94 -34.65 22.55 6.16
CA THR A 94 -34.37 21.96 4.86
C THR A 94 -34.85 22.94 3.79
N LEU A 95 -36.07 23.44 3.94
CA LEU A 95 -36.63 24.35 2.95
C LEU A 95 -35.81 25.61 2.82
N LEU A 96 -35.56 26.22 3.98
CA LEU A 96 -34.91 27.50 4.01
C LEU A 96 -33.60 27.38 3.29
N ASP A 97 -32.80 26.38 3.69
CA ASP A 97 -31.56 26.08 2.98
C ASP A 97 -31.87 25.97 1.48
N ALA A 98 -32.78 25.05 1.14
CA ALA A 98 -33.10 24.74 -0.26
C ALA A 98 -33.27 26.00 -1.11
N MET A 99 -34.13 26.89 -0.63
CA MET A 99 -34.45 28.14 -1.31
C MET A 99 -33.26 29.03 -1.59
N SER A 100 -32.26 29.01 -0.70
CA SER A 100 -31.06 29.80 -0.93
C SER A 100 -30.14 29.18 -1.97
N GLY A 101 -30.55 28.03 -2.51
CA GLY A 101 -29.86 27.38 -3.63
C GLY A 101 -28.77 26.43 -3.19
N ARG A 102 -28.62 26.25 -1.87
CA ARG A 102 -27.47 25.54 -1.27
C ARG A 102 -27.07 24.28 -2.07
N LEU A 103 -28.06 23.52 -2.55
CA LEU A 103 -27.81 22.37 -3.43
C LEU A 103 -29.07 22.10 -4.26
N GLY A 104 -28.94 21.15 -5.21
CA GLY A 104 -30.00 20.76 -6.16
C GLY A 104 -29.79 19.30 -6.53
N ARG A 105 -30.55 18.41 -5.90
CA ARG A 105 -30.03 17.09 -5.56
C ARG A 105 -30.61 15.90 -6.34
N ALA A 106 -30.08 14.70 -6.03
CA ALA A 106 -30.70 13.44 -6.45
C ALA A 106 -32.06 13.28 -5.80
N GLY A 107 -33.10 13.28 -6.63
CA GLY A 107 -34.42 13.73 -6.18
C GLY A 107 -34.71 15.01 -6.94
N THR A 108 -35.50 15.89 -6.35
CA THR A 108 -35.99 17.02 -7.12
C THR A 108 -36.56 18.15 -6.26
N PHE A 109 -36.87 19.26 -6.93
CA PHE A 109 -37.51 20.44 -6.32
C PHE A 109 -38.77 20.85 -7.14
N LEU A 110 -39.96 20.55 -6.60
CA LEU A 110 -41.22 20.91 -7.27
C LEU A 110 -41.64 22.32 -6.87
N GLY A 111 -42.43 22.96 -7.72
CA GLY A 111 -42.95 24.28 -7.46
C GLY A 111 -42.08 25.36 -8.06
N GLU A 112 -42.52 26.60 -7.92
CA GLU A 112 -41.75 27.76 -8.33
C GLU A 112 -42.05 28.93 -7.40
N VAL A 113 -41.07 29.83 -7.31
CA VAL A 113 -41.10 30.97 -6.38
C VAL A 113 -41.26 32.27 -7.15
N TYR A 114 -42.22 33.10 -6.73
CA TYR A 114 -42.55 34.34 -7.46
C TYR A 114 -42.02 35.56 -6.71
N VAL A 115 -41.05 36.23 -7.32
CA VAL A 115 -40.33 37.31 -6.65
C VAL A 115 -40.47 38.63 -7.43
N ASN A 116 -41.33 39.53 -6.92
CA ASN A 116 -41.52 40.86 -7.48
C ASN A 116 -41.78 40.90 -8.99
N GLY A 117 -42.86 40.26 -9.39
CA GLY A 117 -43.14 40.07 -10.80
C GLY A 117 -42.18 39.05 -11.35
N ARG A 118 -42.60 38.29 -12.35
CA ARG A 118 -41.79 37.19 -12.86
C ARG A 118 -41.71 36.05 -11.85
N ALA A 119 -41.30 34.89 -12.36
CA ALA A 119 -40.93 33.75 -11.53
C ALA A 119 -39.41 33.61 -11.44
N LEU A 120 -38.93 33.14 -10.31
CA LEU A 120 -37.51 32.83 -10.12
C LEU A 120 -37.15 31.61 -10.98
N ARG A 121 -35.91 31.56 -11.46
CA ARG A 121 -35.36 30.37 -12.10
C ARG A 121 -34.28 29.77 -11.21
N ARG A 122 -34.17 28.45 -11.22
CA ARG A 122 -33.22 27.72 -10.38
C ARG A 122 -31.79 28.30 -10.42
N GLU A 123 -31.41 28.85 -11.57
CA GLU A 123 -30.07 29.34 -11.80
C GLU A 123 -29.83 30.75 -11.19
N GLN A 124 -30.87 31.37 -10.63
CA GLN A 124 -30.80 32.75 -10.13
C GLN A 124 -30.94 32.90 -8.61
N PHE A 125 -31.48 31.89 -7.92
CA PHE A 125 -31.66 31.91 -6.46
C PHE A 125 -30.61 32.76 -5.69
N GLN A 126 -29.39 32.22 -5.70
CA GLN A 126 -28.26 32.80 -4.99
C GLN A 126 -28.03 34.27 -5.35
N ASP A 127 -28.31 34.61 -6.60
CA ASP A 127 -28.33 36.00 -7.06
C ASP A 127 -29.28 36.84 -6.22
N CYS A 128 -30.55 36.43 -6.16
CA CYS A 128 -31.62 37.23 -5.55
C CYS A 128 -31.98 36.84 -4.11
N PHE A 129 -31.14 36.08 -3.43
CA PHE A 129 -31.33 35.88 -1.98
C PHE A 129 -30.09 36.27 -1.17
N SER A 130 -30.24 36.45 0.14
CA SER A 130 -29.05 36.46 1.02
C SER A 130 -29.17 35.56 2.26
N TYR A 131 -28.05 34.95 2.65
CA TYR A 131 -28.08 33.84 3.61
C TYR A 131 -27.21 33.99 4.84
N VAL A 132 -27.82 33.76 6.00
CA VAL A 132 -27.11 33.80 7.27
C VAL A 132 -27.28 32.48 8.00
N LEU A 133 -26.13 31.83 8.17
CA LEU A 133 -26.05 30.45 8.58
C LEU A 133 -26.39 30.32 10.06
N GLN A 134 -26.46 29.08 10.54
CA GLN A 134 -26.78 28.76 11.95
C GLN A 134 -25.70 29.26 12.93
N SER A 135 -24.47 29.29 12.41
CA SER A 135 -23.31 29.78 13.12
C SER A 135 -22.63 30.84 12.26
N ASP A 136 -21.54 31.38 12.78
CA ASP A 136 -20.90 32.51 12.14
C ASP A 136 -19.42 32.53 12.48
N THR A 137 -18.71 31.55 11.95
CA THR A 137 -17.27 31.48 12.14
C THR A 137 -16.58 32.60 11.37
N LEU A 138 -15.62 33.24 12.03
CA LEU A 138 -14.88 34.36 11.47
C LEU A 138 -13.42 34.30 11.93
N LEU A 139 -12.53 34.82 11.10
CA LEU A 139 -11.10 34.63 11.29
C LEU A 139 -10.62 35.34 12.54
N SER A 140 -10.21 34.55 13.54
CA SER A 140 -10.11 35.01 14.93
C SER A 140 -9.05 36.09 15.25
N SER A 141 -8.15 36.38 14.31
CA SER A 141 -7.01 37.27 14.57
C SER A 141 -7.01 38.57 13.73
N LEU A 142 -8.18 38.93 13.23
CA LEU A 142 -8.35 40.17 12.48
C LEU A 142 -9.22 41.16 13.27
N THR A 143 -9.51 42.31 12.67
CA THR A 143 -10.45 43.25 13.26
C THR A 143 -11.73 43.18 12.49
N VAL A 144 -12.82 43.61 13.12
CA VAL A 144 -14.12 43.61 12.44
C VAL A 144 -13.97 44.33 11.09
N ARG A 145 -13.48 45.57 11.16
CA ARG A 145 -13.31 46.36 9.95
C ARG A 145 -12.41 45.64 8.95
N GLU A 146 -11.45 44.84 9.40
CA GLU A 146 -10.60 44.13 8.46
C GLU A 146 -11.36 42.97 7.81
N THR A 147 -11.98 42.10 8.61
CA THR A 147 -12.75 40.98 8.06
C THR A 147 -13.74 41.54 7.06
N LEU A 148 -14.41 42.63 7.46
CA LEU A 148 -15.41 43.26 6.57
C LEU A 148 -14.76 43.88 5.33
N HIS A 149 -13.60 44.53 5.51
CA HIS A 149 -12.82 45.08 4.40
C HIS A 149 -12.47 44.00 3.40
N TYR A 150 -12.12 42.80 3.88
CA TYR A 150 -11.75 41.69 3.00
C TYR A 150 -12.95 41.06 2.36
N THR A 151 -14.01 40.77 3.13
CA THR A 151 -15.26 40.29 2.51
C THR A 151 -15.77 41.27 1.46
N ALA A 152 -15.67 42.56 1.74
CA ALA A 152 -16.18 43.53 0.80
C ALA A 152 -15.28 43.65 -0.43
N LEU A 153 -14.01 43.91 -0.15
CA LEU A 153 -12.97 44.06 -1.16
C LEU A 153 -12.98 42.84 -2.06
N LEU A 154 -13.32 41.68 -1.51
CA LEU A 154 -13.43 40.46 -2.30
C LEU A 154 -14.73 40.40 -3.11
N ALA A 155 -15.83 40.83 -2.49
CA ALA A 155 -17.13 40.73 -3.12
C ALA A 155 -17.34 41.74 -4.24
N ILE A 156 -16.68 42.91 -4.18
CA ILE A 156 -17.02 43.97 -5.16
C ILE A 156 -15.80 44.73 -5.71
N ARG A 157 -15.89 45.15 -6.98
CA ARG A 157 -14.83 45.93 -7.65
C ARG A 157 -15.30 47.37 -7.95
N ARG A 158 -14.84 48.37 -7.18
CA ARG A 158 -15.26 49.79 -7.35
C ARG A 158 -14.15 50.83 -7.01
N GLY A 159 -14.47 51.83 -6.16
CA GLY A 159 -13.66 53.06 -6.02
C GLY A 159 -12.18 52.89 -5.69
N ASN A 160 -11.91 52.45 -4.46
CA ASN A 160 -10.54 52.09 -4.02
C ASN A 160 -10.51 51.42 -2.61
N PRO A 161 -9.40 50.71 -2.28
CA PRO A 161 -9.17 50.13 -0.93
C PRO A 161 -9.29 51.13 0.23
N GLY A 162 -9.40 52.42 -0.08
CA GLY A 162 -9.80 53.45 0.88
C GLY A 162 -11.31 53.59 0.95
N SER A 163 -11.96 53.75 -0.20
CA SER A 163 -13.41 53.98 -0.27
C SER A 163 -14.20 52.76 0.17
N PHE A 164 -13.74 51.58 -0.22
CA PHE A 164 -14.32 50.35 0.29
C PHE A 164 -14.66 50.45 1.78
N GLN A 165 -13.65 50.79 2.57
CA GLN A 165 -13.81 50.92 4.03
C GLN A 165 -14.95 51.87 4.34
N LYS A 166 -15.03 53.01 3.65
CA LYS A 166 -16.16 53.93 3.83
C LYS A 166 -17.51 53.22 3.61
N LYS A 167 -17.63 52.37 2.61
CA LYS A 167 -18.85 51.55 2.47
C LYS A 167 -19.00 50.69 3.73
N VAL A 168 -17.91 50.04 4.11
CA VAL A 168 -17.93 49.22 5.32
C VAL A 168 -18.57 50.00 6.49
N GLU A 169 -18.12 51.24 6.67
CA GLU A 169 -18.58 52.13 7.75
C GLU A 169 -20.10 52.20 7.80
N ALA A 170 -20.74 52.23 6.61
CA ALA A 170 -22.21 52.36 6.54
C ALA A 170 -22.85 51.13 7.10
N VAL A 171 -22.19 50.01 6.89
CA VAL A 171 -22.66 48.71 7.32
C VAL A 171 -22.44 48.57 8.83
N MET A 172 -21.21 48.82 9.27
CA MET A 172 -20.88 48.78 10.71
C MET A 172 -21.76 49.70 11.55
N ALA A 173 -21.83 50.96 11.11
CA ALA A 173 -22.68 51.92 11.76
C ALA A 173 -24.19 51.63 11.55
N GLU A 174 -24.61 51.05 10.41
CA GLU A 174 -26.03 50.63 10.26
C GLU A 174 -26.38 49.46 11.19
N LEU A 175 -25.40 48.63 11.50
CA LEU A 175 -25.60 47.54 12.44
C LEU A 175 -25.21 47.91 13.88
N SER A 176 -24.69 49.10 14.10
CA SER A 176 -24.30 49.53 15.44
C SER A 176 -23.21 48.61 16.00
N LEU A 177 -22.10 48.56 15.25
CA LEU A 177 -20.88 47.92 15.77
C LEU A 177 -19.61 48.74 15.46
N SER A 178 -19.79 49.89 14.82
CA SER A 178 -18.74 50.89 14.64
C SER A 178 -17.84 50.97 15.89
N HIS A 179 -18.48 50.99 17.05
CA HIS A 179 -17.77 51.15 18.31
C HIS A 179 -16.73 50.05 18.63
N VAL A 180 -16.84 48.86 18.04
CA VAL A 180 -15.77 47.84 18.22
C VAL A 180 -14.97 47.65 16.94
N ALA A 181 -15.35 48.44 15.93
CA ALA A 181 -14.89 48.25 14.56
C ALA A 181 -13.46 47.73 14.42
N ASP A 182 -12.54 48.40 15.09
CA ASP A 182 -11.13 48.14 14.91
C ASP A 182 -10.54 47.48 16.13
N ARG A 183 -11.24 46.51 16.71
CA ARG A 183 -10.60 45.65 17.73
C ARG A 183 -10.42 44.23 17.24
N LEU A 184 -9.47 43.55 17.87
CA LEU A 184 -9.33 42.10 17.83
C LEU A 184 -10.72 41.47 17.86
N ILE A 185 -11.14 40.89 16.74
CA ILE A 185 -12.43 40.19 16.66
C ILE A 185 -12.50 39.13 17.76
N GLY A 186 -11.49 38.27 17.80
CA GLY A 186 -11.37 37.18 18.74
C GLY A 186 -12.24 35.96 18.50
N ASN A 187 -11.74 34.86 19.02
CA ASN A 187 -12.61 33.81 19.55
C ASN A 187 -13.15 34.37 20.85
N TYR A 188 -14.22 33.79 21.38
CA TYR A 188 -14.83 34.29 22.61
C TYR A 188 -13.84 34.22 23.75
N SER A 189 -13.03 33.16 23.74
CA SER A 189 -11.98 32.95 24.73
C SER A 189 -10.72 33.79 24.54
N LEU A 190 -10.28 33.97 23.31
CA LEU A 190 -9.00 34.70 23.11
C LEU A 190 -9.15 36.20 23.37
N GLY A 191 -10.12 36.85 22.74
CA GLY A 191 -10.09 38.32 22.55
C GLY A 191 -11.23 39.20 23.04
N GLY A 192 -12.43 38.64 23.17
CA GLY A 192 -13.53 39.40 23.74
C GLY A 192 -14.24 40.40 22.85
N ILE A 193 -14.39 40.08 21.56
CA ILE A 193 -15.54 40.57 20.80
C ILE A 193 -16.76 39.96 21.46
N SER A 194 -17.86 40.70 21.60
CA SER A 194 -19.00 40.16 22.33
C SER A 194 -19.59 38.97 21.57
N THR A 195 -19.78 37.85 22.26
CA THR A 195 -20.51 36.70 21.70
C THR A 195 -21.89 37.05 21.07
N GLY A 196 -22.49 38.14 21.52
CA GLY A 196 -23.61 38.73 20.79
C GLY A 196 -23.12 39.45 19.56
N GLU A 197 -22.18 40.36 19.77
CA GLU A 197 -21.66 41.24 18.70
C GLU A 197 -21.17 40.47 17.46
N ARG A 198 -20.40 39.42 17.69
CA ARG A 198 -19.88 38.66 16.57
C ARG A 198 -21.04 38.31 15.63
N ARG A 199 -22.14 37.80 16.17
CA ARG A 199 -23.29 37.42 15.34
C ARG A 199 -23.58 38.58 14.45
N ARG A 200 -23.73 39.73 15.09
CA ARG A 200 -23.94 40.96 14.39
C ARG A 200 -23.01 41.12 13.19
N VAL A 201 -21.69 41.07 13.40
CA VAL A 201 -20.82 41.27 12.24
C VAL A 201 -21.17 40.31 11.11
N SER A 202 -21.39 39.04 11.43
CA SER A 202 -21.66 38.07 10.37
C SER A 202 -22.72 38.64 9.46
N ILE A 203 -23.71 39.30 10.05
CA ILE A 203 -24.81 39.82 9.27
C ILE A 203 -24.25 40.90 8.35
N ALA A 204 -23.43 41.77 8.91
CA ALA A 204 -22.77 42.83 8.15
C ALA A 204 -22.25 42.37 6.80
N ALA A 205 -21.52 41.26 6.79
CA ALA A 205 -20.94 40.71 5.56
C ALA A 205 -21.99 40.48 4.47
N GLN A 206 -23.20 40.09 4.86
CA GLN A 206 -24.24 39.92 3.84
C GLN A 206 -24.72 41.31 3.33
N LEU A 207 -24.68 42.33 4.17
CA LEU A 207 -25.27 43.60 3.80
C LEU A 207 -24.38 44.36 2.82
N LEU A 208 -23.08 44.04 2.79
CA LEU A 208 -22.19 44.59 1.77
C LEU A 208 -22.69 44.23 0.36
N GLN A 209 -23.50 43.17 0.28
CA GLN A 209 -24.01 42.75 -1.01
C GLN A 209 -25.24 43.59 -1.39
N ASP A 210 -25.81 44.26 -0.39
CA ASP A 210 -26.96 45.15 -0.56
C ASP A 210 -28.22 44.40 -1.01
N PRO A 211 -28.50 43.22 -0.41
CA PRO A 211 -29.73 42.48 -0.72
C PRO A 211 -30.91 43.18 -0.10
N LYS A 212 -32.11 42.84 -0.55
CA LYS A 212 -33.32 43.30 0.12
C LYS A 212 -34.20 42.10 0.50
N VAL A 213 -33.57 40.93 0.50
CA VAL A 213 -34.25 39.69 0.85
C VAL A 213 -33.27 38.72 1.51
N MET A 214 -33.58 38.44 2.78
CA MET A 214 -32.63 37.84 3.69
C MET A 214 -33.23 36.70 4.48
N LEU A 215 -32.40 35.67 4.59
CA LEU A 215 -32.79 34.38 5.10
C LEU A 215 -31.82 34.06 6.22
N PHE A 216 -32.35 33.82 7.42
CA PHE A 216 -31.55 33.57 8.63
C PHE A 216 -31.89 32.23 9.27
N ASP A 217 -30.89 31.38 9.47
CA ASP A 217 -31.15 30.03 10.03
C ASP A 217 -30.96 30.03 11.54
N GLU A 218 -32.01 29.61 12.28
CA GLU A 218 -31.95 29.40 13.76
C GLU A 218 -31.24 30.53 14.58
N PRO A 219 -31.33 31.80 14.12
CA PRO A 219 -30.41 32.85 14.60
C PRO A 219 -30.55 33.34 16.05
N THR A 220 -31.62 32.96 16.75
CA THR A 220 -31.69 33.16 18.20
C THR A 220 -30.80 32.15 18.89
N THR A 221 -30.79 30.93 18.37
CA THR A 221 -30.20 29.78 19.06
C THR A 221 -28.74 30.01 19.44
N GLY A 222 -28.37 29.53 20.62
CA GLY A 222 -27.02 29.71 21.13
C GLY A 222 -26.75 31.13 21.60
N LEU A 223 -27.63 31.64 22.47
CA LEU A 223 -27.47 32.96 23.07
C LEU A 223 -28.18 32.98 24.44
N ASP A 224 -28.44 34.18 24.96
CA ASP A 224 -28.99 34.35 26.30
C ASP A 224 -30.15 35.35 26.32
N CYS A 225 -30.90 35.28 27.42
CA CYS A 225 -32.04 36.15 27.70
C CYS A 225 -31.92 37.50 27.04
N MET A 226 -30.85 38.22 27.43
CA MET A 226 -30.57 39.58 26.98
C MET A 226 -30.31 39.56 25.48
N THR A 227 -29.34 38.75 25.07
CA THR A 227 -28.75 38.89 23.74
C THR A 227 -29.72 38.48 22.65
N ALA A 228 -30.32 37.31 22.81
CA ALA A 228 -31.27 36.80 21.82
C ALA A 228 -32.17 37.92 21.29
N ASN A 229 -32.94 38.48 22.21
CA ASN A 229 -33.84 39.59 21.90
C ASN A 229 -33.11 40.69 21.13
N GLN A 230 -31.97 41.13 21.70
CA GLN A 230 -31.18 42.18 21.06
C GLN A 230 -30.95 41.85 19.58
N ILE A 231 -30.70 40.57 19.27
CA ILE A 231 -30.47 40.16 17.90
C ILE A 231 -31.77 40.21 17.13
N VAL A 232 -32.82 39.60 17.71
CA VAL A 232 -34.12 39.61 17.03
C VAL A 232 -34.47 41.02 16.58
N VAL A 233 -34.46 41.95 17.54
CA VAL A 233 -34.67 43.36 17.21
C VAL A 233 -34.06 43.69 15.84
N LEU A 234 -32.74 43.43 15.72
CA LEU A 234 -31.98 43.95 14.59
C LEU A 234 -32.49 43.37 13.31
N LEU A 235 -32.97 42.13 13.37
CA LEU A 235 -33.63 41.55 12.22
C LEU A 235 -34.80 42.46 11.82
N VAL A 236 -35.70 42.62 12.76
CA VAL A 236 -36.89 43.43 12.55
C VAL A 236 -36.48 44.81 11.98
N GLU A 237 -35.46 45.46 12.55
CA GLU A 237 -35.06 46.78 12.03
C GLU A 237 -34.72 46.68 10.55
N LEU A 238 -33.98 45.63 10.19
CA LEU A 238 -33.62 45.45 8.79
C LEU A 238 -34.90 45.46 7.97
N ALA A 239 -35.92 44.76 8.47
CA ALA A 239 -37.26 44.82 7.88
C ALA A 239 -37.80 46.24 7.82
N ARG A 240 -37.60 47.01 8.87
CA ARG A 240 -37.91 48.44 8.81
C ARG A 240 -37.23 49.10 7.62
N ARG A 241 -35.97 48.75 7.35
CA ARG A 241 -35.25 49.34 6.22
C ARG A 241 -35.62 48.74 4.84
N ASN A 242 -36.91 48.39 4.66
CA ASN A 242 -37.46 47.90 3.39
C ASN A 242 -36.78 46.63 2.94
N ARG A 243 -36.87 45.60 3.77
CA ARG A 243 -36.26 44.30 3.46
C ARG A 243 -37.23 43.17 3.69
N ILE A 244 -36.89 42.00 3.17
CA ILE A 244 -37.63 40.80 3.49
C ILE A 244 -36.77 39.94 4.41
N VAL A 245 -37.41 39.35 5.41
CA VAL A 245 -36.73 38.68 6.51
C VAL A 245 -37.37 37.33 6.73
N VAL A 246 -36.59 36.25 6.63
CA VAL A 246 -37.14 34.91 6.94
C VAL A 246 -36.32 34.18 8.00
N LEU A 247 -37.02 33.63 8.99
CA LEU A 247 -36.39 33.00 10.15
C LEU A 247 -36.83 31.55 10.33
N THR A 248 -35.92 30.73 10.84
CA THR A 248 -36.30 29.41 11.35
C THR A 248 -35.88 29.42 12.80
N ILE A 249 -36.85 29.45 13.72
CA ILE A 249 -36.54 29.68 15.14
C ILE A 249 -36.83 28.44 15.98
N HIS A 250 -35.80 27.84 16.56
CA HIS A 250 -36.01 26.65 17.39
C HIS A 250 -36.74 26.92 18.71
N GLN A 251 -36.07 27.43 19.74
CA GLN A 251 -36.74 27.61 21.04
C GLN A 251 -36.75 29.03 21.58
N PRO A 252 -37.66 29.84 21.04
CA PRO A 252 -37.79 31.20 21.50
C PRO A 252 -38.84 31.30 22.57
N ARG A 253 -38.94 32.50 23.12
CA ARG A 253 -39.78 32.80 24.26
C ARG A 253 -41.23 33.12 23.87
N SER A 254 -42.01 33.38 24.91
CA SER A 254 -43.42 33.71 24.80
C SER A 254 -43.61 35.19 24.53
N GLU A 255 -42.57 35.97 24.82
CA GLU A 255 -42.62 37.41 24.68
C GLU A 255 -42.63 37.78 23.21
N LEU A 256 -41.97 36.96 22.39
CA LEU A 256 -41.61 37.32 21.03
C LEU A 256 -42.66 36.90 20.05
N PHE A 257 -43.48 35.94 20.46
CA PHE A 257 -44.66 35.56 19.70
C PHE A 257 -45.31 36.77 19.04
N GLN A 258 -45.49 37.82 19.83
CA GLN A 258 -46.21 39.03 19.42
C GLN A 258 -45.38 40.02 18.58
N LEU A 259 -44.20 39.62 18.06
CA LEU A 259 -43.37 40.56 17.30
C LEU A 259 -43.29 40.26 15.81
N PHE A 260 -44.16 39.38 15.33
CA PHE A 260 -44.00 38.84 13.98
C PHE A 260 -45.15 39.17 13.02
N ASP A 261 -44.90 39.96 11.96
CA ASP A 261 -45.82 40.05 10.81
C ASP A 261 -46.38 38.69 10.41
N LYS A 262 -45.52 37.74 10.03
CA LYS A 262 -46.05 36.43 9.60
C LYS A 262 -45.39 35.19 10.22
N ILE A 263 -46.12 34.49 11.09
CA ILE A 263 -45.69 33.21 11.68
C ILE A 263 -46.31 32.00 10.95
N ALA A 264 -45.48 30.97 10.70
CA ALA A 264 -45.92 29.80 9.90
C ALA A 264 -45.29 28.45 10.27
N ILE A 265 -46.12 27.40 10.35
CA ILE A 265 -45.70 26.10 10.89
C ILE A 265 -45.52 24.99 9.84
N LEU A 266 -44.42 24.25 9.98
CA LEU A 266 -44.14 23.04 9.17
C LEU A 266 -44.08 21.79 10.04
N SER A 267 -44.67 20.70 9.55
CA SER A 267 -44.55 19.41 10.21
C SER A 267 -44.19 18.34 9.19
N PHE A 268 -43.02 17.74 9.37
CA PHE A 268 -42.56 16.68 8.49
C PHE A 268 -42.62 17.19 7.05
N GLY A 269 -42.06 18.37 6.84
CA GLY A 269 -42.10 19.00 5.52
C GLY A 269 -43.45 19.30 4.92
N GLU A 270 -44.53 18.97 5.64
CA GLU A 270 -45.89 19.38 5.27
C GLU A 270 -46.20 20.73 5.89
N LEU A 271 -46.73 21.64 5.08
CA LEU A 271 -47.11 22.99 5.53
C LEU A 271 -48.38 22.96 6.35
N ILE A 272 -48.46 23.84 7.35
CA ILE A 272 -49.70 24.04 8.11
C ILE A 272 -50.03 25.57 8.08
N PHE A 273 -50.19 26.20 9.25
CA PHE A 273 -50.71 27.56 9.30
C PHE A 273 -49.63 28.54 8.85
N CYS A 274 -50.06 29.66 8.28
CA CYS A 274 -49.21 30.82 8.02
C CYS A 274 -50.06 32.05 8.29
N GLY A 275 -49.55 33.05 9.03
CA GLY A 275 -50.29 34.33 9.20
C GLY A 275 -49.90 35.24 10.36
N THR A 276 -50.76 36.22 10.67
CA THR A 276 -50.56 37.12 11.82
C THR A 276 -50.73 36.32 13.10
N PRO A 277 -49.91 36.59 14.14
CA PRO A 277 -50.14 35.96 15.42
C PRO A 277 -51.62 36.00 15.84
N ALA A 278 -52.20 37.19 15.90
CA ALA A 278 -53.62 37.32 16.16
C ALA A 278 -54.39 36.35 15.27
N GLU A 279 -54.12 36.43 13.97
CA GLU A 279 -54.73 35.54 12.97
C GLU A 279 -54.65 34.06 13.35
N MET A 280 -53.52 33.63 13.93
CA MET A 280 -53.34 32.24 14.39
C MET A 280 -54.20 32.01 15.63
N LEU A 281 -54.07 32.92 16.60
CA LEU A 281 -54.85 32.87 17.83
C LEU A 281 -56.34 32.74 17.54
N ASP A 282 -56.81 33.34 16.42
CA ASP A 282 -58.18 33.09 15.93
C ASP A 282 -58.35 31.77 15.17
N PHE A 283 -57.66 31.65 14.04
CA PHE A 283 -57.95 30.57 13.09
C PHE A 283 -57.64 29.19 13.69
N PHE A 284 -56.67 29.09 14.61
CA PHE A 284 -56.45 27.83 15.31
C PHE A 284 -57.64 27.46 16.22
N ASN A 285 -58.32 28.48 16.74
CA ASN A 285 -59.59 28.27 17.46
C ASN A 285 -60.75 28.11 16.48
N ASP A 286 -60.54 28.50 15.21
CA ASP A 286 -61.46 28.10 14.13
C ASP A 286 -61.30 26.59 13.89
N CYS A 287 -60.07 26.08 14.07
CA CYS A 287 -59.81 24.64 14.04
C CYS A 287 -60.10 23.94 15.39
N GLY A 288 -60.27 24.74 16.43
CA GLY A 288 -60.62 24.26 17.77
C GLY A 288 -59.35 24.37 18.60
N TYR A 289 -59.29 23.69 19.72
CA TYR A 289 -58.09 23.72 20.55
C TYR A 289 -57.51 25.17 20.82
N PRO A 290 -58.27 26.04 21.50
CA PRO A 290 -57.67 27.31 21.96
C PRO A 290 -56.59 27.14 23.05
N CYS A 291 -55.53 27.95 22.97
CA CYS A 291 -54.37 27.81 23.86
C CYS A 291 -54.54 28.69 25.09
N PRO A 292 -54.57 28.09 26.29
CA PRO A 292 -54.86 28.93 27.44
C PRO A 292 -53.72 29.88 27.75
N GLU A 293 -54.00 30.88 28.57
CA GLU A 293 -52.96 31.61 29.25
C GLU A 293 -52.21 30.63 30.16
N HIS A 294 -50.93 30.93 30.40
CA HIS A 294 -50.00 30.01 31.08
C HIS A 294 -49.72 28.74 30.26
N SER A 295 -49.58 28.95 28.95
CA SER A 295 -49.23 27.88 28.01
C SER A 295 -48.14 28.21 26.97
N ASN A 296 -47.74 29.48 26.85
CA ASN A 296 -46.81 29.93 25.79
C ASN A 296 -47.37 29.79 24.37
N PRO A 297 -48.20 30.77 23.91
CA PRO A 297 -48.96 30.55 22.67
C PRO A 297 -48.07 30.07 21.54
N PHE A 298 -46.91 30.67 21.43
CA PHE A 298 -45.93 30.35 20.42
C PHE A 298 -45.52 28.88 20.41
N ASP A 299 -45.26 28.34 21.61
CA ASP A 299 -44.82 26.96 21.83
C ASP A 299 -45.99 25.98 21.80
N PHE A 300 -47.03 26.24 22.59
CA PHE A 300 -48.20 25.33 22.67
C PHE A 300 -48.65 24.93 21.27
N TYR A 301 -49.06 25.91 20.47
CA TYR A 301 -49.42 25.65 19.08
C TYR A 301 -48.55 24.59 18.40
N MET A 302 -47.23 24.65 18.57
CA MET A 302 -46.34 23.64 17.95
C MET A 302 -46.56 22.22 18.47
N ASP A 303 -46.72 22.09 19.79
CA ASP A 303 -46.94 20.78 20.44
C ASP A 303 -48.05 20.05 19.68
N LEU A 304 -49.17 20.73 19.49
CA LEU A 304 -50.28 20.19 18.70
C LEU A 304 -49.92 19.92 17.25
N THR A 305 -49.15 20.85 16.68
CA THR A 305 -48.76 20.78 15.29
C THR A 305 -47.91 19.55 14.91
N SER A 306 -47.14 18.98 15.85
CA SER A 306 -46.31 17.81 15.50
C SER A 306 -46.68 16.47 16.14
N VAL A 307 -46.76 15.46 15.29
CA VAL A 307 -46.97 14.07 15.68
C VAL A 307 -45.70 13.63 16.39
N ASP A 308 -45.84 12.78 17.40
CA ASP A 308 -44.72 11.95 17.83
C ASP A 308 -45.03 10.67 18.62
N THR A 309 -43.96 9.92 18.85
CA THR A 309 -43.97 8.48 18.91
C THR A 309 -43.63 7.80 20.25
N GLN A 310 -44.09 8.35 21.37
CA GLN A 310 -43.84 7.66 22.66
C GLN A 310 -44.50 6.27 22.71
N SER A 311 -45.51 6.05 21.87
CA SER A 311 -46.00 4.71 21.58
C SER A 311 -46.70 4.70 20.22
N LYS A 312 -47.18 3.53 19.83
CA LYS A 312 -47.93 3.41 18.59
C LYS A 312 -49.27 4.15 18.77
N GLU A 313 -49.84 4.02 19.96
CA GLU A 313 -51.07 4.71 20.38
C GLU A 313 -50.98 6.24 20.29
N ARG A 314 -50.05 6.82 21.06
CA ARG A 314 -49.79 8.27 20.98
C ARG A 314 -49.46 8.62 19.52
N GLU A 315 -48.62 7.79 18.89
CA GLU A 315 -48.19 8.03 17.52
C GLU A 315 -49.32 8.17 16.48
N ILE A 316 -50.05 7.10 16.19
CA ILE A 316 -51.06 7.12 15.12
C ILE A 316 -52.07 8.23 15.41
N GLU A 317 -52.67 8.19 16.60
CA GLU A 317 -53.69 9.18 17.00
C GLU A 317 -53.32 10.60 16.56
N THR A 318 -52.12 11.02 16.96
CA THR A 318 -51.68 12.40 16.76
C THR A 318 -51.55 12.74 15.25
N SER A 319 -50.95 11.82 14.48
CA SER A 319 -50.75 12.08 13.04
C SER A 319 -52.08 12.42 12.41
N LYS A 320 -53.15 11.72 12.82
CA LYS A 320 -54.50 12.04 12.36
C LYS A 320 -54.87 13.48 12.71
N ARG A 321 -54.66 13.85 13.99
CA ARG A 321 -54.90 15.22 14.44
C ARG A 321 -54.19 16.20 13.52
N VAL A 322 -52.86 16.12 13.46
CA VAL A 322 -52.13 17.07 12.59
C VAL A 322 -52.64 17.02 11.14
N GLN A 323 -53.04 15.85 10.65
CA GLN A 323 -53.64 15.82 9.31
C GLN A 323 -54.89 16.73 9.31
N MET A 324 -55.81 16.49 10.25
CA MET A 324 -57.10 17.22 10.24
C MET A 324 -56.88 18.73 10.43
N ILE A 325 -55.97 19.07 11.35
CA ILE A 325 -55.54 20.47 11.56
C ILE A 325 -54.91 21.04 10.27
N GLU A 326 -54.21 20.20 9.50
CA GLU A 326 -53.62 20.65 8.23
C GLU A 326 -54.72 20.94 7.23
N SER A 327 -55.50 19.91 6.89
CA SER A 327 -56.59 20.07 5.93
C SER A 327 -57.46 21.28 6.31
N ALA A 328 -57.82 21.33 7.59
CA ALA A 328 -58.63 22.43 8.14
C ALA A 328 -58.31 23.76 7.49
N TYR A 329 -57.08 24.26 7.64
CA TYR A 329 -56.79 25.50 6.94
C TYR A 329 -56.04 25.32 5.60
N LYS A 330 -55.79 24.09 5.15
CA LYS A 330 -55.51 23.84 3.72
C LYS A 330 -56.70 24.26 2.88
N LYS A 331 -57.90 24.03 3.40
CA LYS A 331 -59.11 24.53 2.73
C LYS A 331 -59.36 26.03 3.00
N SER A 332 -59.16 26.47 4.24
CA SER A 332 -59.66 27.77 4.74
C SER A 332 -59.43 29.05 3.93
N ALA A 333 -60.38 29.97 4.14
CA ALA A 333 -60.38 31.29 3.55
C ALA A 333 -58.98 31.87 3.53
N ILE A 334 -58.37 31.96 4.71
CA ILE A 334 -57.04 32.57 4.79
C ILE A 334 -56.07 31.93 3.81
N CYS A 335 -56.07 30.60 3.77
CA CYS A 335 -55.13 29.88 2.91
C CYS A 335 -55.47 30.09 1.46
N HIS A 336 -56.75 30.37 1.17
CA HIS A 336 -57.06 30.86 -0.16
C HIS A 336 -56.35 32.20 -0.26
N LYS A 337 -56.67 33.12 0.65
CA LYS A 337 -56.27 34.51 0.53
C LYS A 337 -54.78 34.63 0.25
N THR A 338 -53.97 34.11 1.17
CA THR A 338 -52.51 34.17 1.06
C THR A 338 -52.13 33.76 -0.39
N LEU A 339 -52.66 32.63 -0.85
CA LEU A 339 -52.36 32.13 -2.20
C LEU A 339 -52.66 33.23 -3.24
N LYS A 340 -53.88 33.75 -3.16
CA LYS A 340 -54.29 34.80 -4.09
C LYS A 340 -53.29 35.94 -4.08
N ASN A 341 -52.71 36.27 -2.92
CA ASN A 341 -51.78 37.38 -2.90
C ASN A 341 -50.54 37.06 -3.73
N ILE A 342 -50.07 35.80 -3.71
CA ILE A 342 -48.96 35.42 -4.58
C ILE A 342 -49.43 35.39 -6.02
N GLU A 343 -50.72 35.08 -6.23
CA GLU A 343 -51.25 35.24 -7.58
C GLU A 343 -51.40 36.74 -7.92
N ARG A 344 -51.49 37.61 -6.89
CA ARG A 344 -51.75 39.04 -7.12
C ARG A 344 -50.54 39.69 -7.81
N MET A 345 -49.37 39.38 -7.30
CA MET A 345 -48.18 40.12 -7.69
C MET A 345 -47.83 39.97 -9.18
N LYS A 346 -47.89 38.75 -9.69
CA LYS A 346 -47.81 38.57 -11.15
C LYS A 346 -48.93 39.36 -11.85
N HIS A 347 -50.13 39.26 -11.30
CA HIS A 347 -51.32 39.77 -11.99
C HIS A 347 -51.24 41.28 -12.09
N LEU A 348 -50.85 41.90 -10.98
CA LEU A 348 -50.57 43.31 -10.92
C LEU A 348 -49.16 43.54 -11.46
N LYS A 349 -48.91 44.69 -12.07
CA LYS A 349 -47.57 45.27 -11.96
C LYS A 349 -47.70 46.58 -11.18
N THR A 350 -46.89 46.73 -10.14
CA THR A 350 -46.98 47.84 -9.18
C THR A 350 -45.65 48.58 -9.09
N LEU A 351 -45.52 49.48 -8.12
CA LEU A 351 -44.37 50.39 -8.04
C LEU A 351 -43.02 49.65 -7.89
N PRO A 352 -42.90 48.75 -6.90
CA PRO A 352 -41.62 48.06 -6.77
C PRO A 352 -41.20 47.39 -8.07
N MET A 353 -42.05 46.50 -8.58
CA MET A 353 -41.85 45.85 -9.90
C MET A 353 -40.37 45.52 -10.20
N VAL A 354 -39.64 45.08 -9.18
CA VAL A 354 -38.21 44.78 -9.33
C VAL A 354 -37.69 43.75 -8.31
N PRO A 355 -36.69 42.95 -8.72
CA PRO A 355 -35.78 42.24 -7.82
C PRO A 355 -34.43 42.96 -7.75
N PHE A 356 -33.53 42.49 -6.89
CA PHE A 356 -32.23 43.16 -6.67
C PHE A 356 -31.27 42.31 -5.80
N LYS A 357 -29.99 42.39 -6.15
CA LYS A 357 -28.85 41.80 -5.42
C LYS A 357 -27.61 42.01 -6.37
N THR A 358 -26.38 41.83 -5.86
CA THR A 358 -25.07 42.43 -6.35
C THR A 358 -24.71 42.28 -7.86
N LYS A 359 -23.68 42.99 -8.31
CA LYS A 359 -23.26 43.04 -9.73
C LYS A 359 -21.96 42.28 -10.12
N ASP A 360 -20.80 42.93 -10.03
CA ASP A 360 -19.55 42.34 -10.52
C ASP A 360 -18.55 42.10 -9.39
N SER A 361 -18.09 40.86 -9.22
CA SER A 361 -17.07 40.51 -8.23
C SER A 361 -15.88 39.79 -8.88
N PRO A 362 -15.26 40.46 -9.85
CA PRO A 362 -14.63 39.70 -10.90
C PRO A 362 -13.18 39.35 -10.57
N GLY A 363 -12.30 39.54 -11.56
CA GLY A 363 -10.94 38.97 -11.67
C GLY A 363 -10.47 37.92 -10.68
N VAL A 364 -10.74 36.66 -11.02
CA VAL A 364 -10.28 35.51 -10.24
C VAL A 364 -8.76 35.62 -9.97
N PHE A 365 -8.03 35.98 -11.03
CA PHE A 365 -6.57 36.17 -11.01
C PHE A 365 -6.26 37.19 -9.90
N SER A 366 -7.07 38.24 -9.87
CA SER A 366 -6.93 39.26 -8.85
C SER A 366 -7.52 38.77 -7.53
N LYS A 367 -8.59 37.97 -7.60
CA LYS A 367 -9.41 37.72 -6.41
C LYS A 367 -8.60 37.14 -5.29
N LEU A 368 -7.92 36.02 -5.52
CA LEU A 368 -7.23 35.37 -4.42
C LEU A 368 -6.03 36.13 -3.92
N GLY A 369 -5.40 36.94 -4.77
CA GLY A 369 -4.38 37.87 -4.27
C GLY A 369 -4.82 38.49 -2.95
N VAL A 370 -6.08 38.94 -2.90
CA VAL A 370 -6.63 39.47 -1.64
C VAL A 370 -6.62 38.41 -0.55
N LEU A 371 -7.15 37.25 -0.90
CA LEU A 371 -7.31 36.16 0.02
C LEU A 371 -5.97 35.89 0.68
N LEU A 372 -4.90 35.94 -0.11
CA LEU A 372 -3.56 35.83 0.41
C LEU A 372 -3.30 36.91 1.43
N ARG A 373 -3.44 38.18 1.03
CA ARG A 373 -3.14 39.29 1.95
C ARG A 373 -3.87 39.10 3.27
N ARG A 374 -5.16 38.77 3.18
CA ARG A 374 -5.95 38.39 4.36
C ARG A 374 -5.24 37.30 5.16
N VAL A 375 -4.95 36.16 4.52
CA VAL A 375 -4.43 34.99 5.26
C VAL A 375 -3.11 35.26 5.91
N THR A 376 -2.16 35.78 5.14
CA THR A 376 -0.90 36.24 5.70
C THR A 376 -1.19 37.16 6.88
N ARG A 377 -2.20 38.02 6.76
CA ARG A 377 -2.48 38.98 7.84
C ARG A 377 -2.88 38.24 9.07
N ASN A 378 -3.86 37.36 8.92
CA ASN A 378 -4.24 36.45 9.97
C ASN A 378 -3.01 35.82 10.61
N LEU A 379 -2.37 34.96 9.84
CA LEU A 379 -1.26 34.17 10.34
C LEU A 379 -0.16 35.02 10.94
N VAL A 380 -0.01 36.27 10.52
CA VAL A 380 1.01 37.11 11.13
C VAL A 380 0.58 37.71 12.48
N ARG A 381 -0.70 37.98 12.68
CA ARG A 381 -1.12 38.70 13.89
C ARG A 381 -1.49 37.70 14.98
N ASN A 382 -0.71 36.63 15.07
CA ASN A 382 -1.01 35.49 15.90
C ASN A 382 0.32 34.98 16.40
N LYS A 383 0.85 35.68 17.40
CA LYS A 383 2.17 35.41 17.95
C LYS A 383 2.31 33.90 18.20
N LEU A 384 1.30 33.33 18.87
CA LEU A 384 1.16 31.89 19.09
C LEU A 384 1.84 31.14 17.93
N ALA A 385 1.28 31.35 16.75
CA ALA A 385 1.48 30.51 15.57
C ALA A 385 2.82 30.75 14.92
N VAL A 386 3.02 32.01 14.55
CA VAL A 386 4.10 32.38 13.69
C VAL A 386 5.37 31.78 14.26
N ILE A 387 5.62 32.10 15.53
CA ILE A 387 6.83 31.66 16.19
C ILE A 387 7.13 30.21 15.79
N THR A 388 6.14 29.34 15.93
CA THR A 388 6.38 27.94 15.67
C THR A 388 6.83 27.67 14.23
N ARG A 389 6.13 28.25 13.25
CA ARG A 389 6.44 27.95 11.80
C ARG A 389 7.91 28.05 11.53
N LEU A 390 8.42 29.17 12.02
CA LEU A 390 9.77 29.58 11.81
C LEU A 390 10.67 28.69 12.62
N LEU A 391 10.22 28.43 13.83
CA LEU A 391 11.17 28.04 14.80
C LEU A 391 11.30 26.57 14.97
N GLN A 392 10.19 25.84 14.98
CA GLN A 392 10.25 24.43 15.37
C GLN A 392 11.33 23.74 14.56
N ASN A 393 11.36 23.97 13.25
CA ASN A 393 12.32 23.26 12.46
C ASN A 393 13.64 23.29 13.21
N LEU A 394 14.09 24.49 13.57
CA LEU A 394 15.24 24.66 14.48
C LEU A 394 15.22 23.81 15.74
N ILE A 395 14.11 23.86 16.46
CA ILE A 395 13.93 23.00 17.61
C ILE A 395 14.39 21.59 17.24
N MET A 396 14.01 21.09 16.07
CA MET A 396 14.40 19.72 15.65
C MET A 396 15.90 19.59 15.75
N GLY A 397 16.59 20.55 15.14
CA GLY A 397 18.03 20.53 15.03
C GLY A 397 18.75 20.70 16.35
N LEU A 398 18.22 21.57 17.21
CA LEU A 398 18.74 21.67 18.56
C LEU A 398 18.55 20.32 19.25
N PHE A 399 17.31 19.88 19.34
CA PHE A 399 16.95 18.64 20.04
C PHE A 399 17.84 17.48 19.67
N LEU A 400 18.20 17.40 18.39
CA LEU A 400 19.19 16.42 17.93
C LEU A 400 20.56 16.80 18.43
N LEU A 401 20.95 18.03 18.10
CA LEU A 401 22.27 18.56 18.40
C LEU A 401 22.67 18.21 19.81
N PHE A 402 21.69 18.27 20.70
CA PHE A 402 21.84 17.99 22.12
C PHE A 402 22.25 16.56 22.45
N PHE A 403 21.63 15.58 21.79
CA PHE A 403 22.07 14.19 21.89
C PHE A 403 23.37 13.98 21.11
N VAL A 404 23.36 14.34 19.83
CA VAL A 404 24.45 13.92 18.90
C VAL A 404 25.75 14.66 19.15
N LEU A 405 25.69 15.78 19.88
CA LEU A 405 26.84 16.67 20.03
C LEU A 405 27.28 17.17 18.61
N ARG A 406 28.57 17.24 18.30
CA ARG A 406 29.05 17.55 16.93
C ARG A 406 29.42 16.23 16.24
N VAL A 407 29.56 16.23 14.92
CA VAL A 407 29.94 15.01 14.19
C VAL A 407 31.37 14.61 14.49
N ARG A 408 31.53 13.66 15.40
CA ARG A 408 32.86 13.10 15.57
C ARG A 408 33.22 12.54 14.20
N SER A 409 34.32 13.03 13.64
CA SER A 409 34.78 12.55 12.35
C SER A 409 36.15 11.93 12.41
N ASN A 410 36.94 12.24 13.46
CA ASN A 410 38.30 11.71 13.60
C ASN A 410 38.21 10.20 13.37
N VAL A 411 37.72 9.49 14.38
CA VAL A 411 37.62 8.04 14.36
C VAL A 411 36.52 7.61 13.41
N LEU A 412 36.41 6.29 13.22
CA LEU A 412 35.25 5.72 12.55
C LEU A 412 34.26 5.27 13.61
N LYS A 413 34.73 5.19 14.87
CA LYS A 413 33.87 4.86 16.00
C LYS A 413 32.51 5.57 16.01
N GLY A 414 32.51 6.88 15.78
CA GLY A 414 31.28 7.66 15.69
C GLY A 414 31.19 8.54 14.47
N ALA A 415 31.54 8.04 13.28
CA ALA A 415 31.69 8.90 12.08
C ALA A 415 30.52 8.90 11.09
N ILE A 416 30.41 7.87 10.25
CA ILE A 416 29.33 7.83 9.22
C ILE A 416 28.01 7.64 9.96
N GLN A 417 28.06 6.82 11.02
CA GLN A 417 26.85 6.32 11.69
C GLN A 417 26.10 7.41 12.43
N ASP A 418 26.83 8.40 12.93
CA ASP A 418 26.19 9.58 13.52
C ASP A 418 25.54 10.45 12.44
N ARG A 419 26.05 10.38 11.21
CA ARG A 419 25.58 11.31 10.16
C ARG A 419 24.39 10.74 9.46
N VAL A 420 24.52 9.48 9.08
CA VAL A 420 23.40 8.72 8.55
C VAL A 420 22.15 9.05 9.39
N GLY A 421 22.22 8.83 10.70
CA GLY A 421 21.08 9.02 11.58
C GLY A 421 20.59 10.46 11.50
N LEU A 422 21.54 11.39 11.40
CA LEU A 422 21.26 12.82 11.37
C LEU A 422 20.45 13.20 10.13
N LEU A 423 21.01 12.89 8.97
CA LEU A 423 20.34 13.15 7.71
C LEU A 423 18.97 12.47 7.75
N TYR A 424 18.99 11.16 8.06
CA TYR A 424 17.75 10.39 8.20
C TYR A 424 16.70 11.21 8.95
N GLN A 425 17.02 11.55 10.20
CA GLN A 425 16.07 12.30 11.01
C GLN A 425 15.64 13.58 10.29
N PHE A 426 16.58 14.33 9.71
CA PHE A 426 16.15 15.56 9.04
C PHE A 426 15.10 15.24 7.98
N VAL A 427 15.41 14.27 7.11
CA VAL A 427 14.55 13.91 5.97
C VAL A 427 13.22 13.32 6.44
N GLY A 428 13.22 12.71 7.60
CA GLY A 428 11.97 12.18 8.16
C GLY A 428 11.37 13.03 9.25
N ALA A 429 11.82 14.29 9.37
CA ALA A 429 11.20 15.28 10.27
C ALA A 429 10.73 16.53 9.54
N THR A 430 11.53 16.96 8.60
CA THR A 430 11.21 18.18 7.89
C THR A 430 9.91 18.12 7.10
N PRO A 431 9.36 16.91 6.81
CA PRO A 431 7.95 16.91 6.38
C PRO A 431 6.98 16.93 7.55
N TYR A 432 7.34 16.25 8.65
CA TYR A 432 6.54 16.33 9.88
C TYR A 432 6.30 17.78 10.28
N THR A 433 7.36 18.58 10.40
CA THR A 433 7.18 19.97 10.72
C THR A 433 6.15 20.59 9.78
N GLY A 434 6.16 20.17 8.51
CA GLY A 434 5.20 20.63 7.53
C GLY A 434 3.77 20.48 7.99
N MET A 435 3.36 19.24 8.25
CA MET A 435 2.00 19.02 8.71
C MET A 435 1.76 19.64 10.06
N LEU A 436 2.75 19.58 10.93
CA LEU A 436 2.58 20.18 12.25
C LEU A 436 2.14 21.62 11.96
N ASN A 437 2.89 22.33 11.14
CA ASN A 437 2.43 23.59 10.61
C ASN A 437 0.98 23.50 10.14
N ALA A 438 0.72 22.68 9.12
CA ALA A 438 -0.59 22.74 8.41
C ALA A 438 -1.78 22.38 9.26
N VAL A 439 -1.85 21.10 9.63
CA VAL A 439 -2.95 20.57 10.40
C VAL A 439 -3.38 21.50 11.51
N ASN A 440 -2.45 22.25 12.10
CA ASN A 440 -2.80 23.15 13.19
C ASN A 440 -3.39 24.47 12.74
N LEU A 441 -2.81 25.04 11.69
CA LEU A 441 -3.28 26.34 11.24
C LEU A 441 -4.47 26.27 10.34
N PHE A 442 -4.43 25.36 9.40
CA PHE A 442 -5.33 25.43 8.24
C PHE A 442 -6.84 25.20 8.45
N PRO A 443 -7.25 24.29 9.37
CA PRO A 443 -8.67 23.94 9.48
C PRO A 443 -9.60 25.13 9.53
N VAL A 444 -9.25 26.10 10.36
CA VAL A 444 -10.04 27.33 10.45
C VAL A 444 -10.29 27.88 9.05
N LEU A 445 -9.22 28.07 8.29
CA LEU A 445 -9.30 28.63 6.96
C LEU A 445 -10.13 27.73 6.07
N ARG A 446 -9.85 26.45 6.15
CA ARG A 446 -10.60 25.46 5.39
C ARG A 446 -12.12 25.59 5.60
N ALA A 447 -12.54 25.51 6.86
CA ALA A 447 -13.96 25.54 7.23
C ALA A 447 -14.58 26.92 6.95
N VAL A 448 -13.80 27.98 7.14
CA VAL A 448 -14.27 29.29 6.76
C VAL A 448 -14.48 29.38 5.25
N SER A 449 -13.56 28.80 4.48
CA SER A 449 -13.76 28.67 3.03
C SER A 449 -15.06 27.96 2.81
N ASP A 450 -15.24 26.83 3.51
CA ASP A 450 -16.53 26.13 3.45
C ASP A 450 -17.72 27.09 3.67
N GLN A 451 -17.93 27.57 4.89
CA GLN A 451 -19.12 28.41 5.17
C GLN A 451 -19.21 29.66 4.28
N GLU A 452 -18.06 30.18 3.82
CA GLU A 452 -18.06 31.41 3.00
C GLU A 452 -18.45 31.11 1.56
N SER A 453 -17.71 30.21 0.91
CA SER A 453 -17.94 29.88 -0.49
C SER A 453 -19.43 29.60 -0.78
N GLN A 454 -20.13 28.91 0.13
CA GLN A 454 -21.58 28.68 0.00
C GLN A 454 -22.43 29.93 -0.26
N ASP A 455 -22.07 31.06 0.35
CA ASP A 455 -22.79 32.32 0.12
C ASP A 455 -22.43 32.87 -1.25
N GLY A 456 -21.24 32.51 -1.75
CA GLY A 456 -20.86 32.73 -3.15
C GLY A 456 -19.67 33.66 -3.37
N LEU A 457 -18.63 33.55 -2.54
CA LEU A 457 -17.60 34.59 -2.47
C LEU A 457 -16.29 34.19 -3.17
N TYR A 458 -15.78 32.99 -2.88
CA TYR A 458 -14.58 32.46 -3.56
C TYR A 458 -14.54 30.92 -3.56
N GLN A 459 -14.30 30.35 -4.75
CA GLN A 459 -14.36 28.90 -4.96
C GLN A 459 -13.36 28.19 -4.02
N LYS A 460 -13.72 27.00 -3.55
CA LYS A 460 -13.04 26.36 -2.42
C LYS A 460 -11.51 26.31 -2.49
N TRP A 461 -11.00 26.15 -3.71
CA TRP A 461 -9.56 26.05 -3.91
C TRP A 461 -8.88 27.37 -3.68
N GLN A 462 -9.53 28.44 -4.11
CA GLN A 462 -8.94 29.77 -4.03
C GLN A 462 -8.10 29.78 -2.76
N MET A 463 -8.76 29.45 -1.64
CA MET A 463 -8.17 29.54 -0.32
C MET A 463 -6.97 28.65 -0.16
N MET A 464 -7.18 27.37 -0.46
CA MET A 464 -6.12 26.43 -0.32
C MET A 464 -4.91 26.90 -1.10
N LEU A 465 -5.12 27.45 -2.27
CA LEU A 465 -4.02 28.01 -2.97
C LEU A 465 -3.38 29.00 -2.04
N ALA A 466 -4.14 30.02 -1.66
CA ALA A 466 -3.65 31.11 -0.79
C ALA A 466 -2.79 30.64 0.38
N TYR A 467 -3.34 29.74 1.20
CA TYR A 467 -2.57 29.24 2.32
C TYR A 467 -1.23 28.80 1.78
N ALA A 468 -1.31 27.87 0.83
CA ALA A 468 -0.14 27.24 0.27
C ALA A 468 0.84 28.29 -0.18
N LEU A 469 0.34 29.41 -0.69
CA LEU A 469 1.24 30.40 -1.21
C LEU A 469 1.98 31.10 -0.09
N HIS A 470 1.32 31.44 1.01
CA HIS A 470 2.04 32.27 1.99
C HIS A 470 3.12 31.50 2.71
N VAL A 471 2.88 30.20 2.96
CA VAL A 471 3.82 29.41 3.76
C VAL A 471 5.25 29.60 3.27
N LEU A 472 5.39 29.76 1.96
CA LEU A 472 6.69 29.80 1.34
C LEU A 472 7.67 30.64 2.19
N PRO A 473 7.40 31.95 2.31
CA PRO A 473 8.25 32.79 3.15
C PRO A 473 8.64 32.14 4.49
N PHE A 474 7.64 31.72 5.23
CA PHE A 474 7.82 31.26 6.60
C PHE A 474 8.64 30.00 6.60
N SER A 475 8.12 28.94 6.00
CA SER A 475 8.88 27.71 5.93
C SER A 475 10.34 27.99 5.46
N VAL A 476 10.49 28.77 4.39
CA VAL A 476 11.84 29.04 3.89
C VAL A 476 12.71 29.77 4.89
N VAL A 477 12.15 30.68 5.66
CA VAL A 477 12.96 31.23 6.71
C VAL A 477 13.30 30.12 7.70
N ALA A 478 12.31 29.30 8.06
CA ALA A 478 12.49 28.25 9.09
C ALA A 478 13.67 27.38 8.76
N THR A 479 13.66 26.94 7.52
CA THR A 479 14.70 26.08 7.01
C THR A 479 16.06 26.75 7.23
N MET A 480 16.13 28.04 6.94
CA MET A 480 17.37 28.81 7.10
C MET A 480 17.82 29.01 8.54
N ILE A 481 16.86 29.36 9.38
CA ILE A 481 17.07 29.46 10.81
C ILE A 481 17.68 28.16 11.34
N PHE A 482 16.97 27.08 11.05
CA PHE A 482 17.39 25.73 11.39
C PHE A 482 18.82 25.45 10.90
N SER A 483 18.99 25.61 9.59
CA SER A 483 20.22 25.21 8.89
C SER A 483 21.43 25.98 9.36
N SER A 484 21.30 27.30 9.31
CA SER A 484 22.35 28.19 9.70
C SER A 484 22.87 27.82 11.07
N VAL A 485 21.97 27.76 12.04
CA VAL A 485 22.35 27.33 13.37
C VAL A 485 22.99 25.96 13.36
N CYS A 486 22.24 24.95 12.96
CA CYS A 486 22.68 23.58 13.24
C CYS A 486 23.86 23.10 12.37
N TYR A 487 23.72 23.26 11.04
CA TYR A 487 24.65 22.63 10.08
C TYR A 487 26.10 22.82 10.49
N TRP A 488 26.45 24.06 10.84
CA TRP A 488 27.82 24.41 11.21
C TRP A 488 28.20 23.84 12.57
N THR A 489 27.27 23.92 13.54
CA THR A 489 27.50 23.34 14.87
C THR A 489 27.84 21.87 14.75
N LEU A 490 27.12 21.21 13.83
CA LEU A 490 27.42 19.80 13.52
C LEU A 490 28.57 19.69 12.48
N GLY A 491 28.79 20.74 11.72
CA GLY A 491 30.03 20.93 10.96
C GLY A 491 30.29 19.90 9.89
N LEU A 492 29.22 19.53 9.20
CA LEU A 492 29.32 18.46 8.23
C LEU A 492 29.51 19.11 6.87
N HIS A 493 30.54 18.62 6.15
CA HIS A 493 31.45 19.42 5.27
C HIS A 493 31.01 20.82 4.97
N PRO A 494 31.69 21.79 5.64
CA PRO A 494 31.24 23.15 5.61
C PRO A 494 31.98 24.00 4.59
N GLU A 495 31.53 23.93 3.34
CA GLU A 495 31.72 25.03 2.43
C GLU A 495 30.33 25.62 2.25
N VAL A 496 30.24 26.93 2.34
CA VAL A 496 28.97 27.63 2.25
C VAL A 496 28.05 27.04 1.16
N ALA A 497 28.54 26.96 -0.07
CA ALA A 497 27.73 26.43 -1.16
C ALA A 497 27.00 25.17 -0.71
N ARG A 498 27.75 24.22 -0.16
CA ARG A 498 27.20 22.93 0.21
C ARG A 498 26.26 23.05 1.43
N PHE A 499 26.45 24.05 2.28
CA PHE A 499 25.41 24.47 3.22
C PHE A 499 24.18 24.91 2.42
N GLY A 500 24.42 25.84 1.49
CA GLY A 500 23.38 26.39 0.64
C GLY A 500 22.49 25.32 0.04
N TYR A 501 23.11 24.29 -0.52
CA TYR A 501 22.37 23.13 -1.03
C TYR A 501 21.59 22.43 0.08
N PHE A 502 22.26 22.15 1.20
CA PHE A 502 21.64 21.46 2.34
C PHE A 502 20.41 22.23 2.86
N SER A 503 20.41 23.56 2.70
CA SER A 503 19.27 24.36 3.10
C SER A 503 18.16 24.36 2.04
N ALA A 504 18.49 24.03 0.80
CA ALA A 504 17.45 23.88 -0.21
C ALA A 504 16.89 22.47 -0.18
N ALA A 505 17.70 21.52 0.27
CA ALA A 505 17.28 20.14 0.29
C ALA A 505 16.27 19.87 1.41
N LEU A 506 16.33 20.67 2.47
CA LEU A 506 15.41 20.52 3.61
C LEU A 506 14.30 21.55 3.65
N LEU A 507 14.21 22.37 2.61
CA LEU A 507 13.08 23.25 2.47
C LEU A 507 11.98 22.51 1.77
N ALA A 508 12.37 21.65 0.84
CA ALA A 508 11.42 20.95 0.03
C ALA A 508 10.55 20.07 0.91
N PRO A 509 11.15 19.14 1.65
CA PRO A 509 10.32 18.27 2.48
C PRO A 509 9.35 19.08 3.37
N HIS A 510 9.90 20.07 4.10
CA HIS A 510 9.11 20.99 4.95
C HIS A 510 7.95 21.68 4.23
N LEU A 511 7.96 21.70 2.90
CA LEU A 511 6.80 22.15 2.14
C LEU A 511 5.94 20.98 1.76
N ILE A 512 6.57 19.91 1.28
CA ILE A 512 5.88 18.73 0.84
C ILE A 512 4.91 18.30 1.94
N GLY A 513 5.39 18.29 3.18
CA GLY A 513 4.53 17.98 4.34
C GLY A 513 3.33 18.90 4.35
N GLU A 514 3.64 20.20 4.31
CA GLU A 514 2.61 21.22 4.30
C GLU A 514 1.55 20.93 3.24
N PHE A 515 1.94 20.88 1.97
CA PHE A 515 0.99 20.77 0.90
C PHE A 515 0.32 19.41 0.82
N LEU A 516 1.03 18.34 1.14
CA LEU A 516 0.37 17.05 1.21
C LEU A 516 -0.72 17.15 2.25
N THR A 517 -0.29 17.47 3.47
CA THR A 517 -1.20 17.64 4.59
C THR A 517 -2.42 18.48 4.18
N LEU A 518 -2.13 19.54 3.45
CA LEU A 518 -3.14 20.39 2.89
C LEU A 518 -4.10 19.59 2.01
N VAL A 519 -3.57 18.98 0.96
CA VAL A 519 -4.40 18.24 0.06
C VAL A 519 -5.29 17.39 0.90
N LEU A 520 -4.68 16.54 1.73
CA LEU A 520 -5.46 15.59 2.51
C LEU A 520 -6.52 16.29 3.29
N LEU A 521 -6.21 17.44 3.87
CA LEU A 521 -7.18 18.17 4.67
C LEU A 521 -8.43 18.65 3.92
N GLY A 522 -8.37 18.62 2.59
CA GLY A 522 -9.57 18.80 1.77
C GLY A 522 -10.42 17.55 1.59
N ILE A 523 -9.76 16.39 1.58
CA ILE A 523 -10.44 15.12 1.36
C ILE A 523 -10.95 14.59 2.68
N VAL A 524 -10.01 14.36 3.60
CA VAL A 524 -10.29 13.96 4.96
C VAL A 524 -10.58 15.17 5.81
N GLN A 525 -11.61 15.07 6.62
CA GLN A 525 -12.19 16.24 7.23
C GLN A 525 -12.07 16.23 8.74
N ASN A 526 -11.18 15.41 9.29
CA ASN A 526 -11.06 15.29 10.75
C ASN A 526 -9.61 15.40 11.23
N PRO A 527 -9.03 16.60 11.14
CA PRO A 527 -7.59 16.84 11.13
C PRO A 527 -6.76 15.88 11.91
N ASN A 528 -7.19 15.53 13.12
CA ASN A 528 -6.31 14.72 13.93
C ASN A 528 -5.98 13.36 13.32
N ILE A 529 -6.88 12.83 12.50
CA ILE A 529 -6.55 11.70 11.63
C ILE A 529 -5.49 12.08 10.58
N VAL A 530 -5.75 13.13 9.82
CA VAL A 530 -4.76 13.59 8.87
C VAL A 530 -3.40 13.59 9.56
N ASN A 531 -3.30 14.19 10.75
CA ASN A 531 -2.01 14.26 11.47
C ASN A 531 -1.42 12.93 11.97
N SER A 532 -2.24 11.91 12.13
CA SER A 532 -1.70 10.55 12.29
C SER A 532 -1.18 10.10 10.90
N VAL A 533 -2.06 10.07 9.92
CA VAL A 533 -1.69 9.47 8.65
C VAL A 533 -0.42 10.09 8.09
N VAL A 534 -0.38 11.42 8.01
CA VAL A 534 0.71 12.05 7.30
C VAL A 534 2.01 11.65 7.99
N ALA A 535 1.94 11.41 9.30
CA ALA A 535 3.16 11.01 10.00
C ALA A 535 3.61 9.68 9.42
N LEU A 536 2.68 8.73 9.48
CA LEU A 536 2.95 7.37 9.06
C LEU A 536 3.54 7.41 7.66
N LEU A 537 2.85 8.11 6.77
CA LEU A 537 3.41 8.38 5.46
C LEU A 537 4.87 8.83 5.54
N SER A 538 5.07 10.01 6.13
CA SER A 538 6.34 10.71 5.98
C SER A 538 7.46 10.07 6.78
N ILE A 539 7.11 9.04 7.55
CA ILE A 539 8.11 8.19 8.21
C ILE A 539 8.37 6.96 7.35
N ALA A 540 7.31 6.21 7.04
CA ALA A 540 7.47 5.06 6.20
C ALA A 540 8.35 5.42 5.02
N GLY A 541 7.92 6.48 4.33
CA GLY A 541 8.69 7.03 3.25
C GLY A 541 10.20 6.92 3.44
N VAL A 542 10.74 7.49 4.52
CA VAL A 542 12.21 7.53 4.67
C VAL A 542 12.82 6.15 4.75
N LEU A 543 12.11 5.24 5.41
CA LEU A 543 12.64 3.90 5.66
C LEU A 543 13.02 3.22 4.34
N VAL A 544 12.04 3.15 3.44
CA VAL A 544 12.25 2.61 2.08
C VAL A 544 13.05 3.52 1.15
N GLY A 545 12.80 4.83 1.22
CA GLY A 545 13.23 5.76 0.17
C GLY A 545 14.47 6.63 0.37
N SER A 546 15.24 6.35 1.39
CA SER A 546 16.57 6.86 1.42
C SER A 546 17.24 5.56 1.49
N GLY A 547 18.46 5.47 1.02
CA GLY A 547 19.11 4.17 1.10
C GLY A 547 19.18 3.64 2.53
N PHE A 548 19.38 4.58 3.43
CA PHE A 548 20.11 4.35 4.66
C PHE A 548 19.84 3.06 5.41
N LEU A 549 18.57 2.74 5.62
CA LEU A 549 18.23 1.61 6.49
C LEU A 549 18.17 0.26 5.75
N ARG A 550 18.21 0.28 4.42
CA ARG A 550 18.20 -0.98 3.67
C ARG A 550 18.78 -0.87 2.26
N ASN A 551 19.88 -0.12 2.09
CA ASN A 551 20.70 -0.21 0.86
C ASN A 551 19.85 -0.43 -0.40
N ILE A 552 19.02 0.58 -0.66
CA ILE A 552 17.91 0.54 -1.64
C ILE A 552 18.15 -0.43 -2.78
N GLN A 553 19.27 -0.28 -3.47
CA GLN A 553 19.67 -1.17 -4.54
C GLN A 553 19.50 -2.65 -4.11
N GLU A 554 19.92 -2.99 -2.89
CA GLU A 554 19.82 -4.36 -2.35
C GLU A 554 18.40 -4.84 -2.03
N MET A 555 17.44 -3.94 -1.87
CA MET A 555 16.14 -4.31 -1.27
C MET A 555 15.25 -5.09 -2.22
N PRO A 556 14.32 -5.90 -1.67
CA PRO A 556 13.55 -6.82 -2.51
C PRO A 556 12.58 -6.12 -3.42
N ILE A 557 12.46 -6.64 -4.63
CA ILE A 557 11.60 -6.13 -5.74
C ILE A 557 10.73 -4.90 -5.42
N PRO A 558 9.52 -5.13 -4.87
CA PRO A 558 8.50 -4.11 -4.96
C PRO A 558 8.87 -2.85 -4.23
N PHE A 559 9.39 -2.97 -3.02
CA PHE A 559 9.77 -1.78 -2.29
C PHE A 559 10.65 -0.95 -3.19
N LYS A 560 11.57 -1.61 -3.90
CA LYS A 560 12.46 -0.86 -4.72
C LYS A 560 11.66 0.14 -5.54
N ILE A 561 10.62 -0.34 -6.21
CA ILE A 561 9.73 0.51 -7.03
C ILE A 561 9.12 1.67 -6.23
N ILE A 562 8.58 1.33 -5.08
CA ILE A 562 8.01 2.29 -4.22
C ILE A 562 9.05 3.38 -4.05
N SER A 563 10.20 3.05 -3.50
CA SER A 563 11.18 4.06 -3.17
C SER A 563 11.24 5.17 -4.26
N TYR A 564 11.38 4.76 -5.52
CA TYR A 564 11.50 5.73 -6.65
C TYR A 564 10.36 6.75 -6.73
N PHE A 565 9.28 6.47 -6.00
CA PHE A 565 8.06 7.28 -6.00
C PHE A 565 7.99 8.24 -4.81
N THR A 566 8.96 8.17 -3.92
CA THR A 566 8.94 8.99 -2.74
C THR A 566 9.86 10.18 -2.91
N PHE A 567 9.48 11.35 -2.45
CA PHE A 567 10.41 12.47 -2.41
C PHE A 567 11.65 12.13 -1.56
N GLN A 568 11.43 11.41 -0.47
CA GLN A 568 12.51 11.02 0.41
C GLN A 568 13.78 10.61 -0.34
N LYS A 569 13.71 9.52 -1.11
CA LYS A 569 14.83 9.12 -1.99
C LYS A 569 15.56 10.31 -2.57
N TYR A 570 14.81 11.12 -3.31
CA TYR A 570 15.39 12.13 -4.19
C TYR A 570 15.87 13.31 -3.38
N CYS A 571 15.46 13.35 -2.11
CA CYS A 571 16.12 14.23 -1.13
C CYS A 571 17.40 13.64 -0.52
N SER A 572 17.30 12.46 0.09
CA SER A 572 18.47 11.82 0.70
C SER A 572 19.63 11.72 -0.28
N GLU A 573 19.36 11.15 -1.45
CA GLU A 573 20.41 10.99 -2.45
C GLU A 573 21.00 12.32 -2.91
N ILE A 574 20.42 13.44 -2.45
CA ILE A 574 21.07 14.75 -2.52
C ILE A 574 21.94 14.86 -1.30
N LEU A 575 21.31 14.94 -0.14
CA LEU A 575 22.03 15.21 1.08
C LEU A 575 23.28 14.36 1.29
N VAL A 576 23.20 13.08 0.98
CA VAL A 576 24.37 12.20 1.09
C VAL A 576 25.49 12.68 0.20
N VAL A 577 25.17 12.93 -1.05
CA VAL A 577 26.18 13.37 -2.00
C VAL A 577 26.69 14.75 -1.61
N ASN A 578 25.80 15.72 -1.45
CA ASN A 578 26.13 17.06 -0.94
C ASN A 578 27.03 17.10 0.31
N GLU A 579 26.80 16.17 1.23
CA GLU A 579 27.62 16.13 2.44
C GLU A 579 28.79 15.15 2.42
N PHE A 580 28.90 14.27 1.43
CA PHE A 580 30.08 13.39 1.33
C PHE A 580 30.95 13.62 0.07
N TYR A 581 30.60 14.61 -0.78
CA TYR A 581 31.15 14.76 -2.16
C TYR A 581 32.55 14.17 -2.23
N GLY A 582 33.33 14.49 -1.19
CA GLY A 582 34.60 13.84 -0.82
C GLY A 582 35.15 14.17 0.58
N LEU A 583 35.38 13.16 1.43
CA LEU A 583 35.90 13.34 2.80
C LEU A 583 36.71 12.12 3.24
N ASN A 584 37.40 12.21 4.38
CA ASN A 584 38.39 11.20 4.78
C ASN A 584 38.26 10.86 6.27
N PHE A 585 37.85 9.63 6.63
CA PHE A 585 37.64 9.28 8.05
C PHE A 585 38.75 8.36 8.59
N THR A 586 39.20 8.57 9.84
CA THR A 586 40.20 7.68 10.51
C THR A 586 39.68 6.29 10.91
N CYS A 587 40.48 5.25 10.61
CA CYS A 587 40.28 3.90 11.17
C CYS A 587 41.59 3.11 11.13
N ALA A 601 36.90 0.00 8.32
CA ALA A 601 35.81 -0.48 7.45
C ALA A 601 35.85 0.26 6.12
N PHE A 602 35.19 1.41 6.06
CA PHE A 602 35.29 2.30 4.91
C PHE A 602 36.58 3.12 5.01
N THR A 603 36.67 4.25 4.32
CA THR A 603 37.72 5.25 4.53
C THR A 603 37.31 6.64 3.97
N GLN A 604 36.88 6.62 2.72
CA GLN A 604 36.62 7.85 1.96
C GLN A 604 35.14 8.22 1.92
N GLY A 605 34.85 9.39 1.34
CA GLY A 605 33.50 9.91 1.23
C GLY A 605 32.65 9.18 0.21
N ILE A 606 33.25 8.84 -0.93
CA ILE A 606 32.54 8.20 -2.03
C ILE A 606 32.24 6.74 -1.70
N GLN A 607 33.19 6.12 -1.03
CA GLN A 607 33.05 4.70 -0.72
C GLN A 607 31.77 4.42 0.05
N PHE A 608 31.23 5.41 0.78
CA PHE A 608 29.92 5.26 1.38
C PHE A 608 28.84 5.59 0.34
N ILE A 609 29.01 6.69 -0.38
CA ILE A 609 28.02 7.13 -1.36
C ILE A 609 27.62 5.94 -2.21
N GLU A 610 28.64 5.22 -2.67
CA GLU A 610 28.39 4.07 -3.52
C GLU A 610 27.53 3.02 -2.81
N LYS A 611 27.87 2.67 -1.57
CA LYS A 611 27.21 1.57 -0.86
C LYS A 611 25.70 1.73 -0.80
N THR A 612 25.24 2.94 -0.56
CA THR A 612 23.81 3.19 -0.38
C THR A 612 23.13 3.58 -1.71
N CYS A 613 23.65 4.62 -2.37
CA CYS A 613 22.96 5.22 -3.55
C CYS A 613 23.86 5.66 -4.76
N PRO A 614 24.36 4.66 -5.49
CA PRO A 614 25.51 4.83 -6.35
C PRO A 614 25.31 5.83 -7.48
N GLY A 615 24.12 5.83 -8.06
CA GLY A 615 23.84 6.70 -9.17
C GLY A 615 23.60 8.12 -8.74
N ALA A 616 23.83 8.41 -7.45
CA ALA A 616 23.58 9.76 -6.93
C ALA A 616 24.64 10.79 -7.37
N THR A 617 25.90 10.48 -7.10
CA THR A 617 27.01 11.34 -7.48
C THR A 617 26.71 12.19 -8.72
N SER A 618 26.39 11.51 -9.82
CA SER A 618 26.22 12.17 -11.12
C SER A 618 24.85 12.81 -11.23
N ARG A 619 23.87 12.09 -10.69
CA ARG A 619 22.49 12.45 -10.88
C ARG A 619 22.07 13.67 -10.06
N PHE A 620 22.82 13.98 -8.99
CA PHE A 620 22.59 15.17 -8.14
C PHE A 620 21.91 16.36 -8.87
N THR A 621 22.59 16.91 -9.87
CA THR A 621 22.07 18.06 -10.63
C THR A 621 20.54 17.94 -10.74
N MET A 622 20.09 16.81 -11.25
CA MET A 622 18.69 16.52 -11.44
C MET A 622 17.94 16.35 -10.14
N ASN A 623 18.43 15.47 -9.29
CA ASN A 623 17.66 15.06 -8.10
C ASN A 623 16.83 16.22 -7.58
N PHE A 624 17.49 17.33 -7.29
CA PHE A 624 16.81 18.59 -6.99
C PHE A 624 15.60 18.82 -7.89
N LEU A 625 15.82 18.90 -9.20
CA LEU A 625 14.72 19.02 -10.15
C LEU A 625 13.52 18.19 -9.67
N ILE A 626 13.76 16.90 -9.40
CA ILE A 626 12.67 16.00 -9.01
C ILE A 626 12.16 16.29 -7.61
N LEU A 627 13.07 16.58 -6.68
CA LEU A 627 12.70 16.80 -5.27
C LEU A 627 11.75 17.98 -5.17
N TYR A 628 12.08 19.04 -5.90
CA TYR A 628 11.19 20.18 -5.97
C TYR A 628 10.03 19.91 -6.92
N SER A 629 10.15 18.90 -7.76
CA SER A 629 9.05 18.50 -8.61
C SER A 629 7.76 18.22 -7.86
N PHE A 630 7.84 17.61 -6.69
CA PHE A 630 6.62 17.20 -6.01
C PHE A 630 5.71 18.37 -5.67
N ILE A 631 6.32 19.47 -5.22
CA ILE A 631 5.56 20.53 -4.58
C ILE A 631 4.61 21.32 -5.49
N PRO A 632 4.91 21.41 -6.79
CA PRO A 632 3.84 21.90 -7.64
C PRO A 632 2.73 20.89 -7.72
N ALA A 633 3.11 19.63 -7.86
CA ALA A 633 2.11 18.58 -8.05
C ALA A 633 1.16 18.66 -6.88
N LEU A 634 1.67 18.40 -5.68
CA LEU A 634 0.80 18.33 -4.51
C LEU A 634 -0.25 19.42 -4.52
N VAL A 635 0.18 20.67 -4.68
CA VAL A 635 -0.75 21.80 -4.64
C VAL A 635 -1.71 21.81 -5.82
N ILE A 636 -1.19 21.49 -7.01
CA ILE A 636 -2.05 21.32 -8.18
C ILE A 636 -3.15 20.31 -7.95
N LEU A 637 -2.78 19.21 -7.32
CA LEU A 637 -3.72 18.17 -6.98
C LEU A 637 -4.70 18.76 -6.00
N GLY A 638 -4.16 19.43 -5.00
CA GLY A 638 -4.97 20.09 -4.02
C GLY A 638 -6.08 20.84 -4.71
N ILE A 639 -5.70 21.72 -5.63
CA ILE A 639 -6.69 22.51 -6.28
C ILE A 639 -7.79 21.55 -6.65
N VAL A 640 -7.48 20.52 -7.44
CA VAL A 640 -8.52 19.56 -7.84
C VAL A 640 -9.33 19.03 -6.67
N VAL A 641 -8.67 18.53 -5.62
CA VAL A 641 -9.42 17.98 -4.49
C VAL A 641 -10.43 18.99 -4.01
N PHE A 642 -10.02 20.26 -3.93
CA PHE A 642 -10.92 21.28 -3.38
C PHE A 642 -12.03 21.65 -4.38
N LYS A 643 -11.64 21.94 -5.62
CA LYS A 643 -12.55 22.08 -6.76
C LYS A 643 -13.65 20.99 -6.73
N ILE A 644 -13.24 19.76 -6.43
CA ILE A 644 -14.15 18.63 -6.23
C ILE A 644 -14.95 18.83 -4.97
N ARG A 645 -14.24 19.05 -3.89
CA ARG A 645 -14.82 18.97 -2.56
C ARG A 645 -16.03 19.90 -2.36
N ASP A 646 -16.10 21.02 -3.10
CA ASP A 646 -17.35 21.85 -3.06
C ASP A 646 -18.63 21.04 -3.31
N HIS A 647 -18.55 19.96 -4.11
CA HIS A 647 -19.68 19.03 -4.27
C HIS A 647 -19.84 18.08 -3.07
N LEU A 648 -18.73 17.63 -2.48
CA LEU A 648 -18.74 16.60 -1.43
C LEU A 648 -19.65 16.90 -0.22
N ILE A 649 -19.50 18.05 0.46
CA ILE A 649 -20.31 18.35 1.69
C ILE A 649 -21.39 19.42 1.49
N SER A 650 -22.64 19.08 1.83
CA SER A 650 -23.76 20.00 1.69
C SER A 650 -24.01 20.73 2.99
N LEU B 25 -51.48 7.44 30.86
CA LEU B 25 -50.07 7.10 31.26
C LEU B 25 -50.02 6.08 32.41
N GLN B 26 -49.18 5.06 32.23
CA GLN B 26 -49.37 3.72 32.82
C GLN B 26 -48.60 3.44 34.12
N ASP B 27 -49.31 2.96 35.15
CA ASP B 27 -48.72 2.43 36.39
C ASP B 27 -48.25 3.50 37.37
N ARG B 28 -48.02 3.06 38.61
CA ARG B 28 -47.42 3.85 39.67
C ARG B 28 -46.41 3.08 40.56
N LEU B 29 -45.13 3.40 40.39
CA LEU B 29 -44.11 3.21 41.44
C LEU B 29 -43.71 1.78 41.88
N PHE B 30 -42.41 1.48 41.90
CA PHE B 30 -41.83 0.22 42.46
C PHE B 30 -40.57 0.46 43.32
N SER B 31 -40.27 1.71 43.67
CA SER B 31 -39.14 2.04 44.54
C SER B 31 -39.36 3.31 45.36
N SER B 32 -38.70 3.38 46.50
CA SER B 32 -38.81 4.53 47.41
C SER B 32 -38.28 4.15 48.78
N GLU B 33 -37.47 5.02 49.39
CA GLU B 33 -36.95 4.71 50.73
C GLU B 33 -36.29 5.94 51.33
N SER B 34 -36.19 5.96 52.65
CA SER B 34 -36.22 7.21 53.38
C SER B 34 -35.29 7.51 54.53
N ASP B 35 -34.49 8.51 54.20
CA ASP B 35 -34.80 9.84 54.64
C ASP B 35 -33.65 10.79 54.57
N ASN B 36 -34.00 11.98 54.11
CA ASN B 36 -33.17 13.14 54.25
C ASN B 36 -33.92 14.29 53.56
N SER B 37 -33.52 15.50 53.91
CA SER B 37 -33.96 16.72 53.23
C SER B 37 -32.91 17.83 53.44
N LEU B 38 -33.21 19.04 53.01
CA LEU B 38 -32.16 20.01 52.65
C LEU B 38 -32.52 21.46 53.06
N TYR B 39 -31.49 22.28 53.34
CA TYR B 39 -31.65 23.47 54.21
C TYR B 39 -30.52 24.51 53.88
N PHE B 40 -30.86 25.81 53.87
CA PHE B 40 -29.91 26.89 53.43
C PHE B 40 -30.02 28.23 54.19
N THR B 41 -28.95 29.02 54.12
CA THR B 41 -28.86 30.35 54.74
C THR B 41 -27.87 31.27 54.02
N TYR B 42 -28.38 32.26 53.30
CA TYR B 42 -27.57 33.38 52.81
C TYR B 42 -26.24 33.01 52.13
N SER B 43 -26.34 32.61 50.87
CA SER B 43 -25.17 32.25 50.07
C SER B 43 -24.71 33.37 49.13
N GLY B 44 -23.53 33.17 48.54
CA GLY B 44 -22.95 34.12 47.60
C GLY B 44 -21.65 33.58 47.03
N GLN B 45 -21.46 33.71 45.71
CA GLN B 45 -20.31 33.17 44.96
C GLN B 45 -20.07 33.89 43.60
N PRO B 46 -18.82 34.34 43.34
CA PRO B 46 -18.45 34.76 41.98
C PRO B 46 -18.46 33.61 40.96
N GLY B 89 -22.24 36.20 41.58
CA GLY B 89 -23.12 35.22 40.92
C GLY B 89 -24.20 34.50 41.74
N ILE B 90 -24.24 34.71 43.06
CA ILE B 90 -25.32 34.19 43.92
C ILE B 90 -25.56 35.18 45.07
N GLN B 91 -26.79 35.27 45.58
CA GLN B 91 -27.15 36.33 46.53
C GLN B 91 -28.30 35.93 47.46
N ASN B 92 -27.94 35.40 48.62
CA ASN B 92 -28.88 35.24 49.73
C ASN B 92 -30.03 34.26 49.50
N LEU B 93 -29.70 32.97 49.39
CA LEU B 93 -30.69 31.91 49.26
C LEU B 93 -31.16 31.39 50.62
N SER B 94 -32.27 30.65 50.59
CA SER B 94 -32.89 30.09 51.79
C SER B 94 -33.83 28.98 51.32
N PHE B 95 -33.67 27.76 51.84
CA PHE B 95 -34.40 26.59 51.28
C PHE B 95 -35.35 25.73 52.11
N LYS B 96 -36.39 25.31 51.38
CA LYS B 96 -37.30 24.25 51.74
C LYS B 96 -36.97 23.13 50.77
N VAL B 97 -36.57 21.97 51.30
CA VAL B 97 -36.37 20.80 50.47
C VAL B 97 -36.68 19.54 51.28
N ARG B 98 -37.82 18.91 51.05
CA ARG B 98 -38.37 17.90 51.97
C ARG B 98 -38.79 16.53 51.36
N SER B 99 -37.80 15.66 51.25
CA SER B 99 -37.98 14.22 50.93
C SER B 99 -39.34 13.79 50.30
N GLY B 100 -39.70 14.40 49.17
CA GLY B 100 -41.03 14.13 48.58
C GLY B 100 -41.51 15.22 47.66
N GLN B 101 -41.08 16.44 47.96
CA GLN B 101 -41.18 17.53 46.99
C GLN B 101 -40.11 17.37 45.91
N MET B 102 -40.44 17.87 44.73
CA MET B 102 -39.48 18.07 43.65
C MET B 102 -39.39 19.58 43.46
N LEU B 103 -38.17 20.10 43.49
CA LEU B 103 -37.93 21.52 43.30
C LEU B 103 -37.28 21.76 41.96
N ALA B 104 -37.93 22.57 41.13
CA ALA B 104 -37.36 22.95 39.86
C ALA B 104 -36.79 24.36 39.95
N ILE B 105 -35.49 24.45 39.71
CA ILE B 105 -34.79 25.71 39.68
C ILE B 105 -34.86 26.21 38.26
N ILE B 106 -35.56 27.31 38.07
CA ILE B 106 -35.95 27.72 36.76
C ILE B 106 -35.29 29.07 36.46
N GLY B 107 -33.99 29.13 36.76
CA GLY B 107 -33.24 30.39 36.72
C GLY B 107 -32.82 30.77 35.32
N SER B 108 -32.35 32.01 35.18
CA SER B 108 -31.91 32.52 33.86
C SER B 108 -30.66 31.79 33.32
N SER B 109 -30.31 32.07 32.07
CA SER B 109 -29.24 31.36 31.35
C SER B 109 -27.84 31.62 31.92
N GLY B 110 -27.46 30.84 32.92
CA GLY B 110 -26.11 30.87 33.49
C GLY B 110 -25.96 31.83 34.67
N CYS B 111 -26.94 31.78 35.59
CA CYS B 111 -26.97 32.64 36.78
C CYS B 111 -26.14 32.05 37.91
N GLY B 112 -25.15 31.24 37.55
CA GLY B 112 -24.66 30.19 38.42
C GLY B 112 -25.80 29.21 38.63
N ARG B 113 -26.50 28.86 37.56
CA ARG B 113 -27.70 28.01 37.61
C ARG B 113 -27.34 26.55 37.36
N ALA B 114 -26.69 26.30 36.22
CA ALA B 114 -26.06 25.00 35.95
C ALA B 114 -24.88 24.81 36.90
N SER B 115 -24.34 25.93 37.38
CA SER B 115 -23.35 25.92 38.45
C SER B 115 -23.99 25.57 39.80
N LEU B 116 -25.16 26.15 40.08
CA LEU B 116 -25.80 26.07 41.40
C LEU B 116 -25.74 24.69 42.02
N LEU B 117 -26.14 23.69 41.25
CA LEU B 117 -26.24 22.32 41.75
C LEU B 117 -24.84 21.80 42.10
N ASP B 118 -23.89 22.09 41.21
CA ASP B 118 -22.49 21.74 41.45
C ASP B 118 -21.91 22.47 42.67
N VAL B 119 -22.35 23.71 42.91
CA VAL B 119 -21.96 24.44 44.13
C VAL B 119 -22.53 23.73 45.34
N ILE B 120 -23.81 23.39 45.25
CA ILE B 120 -24.50 22.71 46.33
C ILE B 120 -23.82 21.37 46.65
N THR B 121 -23.36 20.66 45.62
CA THR B 121 -22.53 19.46 45.84
C THR B 121 -21.17 19.81 46.47
N GLY B 122 -20.66 21.00 46.18
CA GLY B 122 -19.38 21.46 46.70
C GLY B 122 -18.39 21.70 45.58
N ARG B 123 -18.63 21.06 44.43
CA ARG B 123 -17.77 21.15 43.26
C ARG B 123 -18.02 22.46 42.46
N GLY B 124 -17.34 23.55 42.84
CA GLY B 124 -17.56 24.91 42.28
C GLY B 124 -16.61 25.51 41.23
N HIS B 125 -17.07 25.53 39.97
CA HIS B 125 -16.37 26.17 38.84
C HIS B 125 -15.99 27.63 39.12
N GLY B 126 -16.98 28.42 39.51
CA GLY B 126 -16.93 29.89 39.38
C GLY B 126 -15.77 30.64 39.99
N GLY B 127 -15.28 30.12 41.11
CA GLY B 127 -14.35 30.82 41.99
C GLY B 127 -15.02 30.71 43.34
N LYS B 128 -14.30 30.17 44.32
CA LYS B 128 -15.00 29.53 45.44
C LYS B 128 -15.87 30.47 46.24
N ILE B 129 -17.03 29.93 46.64
CA ILE B 129 -18.10 30.66 47.36
C ILE B 129 -17.71 31.92 48.15
N LYS B 130 -18.63 32.87 48.20
CA LYS B 130 -18.43 34.10 48.96
C LYS B 130 -19.03 34.01 50.37
N SER B 131 -20.29 33.61 50.49
CA SER B 131 -20.99 33.63 51.81
C SER B 131 -21.66 32.28 52.05
N GLY B 132 -22.54 32.15 53.05
CA GLY B 132 -23.41 30.96 53.17
C GLY B 132 -23.23 29.91 54.27
N GLN B 133 -24.22 29.01 54.34
CA GLN B 133 -24.18 27.79 55.16
C GLN B 133 -25.08 26.77 54.47
N ILE B 134 -24.65 25.50 54.39
CA ILE B 134 -25.48 24.45 53.78
C ILE B 134 -25.69 23.28 54.71
N TRP B 135 -26.92 22.83 54.83
CA TRP B 135 -27.26 21.77 55.75
C TRP B 135 -28.07 20.68 55.05
N ILE B 136 -27.70 19.41 55.27
CA ILE B 136 -28.48 18.27 54.75
C ILE B 136 -29.27 17.61 55.86
N ASN B 137 -30.31 16.89 55.48
CA ASN B 137 -31.34 16.39 56.40
C ASN B 137 -31.32 17.00 57.78
N GLY B 138 -30.19 16.88 58.48
CA GLY B 138 -30.03 17.43 59.82
C GLY B 138 -28.57 17.53 60.21
N GLN B 139 -27.74 18.09 59.34
CA GLN B 139 -26.29 18.21 59.57
C GLN B 139 -25.71 19.30 58.64
N PRO B 140 -24.44 19.70 58.87
CA PRO B 140 -23.71 20.62 57.96
C PRO B 140 -23.52 20.05 56.57
N SER B 141 -22.82 20.77 55.71
CA SER B 141 -22.39 20.24 54.43
C SER B 141 -20.93 19.89 54.44
N SER B 142 -20.60 19.00 53.52
CA SER B 142 -19.26 18.46 53.42
C SER B 142 -19.12 17.62 52.14
N PRO B 143 -18.11 17.93 51.31
CA PRO B 143 -17.73 17.09 50.19
C PRO B 143 -17.55 15.59 50.52
N GLN B 144 -17.13 15.26 51.75
CA GLN B 144 -17.06 13.86 52.23
C GLN B 144 -18.44 13.31 52.63
N LEU B 145 -19.34 14.21 53.00
CA LEU B 145 -20.69 13.86 53.38
C LEU B 145 -21.53 13.60 52.15
N VAL B 146 -21.63 14.58 51.28
CA VAL B 146 -22.56 14.56 50.15
C VAL B 146 -22.50 13.27 49.32
N ARG B 147 -21.28 12.83 48.98
CA ARG B 147 -21.08 11.60 48.20
C ARG B 147 -21.53 10.31 48.91
N LYS B 148 -22.10 10.45 50.10
CA LYS B 148 -22.76 9.33 50.78
C LYS B 148 -24.29 9.51 50.87
N CYS B 149 -24.77 10.71 50.59
CA CYS B 149 -26.21 11.00 50.69
C CYS B 149 -26.86 11.21 49.34
N VAL B 150 -26.22 12.07 48.56
CA VAL B 150 -26.86 12.64 47.40
C VAL B 150 -26.40 12.00 46.10
N ALA B 151 -27.37 11.81 45.20
CA ALA B 151 -27.12 11.30 43.86
C ALA B 151 -27.21 12.44 42.85
N HIS B 152 -26.17 12.57 42.03
CA HIS B 152 -26.07 13.62 41.03
C HIS B 152 -26.15 13.03 39.62
N VAL B 153 -27.01 13.61 38.81
CA VAL B 153 -27.20 13.22 37.44
C VAL B 153 -26.87 14.42 36.55
N ARG B 154 -25.82 14.23 35.77
CA ARG B 154 -25.27 15.27 34.92
C ARG B 154 -25.99 15.27 33.57
N GLN B 155 -25.67 16.24 32.72
CA GLN B 155 -26.07 16.20 31.30
C GLN B 155 -25.17 15.21 30.56
N HIS B 156 -23.94 15.09 31.02
CA HIS B 156 -22.94 14.22 30.41
C HIS B 156 -23.25 12.76 30.74
N ASN B 157 -23.18 11.92 29.72
CA ASN B 157 -23.37 10.50 29.91
C ASN B 157 -22.02 9.82 29.67
N GLN B 158 -21.76 8.74 30.39
CA GLN B 158 -20.45 8.07 30.32
C GLN B 158 -20.62 6.58 30.50
N LEU B 159 -21.53 6.02 29.70
CA LEU B 159 -21.92 4.63 29.77
C LEU B 159 -21.19 3.87 28.67
N LEU B 160 -20.81 2.64 28.97
CA LEU B 160 -19.90 1.92 28.09
C LEU B 160 -20.65 1.38 26.88
N PRO B 161 -20.20 1.75 25.67
CA PRO B 161 -20.84 1.44 24.41
C PRO B 161 -21.50 0.07 24.31
N ASN B 162 -20.80 -0.98 24.70
CA ASN B 162 -21.20 -2.33 24.27
C ASN B 162 -21.83 -3.25 25.32
N LEU B 163 -22.55 -2.66 26.27
CA LEU B 163 -23.18 -3.43 27.32
C LEU B 163 -24.68 -3.20 27.37
N THR B 164 -25.41 -4.18 27.89
CA THR B 164 -26.85 -4.11 28.01
C THR B 164 -27.19 -3.33 29.27
N VAL B 165 -28.36 -2.68 29.26
CA VAL B 165 -28.81 -1.87 30.38
C VAL B 165 -28.63 -2.66 31.70
N ARG B 166 -29.25 -3.85 31.72
CA ARG B 166 -29.17 -4.81 32.83
C ARG B 166 -27.71 -4.99 33.28
N GLU B 167 -26.80 -5.16 32.33
CA GLU B 167 -25.40 -5.28 32.66
C GLU B 167 -24.89 -3.98 33.29
N THR B 168 -25.07 -2.84 32.62
CA THR B 168 -24.46 -1.58 33.05
C THR B 168 -24.98 -1.18 34.40
N LEU B 169 -26.17 -1.67 34.74
CA LEU B 169 -26.63 -1.55 36.11
C LEU B 169 -25.98 -2.59 37.01
N ALA B 170 -26.16 -3.88 36.75
CA ALA B 170 -25.59 -4.93 37.62
C ALA B 170 -24.13 -4.62 38.01
N PHE B 171 -23.35 -4.22 37.01
CA PHE B 171 -21.93 -3.95 37.17
C PHE B 171 -21.64 -2.79 38.13
N ILE B 172 -22.52 -1.78 38.18
CA ILE B 172 -22.34 -0.72 39.19
C ILE B 172 -22.94 -1.16 40.53
N ALA B 173 -24.09 -1.81 40.46
CA ALA B 173 -24.73 -2.40 41.64
C ALA B 173 -23.73 -3.20 42.46
N GLN B 174 -22.96 -4.07 41.80
CA GLN B 174 -21.96 -4.89 42.49
C GLN B 174 -20.87 -4.09 43.23
N MET B 175 -20.68 -2.82 42.86
CA MET B 175 -19.72 -1.94 43.53
C MET B 175 -20.36 -0.98 44.51
N ARG B 176 -21.59 -0.54 44.26
CA ARG B 176 -22.24 0.40 45.20
C ARG B 176 -23.05 -0.29 46.30
N LEU B 177 -23.65 -1.44 46.01
CA LEU B 177 -24.36 -2.22 47.05
C LEU B 177 -23.32 -2.94 47.91
N PRO B 178 -23.53 -2.97 49.24
CA PRO B 178 -22.51 -3.44 50.18
C PRO B 178 -22.25 -4.94 50.14
N ARG B 179 -21.06 -5.32 50.58
CA ARG B 179 -20.57 -6.70 50.57
C ARG B 179 -21.63 -7.61 51.16
N THR B 180 -22.28 -7.12 52.21
CA THR B 180 -23.34 -7.86 52.91
C THR B 180 -24.51 -8.31 52.04
N PHE B 181 -24.85 -7.54 51.02
CA PHE B 181 -26.01 -7.87 50.17
C PHE B 181 -25.91 -9.22 49.49
N SER B 182 -27.06 -9.87 49.35
CA SER B 182 -27.17 -11.12 48.60
C SER B 182 -27.14 -10.83 47.11
N GLN B 183 -26.96 -11.86 46.30
CA GLN B 183 -26.86 -11.68 44.86
C GLN B 183 -28.26 -11.48 44.30
N ALA B 184 -29.15 -12.38 44.70
CA ALA B 184 -30.57 -12.23 44.40
C ALA B 184 -31.02 -10.79 44.70
N GLN B 185 -30.51 -10.21 45.79
CA GLN B 185 -30.78 -8.81 46.14
C GLN B 185 -30.36 -7.84 45.03
N ARG B 186 -29.12 -7.97 44.56
CA ARG B 186 -28.63 -7.11 43.50
C ARG B 186 -29.52 -7.31 42.27
N ASP B 187 -29.70 -8.58 41.91
CA ASP B 187 -30.49 -8.95 40.73
C ASP B 187 -31.89 -8.34 40.74
N LYS B 188 -32.56 -8.48 41.89
CA LYS B 188 -33.92 -7.96 42.09
C LYS B 188 -33.93 -6.45 42.21
N ARG B 189 -32.86 -5.86 42.73
CA ARG B 189 -32.75 -4.41 42.86
C ARG B 189 -32.65 -3.80 41.46
N VAL B 190 -31.77 -4.37 40.64
CA VAL B 190 -31.66 -3.93 39.26
C VAL B 190 -33.05 -3.81 38.62
N GLU B 191 -33.74 -4.95 38.57
CA GLU B 191 -35.09 -5.00 38.02
C GLU B 191 -36.02 -4.00 38.73
N ASP B 192 -35.99 -3.98 40.07
CA ASP B 192 -36.77 -3.03 40.89
C ASP B 192 -36.50 -1.56 40.51
N VAL B 193 -35.35 -1.28 39.90
CA VAL B 193 -35.12 0.05 39.29
C VAL B 193 -35.70 0.09 37.87
N ILE B 194 -35.20 -0.82 37.04
CA ILE B 194 -35.64 -0.86 35.64
C ILE B 194 -37.15 -0.65 35.52
N ALA B 195 -37.90 -1.33 36.39
CA ALA B 195 -39.35 -1.38 36.26
C ALA B 195 -40.05 -0.18 36.92
N GLU B 196 -39.34 0.56 37.77
CA GLU B 196 -39.85 1.83 38.26
C GLU B 196 -39.56 2.90 37.21
N LEU B 197 -38.42 2.78 36.51
CA LEU B 197 -38.16 3.73 35.41
C LEU B 197 -38.78 3.31 34.07
N ARG B 198 -39.43 2.15 34.07
CA ARG B 198 -40.02 1.54 32.86
C ARG B 198 -39.03 1.51 31.72
N LEU B 199 -37.87 0.91 31.98
CA LEU B 199 -36.93 0.54 30.94
C LEU B 199 -37.27 -0.87 30.55
N ARG B 200 -38.50 -1.01 30.06
CA ARG B 200 -39.16 -2.29 29.90
C ARG B 200 -38.41 -3.18 28.93
N GLN B 201 -38.40 -2.81 27.65
CA GLN B 201 -37.74 -3.63 26.62
C GLN B 201 -36.29 -3.19 26.30
N CYS B 202 -35.73 -2.22 27.04
CA CYS B 202 -34.31 -1.88 26.93
C CYS B 202 -33.46 -2.92 27.68
N ALA B 203 -34.09 -3.56 28.67
CA ALA B 203 -33.52 -4.62 29.52
C ALA B 203 -32.23 -5.28 29.05
N ASP B 204 -32.31 -6.00 27.93
CA ASP B 204 -31.18 -6.76 27.40
C ASP B 204 -30.76 -6.28 26.02
N THR B 205 -30.85 -4.97 25.79
CA THR B 205 -30.36 -4.34 24.56
C THR B 205 -29.19 -3.41 24.90
N ARG B 206 -28.21 -3.33 24.00
CA ARG B 206 -26.97 -2.59 24.27
C ARG B 206 -27.28 -1.11 24.46
N VAL B 207 -26.39 -0.40 25.14
CA VAL B 207 -26.81 0.91 25.67
C VAL B 207 -26.39 2.07 24.83
N GLY B 208 -25.14 2.06 24.42
CA GLY B 208 -24.52 3.27 23.97
C GLY B 208 -24.91 3.57 22.55
N ASN B 209 -25.75 4.59 22.35
CA ASN B 209 -26.11 5.07 21.03
C ASN B 209 -24.86 5.67 20.37
N MET B 210 -23.89 6.05 21.21
CA MET B 210 -22.64 6.75 20.82
C MET B 210 -22.20 6.37 19.40
N TYR B 211 -22.07 5.07 19.16
CA TYR B 211 -21.75 4.57 17.81
C TYR B 211 -22.41 3.22 17.38
N VAL B 212 -23.04 2.43 18.26
CA VAL B 212 -23.87 1.29 17.77
C VAL B 212 -25.10 1.92 17.14
N ARG B 213 -25.55 3.05 17.69
CA ARG B 213 -26.73 3.74 17.18
C ARG B 213 -27.89 2.75 17.03
N GLY B 214 -28.15 2.05 18.13
CA GLY B 214 -29.18 1.04 18.20
C GLY B 214 -30.01 1.19 19.46
N LEU B 215 -30.08 2.41 19.99
CA LEU B 215 -30.72 2.67 21.29
C LEU B 215 -31.26 4.10 21.39
N SER B 216 -32.46 4.24 21.96
CA SER B 216 -33.13 5.55 22.18
C SER B 216 -32.47 6.47 23.23
N GLY B 217 -32.55 7.78 23.01
CA GLY B 217 -32.05 8.77 23.99
C GLY B 217 -32.89 8.96 25.24
N GLY B 218 -34.19 9.18 25.02
CA GLY B 218 -35.15 9.28 26.11
C GLY B 218 -34.94 8.16 27.10
N GLU B 219 -34.68 6.96 26.59
CA GLU B 219 -34.32 5.81 27.41
C GLU B 219 -32.94 6.02 28.03
N ARG B 220 -31.95 6.29 27.19
CA ARG B 220 -30.57 6.42 27.65
C ARG B 220 -30.53 7.28 28.91
N ARG B 221 -31.12 8.47 28.86
CA ARG B 221 -31.11 9.34 30.06
C ARG B 221 -31.54 8.53 31.30
N ARG B 222 -32.75 7.99 31.20
CA ARG B 222 -33.34 7.19 32.27
C ARG B 222 -32.34 6.15 32.81
N VAL B 223 -31.52 5.57 31.93
CA VAL B 223 -30.51 4.60 32.37
C VAL B 223 -29.42 5.25 33.24
N SER B 224 -28.89 6.38 32.79
CA SER B 224 -27.83 7.08 33.53
C SER B 224 -28.39 7.66 34.81
N ILE B 225 -29.70 7.87 34.85
CA ILE B 225 -30.38 8.12 36.12
C ILE B 225 -30.38 6.87 36.98
N GLY B 226 -30.81 5.76 36.38
CA GLY B 226 -30.85 4.46 37.05
C GLY B 226 -29.53 4.08 37.71
N VAL B 227 -28.43 4.35 37.01
CA VAL B 227 -27.07 4.16 37.57
C VAL B 227 -26.95 4.75 38.98
N GLN B 228 -27.66 5.84 39.22
CA GLN B 228 -27.67 6.50 40.50
C GLN B 228 -28.72 5.97 41.50
N LEU B 229 -29.79 5.34 41.01
CA LEU B 229 -30.86 4.86 41.92
C LEU B 229 -30.58 3.50 42.54
N LEU B 230 -29.32 3.07 42.56
CA LEU B 230 -28.98 1.78 43.11
C LEU B 230 -28.56 1.89 44.59
N TRP B 231 -28.67 3.08 45.18
CA TRP B 231 -28.72 3.16 46.64
C TRP B 231 -30.03 3.72 47.18
N ASN B 232 -31.06 3.68 46.33
CA ASN B 232 -32.38 4.27 46.61
C ASN B 232 -32.27 5.56 47.44
N PRO B 233 -31.43 6.51 46.99
CA PRO B 233 -31.03 7.68 47.76
C PRO B 233 -32.16 8.63 48.08
N GLY B 234 -32.13 9.18 49.28
CA GLY B 234 -33.18 10.09 49.77
C GLY B 234 -33.16 11.43 49.06
N ILE B 235 -32.04 11.75 48.42
CA ILE B 235 -31.92 12.99 47.67
C ILE B 235 -31.60 12.63 46.23
N LEU B 236 -31.84 13.55 45.30
CA LEU B 236 -31.57 13.32 43.89
C LEU B 236 -31.51 14.64 43.13
N ILE B 237 -30.39 14.88 42.46
CA ILE B 237 -30.15 16.16 41.81
C ILE B 237 -29.88 15.96 40.33
N LEU B 238 -30.70 16.58 39.49
CA LEU B 238 -30.62 16.40 38.04
C LEU B 238 -30.29 17.71 37.33
N ASP B 239 -29.22 17.71 36.54
CA ASP B 239 -28.83 18.92 35.82
C ASP B 239 -29.43 18.95 34.41
N GLU B 240 -30.52 19.69 34.25
CA GLU B 240 -31.14 19.98 32.93
C GLU B 240 -31.61 18.74 32.15
N PRO B 241 -32.14 17.73 32.86
CA PRO B 241 -32.44 16.43 32.26
C PRO B 241 -33.18 16.50 30.93
N THR B 242 -34.13 17.42 30.77
CA THR B 242 -34.89 17.51 29.53
C THR B 242 -33.98 17.80 28.33
N SER B 243 -33.02 18.71 28.51
CA SER B 243 -32.20 19.20 27.38
C SER B 243 -31.83 18.07 26.44
N GLY B 244 -32.26 18.19 25.18
CA GLY B 244 -32.01 17.15 24.18
C GLY B 244 -33.26 16.38 23.81
N LEU B 245 -33.98 15.87 24.80
CA LEU B 245 -35.20 15.12 24.54
C LEU B 245 -36.21 15.96 23.76
N ASP B 246 -37.25 15.30 23.26
CA ASP B 246 -38.33 15.96 22.55
C ASP B 246 -39.40 16.26 23.56
N SER B 247 -40.12 17.36 23.39
CA SER B 247 -41.05 17.81 24.42
C SER B 247 -41.99 16.66 24.74
N PHE B 248 -42.42 15.96 23.69
CA PHE B 248 -43.26 14.78 23.79
C PHE B 248 -42.79 13.84 24.91
N THR B 249 -41.50 13.51 24.89
CA THR B 249 -40.88 12.65 25.91
C THR B 249 -40.49 13.39 27.20
N ALA B 250 -40.15 14.67 27.10
CA ALA B 250 -39.78 15.48 28.26
C ALA B 250 -40.81 15.32 29.37
N HIS B 251 -42.08 15.54 29.02
CA HIS B 251 -43.21 15.21 29.89
C HIS B 251 -43.02 13.86 30.57
N ASN B 252 -42.85 12.83 29.73
CA ASN B 252 -42.81 11.44 30.18
C ASN B 252 -41.55 11.10 30.99
N LEU B 253 -40.55 11.98 30.95
CA LEU B 253 -39.40 11.90 31.84
C LEU B 253 -39.67 12.62 33.14
N VAL B 254 -39.99 13.91 33.04
CA VAL B 254 -40.17 14.76 34.20
C VAL B 254 -41.31 14.20 35.10
N LYS B 255 -42.29 13.53 34.49
CA LYS B 255 -43.34 12.83 35.25
C LYS B 255 -42.80 11.59 35.98
N THR B 256 -41.82 10.91 35.39
CA THR B 256 -41.10 9.82 36.06
C THR B 256 -40.25 10.38 37.19
N LEU B 257 -39.71 11.58 36.98
CA LEU B 257 -38.98 12.27 38.06
C LEU B 257 -39.93 12.62 39.19
N SER B 258 -41.11 13.12 38.84
CA SER B 258 -42.17 13.36 39.81
C SER B 258 -42.58 12.04 40.50
N ARG B 259 -42.67 10.95 39.72
CA ARG B 259 -43.01 9.62 40.27
C ARG B 259 -41.99 9.24 41.32
N LEU B 260 -40.73 9.15 40.90
CA LEU B 260 -39.64 9.03 41.87
C LEU B 260 -39.93 9.92 43.07
N ALA B 261 -40.18 11.21 42.82
CA ALA B 261 -40.42 12.18 43.89
C ALA B 261 -41.52 11.74 44.85
N LYS B 262 -42.60 11.17 44.33
CA LYS B 262 -43.70 10.74 45.20
C LYS B 262 -43.21 9.72 46.21
N GLY B 263 -42.20 8.94 45.83
CA GLY B 263 -41.57 8.05 46.78
C GLY B 263 -40.95 8.97 47.80
N ASN B 264 -40.15 8.47 48.73
CA ASN B 264 -39.55 9.37 49.71
C ASN B 264 -38.27 10.02 49.15
N ARG B 265 -38.29 10.30 47.84
CA ARG B 265 -37.14 10.85 47.14
C ARG B 265 -37.28 12.38 47.20
N LEU B 266 -36.15 13.06 47.39
CA LEU B 266 -36.11 14.52 47.28
C LEU B 266 -35.55 14.78 45.91
N VAL B 267 -36.15 15.69 45.16
CA VAL B 267 -35.75 15.87 43.78
C VAL B 267 -35.41 17.34 43.53
N LEU B 268 -34.25 17.57 42.90
CA LEU B 268 -33.78 18.91 42.52
C LEU B 268 -33.52 18.96 41.02
N ILE B 269 -34.09 19.96 40.35
CA ILE B 269 -33.94 20.09 38.89
C ILE B 269 -33.46 21.49 38.61
N SER B 270 -32.84 21.69 37.44
CA SER B 270 -32.56 23.03 36.94
C SER B 270 -32.92 23.17 35.47
N LEU B 271 -33.97 23.93 35.16
CA LEU B 271 -34.46 24.11 33.79
C LEU B 271 -34.47 25.58 33.36
N HIS B 272 -33.53 25.97 32.51
CA HIS B 272 -33.45 27.37 32.11
C HIS B 272 -34.45 27.80 31.04
N GLN B 273 -34.81 26.90 30.13
CA GLN B 273 -35.87 27.17 29.17
C GLN B 273 -36.87 26.04 29.31
N PRO B 274 -37.76 26.17 30.30
CA PRO B 274 -38.67 25.08 30.54
C PRO B 274 -39.93 25.13 29.70
N ARG B 275 -40.33 26.31 29.20
CA ARG B 275 -41.59 26.50 28.48
C ARG B 275 -42.77 26.18 29.40
N SER B 276 -43.98 26.47 28.96
CA SER B 276 -45.15 26.24 29.80
C SER B 276 -45.48 24.79 30.12
N ASP B 277 -45.57 23.92 29.11
CA ASP B 277 -46.17 22.61 29.39
C ASP B 277 -45.41 21.87 30.53
N ILE B 278 -44.12 21.63 30.38
CA ILE B 278 -43.31 21.03 31.45
C ILE B 278 -43.57 21.82 32.75
N PHE B 279 -43.64 23.15 32.66
CA PHE B 279 -43.93 23.99 33.83
C PHE B 279 -45.04 23.37 34.66
N ARG B 280 -46.15 23.05 34.00
CA ARG B 280 -47.35 22.68 34.75
C ARG B 280 -47.01 21.53 35.71
N LEU B 281 -46.08 20.65 35.31
CA LEU B 281 -45.70 19.47 36.10
C LEU B 281 -44.82 19.72 37.33
N PHE B 282 -44.46 20.97 37.61
CA PHE B 282 -43.65 21.28 38.79
C PHE B 282 -44.43 21.19 40.09
N ASP B 283 -43.79 20.68 41.13
CA ASP B 283 -44.34 20.67 42.47
C ASP B 283 -43.86 21.96 43.12
N LEU B 284 -42.56 22.04 43.42
CA LEU B 284 -41.98 23.29 43.88
C LEU B 284 -41.13 23.94 42.77
N VAL B 285 -41.14 25.28 42.77
CA VAL B 285 -40.42 26.09 41.81
C VAL B 285 -39.55 27.14 42.52
N LEU B 286 -38.37 27.37 41.98
CA LEU B 286 -37.52 28.48 42.41
C LEU B 286 -37.04 29.28 41.19
N LEU B 287 -37.45 30.54 41.10
CA LEU B 287 -37.15 31.33 39.93
C LEU B 287 -36.15 32.42 40.27
N MET B 288 -35.00 32.42 39.59
CA MET B 288 -33.95 33.41 39.85
C MET B 288 -33.31 33.96 38.57
N THR B 289 -33.08 35.27 38.58
CA THR B 289 -32.35 35.92 37.50
C THR B 289 -30.97 36.32 38.00
N SER B 290 -29.95 35.81 37.32
CA SER B 290 -28.56 36.13 37.56
C SER B 290 -28.20 36.25 39.04
N GLY B 291 -28.44 35.19 39.82
CA GLY B 291 -27.88 35.13 41.17
C GLY B 291 -28.65 35.85 42.26
N THR B 292 -29.92 36.20 42.05
CA THR B 292 -30.85 36.54 43.14
C THR B 292 -32.08 35.67 42.93
N PRO B 293 -32.76 35.26 44.02
CA PRO B 293 -34.05 34.59 43.92
C PRO B 293 -35.19 35.61 43.79
N ILE B 294 -35.95 35.53 42.70
CA ILE B 294 -37.07 36.44 42.50
C ILE B 294 -38.13 36.03 43.52
N TYR B 295 -38.49 34.74 43.56
CA TYR B 295 -39.09 34.09 44.77
C TYR B 295 -39.36 32.59 44.59
N LEU B 296 -39.30 31.90 45.72
CA LEU B 296 -39.60 30.48 45.85
C LEU B 296 -41.11 30.26 45.83
N GLY B 297 -41.60 29.10 45.38
CA GLY B 297 -43.04 28.83 45.54
C GLY B 297 -43.54 27.68 44.70
N ALA B 298 -44.73 27.18 44.98
CA ALA B 298 -45.28 26.09 44.18
C ALA B 298 -45.83 26.56 42.82
N ALA B 299 -46.03 25.58 41.94
CA ALA B 299 -46.53 25.77 40.56
C ALA B 299 -47.61 26.83 40.44
N GLN B 300 -48.75 26.57 41.08
CA GLN B 300 -49.86 27.51 41.11
C GLN B 300 -49.47 28.83 41.80
N HIS B 301 -48.92 28.75 43.01
CA HIS B 301 -48.76 29.93 43.87
C HIS B 301 -48.01 31.03 43.15
N MET B 302 -46.94 30.67 42.45
CA MET B 302 -46.18 31.69 41.73
C MET B 302 -47.13 32.54 40.87
N VAL B 303 -48.02 31.90 40.10
CA VAL B 303 -48.91 32.61 39.19
C VAL B 303 -49.54 33.78 39.95
N GLN B 304 -49.95 33.48 41.17
CA GLN B 304 -50.64 34.42 42.01
C GLN B 304 -49.68 35.38 42.73
N TYR B 305 -48.54 34.86 43.18
CA TYR B 305 -47.66 35.66 44.03
C TYR B 305 -47.10 36.89 43.32
N PHE B 306 -46.78 36.74 42.04
CA PHE B 306 -46.32 37.88 41.22
C PHE B 306 -47.52 38.65 40.65
N THR B 307 -48.70 38.35 41.17
CA THR B 307 -49.82 39.25 41.07
C THR B 307 -49.77 40.25 42.27
N ALA B 308 -48.63 40.34 42.96
CA ALA B 308 -48.25 41.58 43.69
C ALA B 308 -47.80 42.66 42.69
N ILE B 309 -47.36 42.24 41.49
CA ILE B 309 -46.96 43.14 40.38
C ILE B 309 -47.64 42.79 39.02
N GLY B 310 -48.65 41.92 39.02
CA GLY B 310 -49.59 41.78 37.89
C GLY B 310 -49.09 40.99 36.69
N TYR B 311 -49.74 39.86 36.41
CA TYR B 311 -49.27 38.90 35.40
C TYR B 311 -49.97 39.00 34.03
N PRO B 312 -49.47 38.24 33.02
CA PRO B 312 -49.93 38.42 31.64
C PRO B 312 -50.59 37.18 30.98
N CYS B 313 -50.79 37.25 29.66
CA CYS B 313 -51.32 36.12 28.85
C CYS B 313 -50.34 35.02 28.44
N PRO B 314 -49.12 35.37 27.94
CA PRO B 314 -48.18 34.37 27.38
C PRO B 314 -47.82 33.10 28.18
N ARG B 315 -46.95 33.18 29.19
CA ARG B 315 -46.37 31.96 29.78
C ARG B 315 -45.89 32.20 31.20
N TYR B 316 -45.44 31.14 31.87
CA TYR B 316 -44.89 31.28 33.20
C TYR B 316 -43.45 31.87 33.30
N SER B 317 -42.66 31.88 32.24
CA SER B 317 -41.30 32.43 32.31
C SER B 317 -41.20 33.95 31.98
N ASN B 318 -42.24 34.52 31.35
CA ASN B 318 -42.41 36.01 31.21
C ASN B 318 -41.90 36.86 32.42
N PRO B 319 -42.38 36.56 33.63
CA PRO B 319 -41.94 37.27 34.83
C PRO B 319 -40.42 37.13 35.11
N ALA B 320 -39.83 36.00 34.71
CA ALA B 320 -38.38 35.83 34.75
C ALA B 320 -37.75 36.95 33.92
N ASP B 321 -38.36 37.25 32.76
CA ASP B 321 -37.94 38.37 31.90
C ASP B 321 -38.25 39.72 32.55
N PHE B 322 -39.44 39.89 33.10
CA PHE B 322 -39.73 41.15 33.81
C PHE B 322 -38.65 41.43 34.90
N TYR B 323 -38.17 40.36 35.56
CA TYR B 323 -36.92 40.44 36.37
C TYR B 323 -35.71 39.81 35.69
N ALA B 344 -35.51 43.71 62.85
CA ALA B 344 -36.90 43.22 62.89
C ALA B 344 -37.95 44.25 62.42
N GLN B 345 -37.63 45.55 62.51
CA GLN B 345 -38.58 46.64 62.15
C GLN B 345 -39.84 46.69 63.04
N SER B 346 -41.04 46.47 62.49
CA SER B 346 -42.29 46.59 63.22
C SER B 346 -42.40 45.40 64.18
N LEU B 347 -42.83 45.63 65.42
CA LEU B 347 -42.91 44.52 66.40
C LEU B 347 -43.80 43.38 65.89
N ALA B 348 -44.84 43.72 65.14
CA ALA B 348 -45.63 42.71 64.41
C ALA B 348 -44.68 41.69 63.81
N ALA B 349 -43.76 42.19 62.99
CA ALA B 349 -42.84 41.30 62.32
C ALA B 349 -41.97 40.52 63.32
N LEU B 350 -41.60 41.14 64.44
CA LEU B 350 -40.66 40.54 65.41
C LEU B 350 -41.14 39.17 65.86
N PHE B 351 -42.43 39.09 66.18
CA PHE B 351 -43.02 37.80 66.50
C PHE B 351 -42.83 36.83 65.34
N LEU B 352 -43.19 37.22 64.12
CA LEU B 352 -42.99 36.35 62.96
C LEU B 352 -41.53 35.88 62.82
N GLU B 353 -40.58 36.79 62.99
CA GLU B 353 -39.16 36.45 63.01
C GLU B 353 -38.98 35.28 63.98
N LYS B 354 -39.52 35.43 65.18
CA LYS B 354 -39.32 34.42 66.20
C LYS B 354 -39.93 33.11 65.71
N VAL B 355 -41.15 33.23 65.22
CA VAL B 355 -41.93 32.09 64.84
C VAL B 355 -41.24 31.31 63.76
N ARG B 356 -40.76 31.96 62.69
CA ARG B 356 -40.11 31.22 61.64
C ARG B 356 -38.98 30.38 62.25
N ASP B 357 -38.18 31.03 63.10
CA ASP B 357 -37.16 30.34 63.89
C ASP B 357 -37.81 29.11 64.52
N LEU B 358 -38.87 29.32 65.29
CA LEU B 358 -39.59 28.19 65.92
C LEU B 358 -40.09 27.03 64.99
N ASP B 359 -40.79 27.38 63.91
CA ASP B 359 -41.03 26.54 62.75
C ASP B 359 -39.73 25.85 62.48
N ASP B 360 -38.73 26.67 62.18
CA ASP B 360 -37.46 26.18 61.68
C ASP B 360 -36.95 25.03 62.56
N PHE B 361 -36.84 25.25 63.87
CA PHE B 361 -36.40 24.13 64.73
C PHE B 361 -37.19 22.91 64.35
N LEU B 362 -38.51 23.03 64.33
CA LEU B 362 -39.41 21.91 64.02
C LEU B 362 -39.02 21.19 62.75
N TRP B 363 -38.67 21.96 61.72
CA TRP B 363 -38.25 21.40 60.43
C TRP B 363 -37.19 20.31 60.65
N LYS B 364 -36.09 20.67 61.30
CA LYS B 364 -35.08 19.67 61.67
C LYS B 364 -35.63 18.66 62.71
N ALA B 365 -36.50 19.13 63.61
CA ALA B 365 -37.01 18.34 64.71
C ALA B 365 -37.70 17.08 64.23
N GLU B 366 -38.53 17.24 63.20
CA GLU B 366 -39.15 16.10 62.54
C GLU B 366 -38.07 15.15 62.03
N THR B 367 -37.02 15.70 61.40
CA THR B 367 -35.93 14.89 60.86
C THR B 367 -35.32 14.05 61.99
N LYS B 368 -35.11 14.70 63.12
CA LYS B 368 -34.48 14.15 64.31
C LYS B 368 -35.50 13.55 65.27
N GLY B 396 -15.67 -3.68 49.04
CA GLY B 396 -14.25 -3.98 49.25
C GLY B 396 -13.36 -4.05 48.01
N ALA B 397 -12.12 -3.57 48.17
CA ALA B 397 -11.19 -3.35 47.06
C ALA B 397 -11.11 -4.53 46.11
N VAL B 398 -10.74 -5.68 46.65
CA VAL B 398 -10.66 -6.92 45.88
C VAL B 398 -11.93 -7.06 45.05
N GLN B 399 -13.07 -7.00 45.73
CA GLN B 399 -14.35 -7.19 45.08
C GLN B 399 -14.50 -6.13 43.99
N GLN B 400 -14.10 -4.89 44.31
CA GLN B 400 -14.20 -3.82 43.33
C GLN B 400 -13.36 -4.23 42.16
N PHE B 401 -12.08 -4.42 42.44
CA PHE B 401 -11.11 -4.70 41.42
C PHE B 401 -11.64 -5.70 40.38
N THR B 402 -12.10 -6.86 40.83
CA THR B 402 -12.59 -7.89 39.87
C THR B 402 -13.66 -7.24 38.97
N THR B 403 -14.69 -6.68 39.61
CA THR B 403 -15.78 -6.04 38.88
C THR B 403 -15.22 -5.18 37.75
N LEU B 404 -14.42 -4.20 38.14
CA LEU B 404 -13.81 -3.34 37.15
C LEU B 404 -13.25 -4.11 36.00
N ILE B 405 -12.37 -5.10 36.25
CA ILE B 405 -11.72 -5.76 35.11
C ILE B 405 -12.78 -6.49 34.29
N ARG B 406 -13.79 -7.05 34.95
CA ARG B 406 -14.84 -7.77 34.21
C ARG B 406 -15.60 -6.82 33.29
N ARG B 407 -16.09 -5.71 33.84
CA ARG B 407 -16.82 -4.74 33.02
C ARG B 407 -15.90 -4.16 31.93
N GLN B 408 -14.79 -3.57 32.36
CA GLN B 408 -13.76 -3.03 31.45
C GLN B 408 -13.42 -4.00 30.30
N ILE B 409 -13.23 -5.26 30.63
CA ILE B 409 -12.76 -6.26 29.67
C ILE B 409 -13.90 -6.74 28.77
N SER B 410 -15.09 -6.85 29.35
CA SER B 410 -16.27 -7.22 28.59
C SER B 410 -16.43 -6.25 27.42
N ASN B 411 -16.74 -4.99 27.71
CA ASN B 411 -17.01 -4.01 26.68
C ASN B 411 -15.92 -4.02 25.62
N ASP B 412 -14.69 -3.83 26.08
CA ASP B 412 -13.53 -3.77 25.18
C ASP B 412 -13.50 -5.03 24.30
N PHE B 413 -13.85 -6.20 24.86
CA PHE B 413 -13.92 -7.39 24.00
C PHE B 413 -15.14 -7.48 23.08
N ARG B 414 -16.27 -6.89 23.49
CA ARG B 414 -17.47 -6.90 22.62
C ARG B 414 -17.39 -5.81 21.56
N ASP B 415 -16.40 -4.93 21.69
CA ASP B 415 -16.02 -3.98 20.64
C ASP B 415 -15.24 -4.75 19.58
N LEU B 416 -15.87 -5.05 18.44
CA LEU B 416 -15.13 -5.66 17.33
C LEU B 416 -14.38 -4.64 16.49
N PRO B 417 -15.06 -3.55 16.06
CA PRO B 417 -14.45 -2.64 15.09
C PRO B 417 -13.03 -2.24 15.45
N THR B 418 -12.83 -1.71 16.65
CA THR B 418 -11.49 -1.28 17.09
C THR B 418 -10.58 -2.51 16.99
N LEU B 419 -11.07 -3.60 17.59
CA LEU B 419 -10.32 -4.84 17.73
C LEU B 419 -9.78 -5.40 16.42
N LEU B 420 -10.56 -5.32 15.34
CA LEU B 420 -10.08 -5.78 14.02
C LEU B 420 -8.98 -4.87 13.51
N ILE B 421 -9.20 -3.58 13.74
CA ILE B 421 -8.24 -2.62 13.30
C ILE B 421 -6.93 -2.87 13.99
N HIS B 422 -6.94 -2.86 15.32
CA HIS B 422 -5.67 -2.98 16.03
C HIS B 422 -4.89 -4.15 15.43
N GLY B 423 -5.48 -5.34 15.41
CA GLY B 423 -4.90 -6.49 14.70
C GLY B 423 -4.33 -6.11 13.36
N ALA B 424 -5.19 -5.60 12.48
CA ALA B 424 -4.70 -5.12 11.19
C ALA B 424 -3.50 -4.19 11.42
N GLU B 425 -3.76 -3.16 12.25
CA GLU B 425 -2.85 -2.02 12.49
C GLU B 425 -1.44 -2.51 12.81
N ALA B 426 -1.37 -3.57 13.59
CA ALA B 426 -0.13 -4.22 13.92
C ALA B 426 0.21 -5.10 12.74
N CYS B 427 -0.67 -6.05 12.44
CA CYS B 427 -0.36 -7.06 11.43
C CYS B 427 0.51 -6.43 10.36
N LEU B 428 -0.02 -5.38 9.74
CA LEU B 428 0.56 -4.89 8.51
C LEU B 428 1.99 -4.39 8.73
N MET B 429 2.19 -3.60 9.77
CA MET B 429 3.55 -3.19 10.12
C MET B 429 4.46 -4.43 10.05
N SER B 430 4.06 -5.52 10.71
CA SER B 430 4.92 -6.70 10.75
C SER B 430 5.21 -7.16 9.35
N MET B 431 4.14 -7.27 8.56
CA MET B 431 4.24 -7.71 7.17
C MET B 431 5.33 -6.89 6.49
N THR B 432 5.18 -5.57 6.52
CA THR B 432 6.06 -4.72 5.73
C THR B 432 7.46 -4.81 6.28
N ILE B 433 7.63 -4.47 7.55
CA ILE B 433 8.95 -4.59 8.16
C ILE B 433 9.62 -5.86 7.69
N GLY B 434 8.92 -6.98 7.87
CA GLY B 434 9.42 -8.27 7.40
C GLY B 434 9.87 -8.23 5.94
N PHE B 435 8.94 -7.96 5.02
CA PHE B 435 9.28 -8.05 3.59
C PHE B 435 10.51 -7.19 3.34
N LEU B 436 10.48 -6.00 3.90
CA LEU B 436 11.51 -5.05 3.66
C LEU B 436 12.88 -5.56 4.03
N TYR B 437 12.95 -6.43 5.01
CA TYR B 437 14.21 -7.07 5.35
C TYR B 437 14.16 -8.58 5.04
N PHE B 438 13.33 -8.95 4.09
CA PHE B 438 13.05 -10.35 3.80
C PHE B 438 14.31 -11.17 3.82
N GLY B 439 14.37 -12.14 4.73
CA GLY B 439 15.60 -12.89 5.03
C GLY B 439 15.94 -14.05 4.10
N HIS B 440 15.03 -14.41 3.21
CA HIS B 440 15.29 -15.45 2.22
C HIS B 440 15.27 -14.84 0.85
N GLY B 441 15.54 -15.65 -0.16
CA GLY B 441 15.72 -15.13 -1.51
C GLY B 441 17.14 -14.61 -1.66
N SER B 442 17.47 -14.28 -2.91
CA SER B 442 18.84 -13.93 -3.31
C SER B 442 19.49 -12.98 -2.31
N ILE B 443 18.91 -11.79 -2.23
CA ILE B 443 19.34 -10.77 -1.28
C ILE B 443 19.50 -11.38 0.11
N GLN B 444 20.59 -11.03 0.81
CA GLN B 444 20.89 -11.58 2.12
C GLN B 444 20.90 -10.49 3.16
N LEU B 445 20.42 -10.80 4.35
CA LEU B 445 20.35 -9.80 5.39
C LEU B 445 21.81 -9.39 5.64
N SER B 446 22.03 -8.08 5.71
CA SER B 446 23.35 -7.50 5.85
C SER B 446 23.60 -7.12 7.31
N PHE B 447 24.58 -7.69 8.00
CA PHE B 447 24.57 -7.48 9.46
C PHE B 447 24.37 -5.98 9.79
N MET B 448 25.08 -5.14 9.03
CA MET B 448 24.75 -3.73 8.87
C MET B 448 23.24 -3.49 8.98
N ASP B 449 22.48 -4.19 8.15
CA ASP B 449 21.03 -4.01 8.05
C ASP B 449 20.23 -4.75 9.13
N THR B 450 20.61 -5.98 9.41
CA THR B 450 19.89 -6.82 10.35
C THR B 450 19.80 -6.18 11.72
N ALA B 451 20.79 -5.38 12.09
CA ALA B 451 20.64 -4.60 13.29
C ALA B 451 19.44 -3.67 13.14
N ALA B 452 19.50 -2.82 12.12
CA ALA B 452 18.43 -1.89 11.79
C ALA B 452 17.06 -2.52 12.07
N LEU B 453 16.75 -3.62 11.38
CA LEU B 453 15.47 -4.27 11.64
C LEU B 453 15.23 -4.43 13.15
N LEU B 454 16.10 -5.19 13.79
CA LEU B 454 16.04 -5.43 15.23
C LEU B 454 15.80 -4.15 16.05
N PHE B 455 16.29 -3.01 15.59
CA PHE B 455 16.04 -1.76 16.29
C PHE B 455 14.58 -1.35 16.01
N MET B 456 14.29 -1.28 14.72
CA MET B 456 12.98 -0.85 14.21
C MET B 456 11.80 -1.59 14.84
N ILE B 457 11.84 -2.93 14.71
CA ILE B 457 10.82 -3.79 15.27
C ILE B 457 10.47 -3.32 16.67
N GLY B 458 11.47 -2.78 17.37
CA GLY B 458 11.26 -2.21 18.69
C GLY B 458 10.72 -0.81 18.62
N ALA B 459 11.54 0.10 18.11
CA ALA B 459 11.20 1.51 18.17
C ALA B 459 10.35 2.00 16.99
N LEU B 460 9.46 1.15 16.54
CA LEU B 460 8.48 1.54 15.56
C LEU B 460 7.08 1.56 16.21
N ILE B 461 6.68 0.41 16.79
CA ILE B 461 5.29 0.23 17.28
C ILE B 461 4.87 1.32 18.24
N PRO B 462 5.79 1.80 19.10
CA PRO B 462 5.44 2.98 19.87
C PRO B 462 4.59 3.96 19.09
N PHE B 463 5.09 4.40 17.93
CA PHE B 463 4.44 5.49 17.28
C PHE B 463 2.98 5.21 16.94
N ASN B 464 2.57 3.94 17.00
CA ASN B 464 1.18 3.62 16.95
C ASN B 464 0.65 3.54 18.40
N VAL B 465 1.22 2.61 19.16
CA VAL B 465 0.65 2.22 20.46
C VAL B 465 0.42 3.46 21.34
N ILE B 466 1.40 4.37 21.38
CA ILE B 466 1.28 5.59 22.14
C ILE B 466 -0.11 6.13 21.89
N LEU B 467 -0.37 6.47 20.64
CA LEU B 467 -1.60 7.12 20.26
C LEU B 467 -2.78 6.19 20.53
N ASP B 468 -2.58 4.90 20.22
CA ASP B 468 -3.57 3.85 20.51
C ASP B 468 -4.12 4.02 21.95
N VAL B 469 -3.23 3.94 22.94
CA VAL B 469 -3.70 3.87 24.34
C VAL B 469 -3.87 5.25 25.01
N ILE B 470 -3.19 6.28 24.50
CA ILE B 470 -3.49 7.63 24.94
C ILE B 470 -4.92 7.93 24.56
N SER B 471 -5.23 7.67 23.30
CA SER B 471 -6.59 7.82 22.84
C SER B 471 -7.64 7.28 23.83
N LYS B 472 -7.48 6.03 24.30
CA LYS B 472 -8.48 5.41 25.19
C LYS B 472 -8.55 6.13 26.55
N CYS B 473 -7.44 6.06 27.30
CA CYS B 473 -7.35 6.70 28.61
C CYS B 473 -7.92 8.11 28.52
N TYR B 474 -7.52 8.88 27.51
CA TYR B 474 -8.07 10.25 27.40
C TYR B 474 -9.56 10.34 27.04
N SER B 475 -10.04 9.42 26.19
CA SER B 475 -11.47 9.30 25.94
C SER B 475 -12.19 8.67 27.14
N GLU B 476 -11.44 8.40 28.22
CA GLU B 476 -12.10 8.22 29.53
C GLU B 476 -12.03 9.47 30.46
N ARG B 477 -13.19 10.09 30.59
CA ARG B 477 -13.49 10.97 31.70
C ARG B 477 -14.26 10.18 32.76
N ALA B 478 -14.89 9.08 32.36
CA ALA B 478 -15.76 8.33 33.26
C ALA B 478 -15.17 8.36 34.66
N MET B 479 -13.91 7.94 34.75
CA MET B 479 -13.26 7.76 36.05
C MET B 479 -13.39 8.96 37.00
N LEU B 480 -13.31 10.19 36.50
CA LEU B 480 -13.56 11.36 37.35
C LEU B 480 -14.88 11.18 38.08
N TYR B 481 -15.96 11.09 37.30
CA TYR B 481 -17.25 10.92 37.92
C TYR B 481 -17.25 9.68 38.77
N TYR B 482 -16.51 8.64 38.37
CA TYR B 482 -16.40 7.50 39.29
C TYR B 482 -15.67 7.88 40.61
N GLU B 483 -14.54 8.58 40.52
CA GLU B 483 -13.83 9.03 41.71
C GLU B 483 -14.79 9.77 42.62
N LEU B 484 -15.40 10.83 42.08
CA LEU B 484 -16.23 11.72 42.89
C LEU B 484 -17.49 11.03 43.41
N GLU B 485 -18.15 10.26 42.55
CA GLU B 485 -19.36 9.55 42.98
C GLU B 485 -19.06 8.42 43.95
N ASP B 486 -17.86 7.82 43.88
CA ASP B 486 -17.34 6.87 44.89
C ASP B 486 -17.40 5.37 44.47
N GLY B 487 -17.65 5.09 43.19
CA GLY B 487 -17.63 3.71 42.67
C GLY B 487 -16.32 2.96 42.94
N LEU B 488 -15.18 3.63 42.68
CA LEU B 488 -13.80 3.04 42.70
C LEU B 488 -12.72 3.72 43.62
N TYR B 489 -11.86 2.94 44.28
CA TYR B 489 -10.67 3.48 44.98
C TYR B 489 -9.56 3.72 43.94
N THR B 490 -8.36 4.04 44.43
CA THR B 490 -7.08 3.73 43.76
C THR B 490 -6.03 2.95 44.61
N THR B 491 -6.33 2.60 45.88
CA THR B 491 -5.47 1.73 46.76
C THR B 491 -5.00 0.33 46.26
N GLY B 492 -5.97 -0.53 45.94
CA GLY B 492 -5.78 -1.77 45.19
C GLY B 492 -6.71 -1.96 43.99
N PRO B 493 -7.15 -0.86 43.32
CA PRO B 493 -8.45 -0.79 42.65
C PRO B 493 -8.47 -0.64 41.13
N TYR B 494 -7.89 0.43 40.58
CA TYR B 494 -8.07 0.83 39.18
C TYR B 494 -6.76 0.87 38.46
N PHE B 495 -5.76 1.40 39.16
CA PHE B 495 -4.38 1.30 38.77
C PHE B 495 -4.09 -0.10 38.28
N PHE B 496 -4.66 -1.08 38.97
CA PHE B 496 -4.63 -2.46 38.52
C PHE B 496 -5.77 -2.72 37.55
N ALA B 497 -6.87 -1.99 37.67
CA ALA B 497 -8.00 -2.19 36.78
C ALA B 497 -7.58 -2.17 35.34
N LYS B 498 -7.02 -1.05 34.92
CA LYS B 498 -6.75 -0.96 33.50
C LYS B 498 -5.50 -1.73 33.08
N ILE B 499 -4.39 -1.56 33.79
CA ILE B 499 -3.12 -2.17 33.39
C ILE B 499 -3.27 -3.66 33.02
N LEU B 500 -4.15 -4.35 33.71
CA LEU B 500 -4.48 -5.72 33.36
C LEU B 500 -5.54 -5.79 32.27
N GLY B 501 -6.56 -4.93 32.36
CA GLY B 501 -7.63 -4.82 31.36
C GLY B 501 -7.26 -4.88 29.89
N GLU B 502 -6.26 -4.10 29.48
CA GLU B 502 -5.73 -4.17 28.11
C GLU B 502 -5.09 -5.50 27.80
N LEU B 503 -4.41 -6.05 28.80
CA LEU B 503 -3.41 -7.09 28.60
C LEU B 503 -3.76 -8.11 27.49
N PRO B 504 -4.88 -8.82 27.62
CA PRO B 504 -5.21 -9.81 26.59
C PRO B 504 -5.18 -9.25 25.16
N GLU B 505 -5.82 -8.10 24.92
CA GLU B 505 -5.66 -7.40 23.64
C GLU B 505 -4.17 -7.33 23.33
N HIS B 506 -3.45 -6.65 24.22
CA HIS B 506 -2.04 -6.34 24.05
C HIS B 506 -1.18 -7.55 23.68
N CYS B 507 -1.52 -8.72 24.20
CA CYS B 507 -0.81 -9.94 23.86
C CYS B 507 -1.00 -10.32 22.40
N ALA B 508 -2.26 -10.30 21.93
CA ALA B 508 -2.50 -10.56 20.53
C ALA B 508 -1.76 -9.50 19.73
N TYR B 509 -2.05 -8.25 20.09
CA TYR B 509 -1.44 -7.09 19.45
C TYR B 509 0.07 -7.34 19.25
N ILE B 510 0.75 -7.78 20.31
CA ILE B 510 2.16 -8.07 20.17
C ILE B 510 2.38 -9.24 19.27
N ILE B 511 1.78 -10.38 19.56
CA ILE B 511 2.10 -11.59 18.82
C ILE B 511 1.94 -11.42 17.29
N ILE B 512 0.81 -10.81 16.91
CA ILE B 512 0.50 -10.44 15.52
C ILE B 512 1.59 -9.62 14.87
N TYR B 513 2.23 -8.76 15.66
CA TYR B 513 3.25 -7.86 15.17
C TYR B 513 4.67 -8.46 15.21
N GLY B 514 4.90 -9.32 16.20
CA GLY B 514 6.21 -9.82 16.54
C GLY B 514 6.53 -11.16 15.90
N MET B 515 5.55 -12.08 15.77
CA MET B 515 5.95 -13.36 15.12
C MET B 515 6.43 -13.16 13.68
N PRO B 516 5.53 -12.68 12.80
CA PRO B 516 5.78 -12.81 11.37
C PRO B 516 7.08 -12.15 10.93
N THR B 517 7.26 -10.89 11.32
CA THR B 517 8.50 -10.18 11.13
C THR B 517 9.65 -11.16 11.32
N TYR B 518 9.68 -11.80 12.50
CA TYR B 518 10.75 -12.70 12.87
C TYR B 518 11.07 -13.67 11.75
N TRP B 519 10.04 -14.34 11.21
CA TRP B 519 10.24 -15.35 10.18
C TRP B 519 10.58 -14.72 8.84
N LEU B 520 9.78 -13.74 8.44
CA LEU B 520 10.03 -13.07 7.18
C LEU B 520 11.47 -12.68 7.11
N ALA B 521 11.94 -11.94 8.11
CA ALA B 521 13.32 -11.45 8.09
C ALA B 521 14.35 -12.52 8.44
N ASN B 522 13.93 -13.78 8.45
CA ASN B 522 14.77 -14.90 8.89
C ASN B 522 15.76 -14.62 10.00
N LEU B 523 15.24 -14.49 11.20
CA LEU B 523 16.10 -14.43 12.36
C LEU B 523 16.45 -15.86 12.78
N ARG B 524 17.48 -15.99 13.62
CA ARG B 524 17.95 -17.29 14.15
C ARG B 524 16.86 -18.33 14.26
N PRO B 525 17.19 -19.58 13.92
CA PRO B 525 16.22 -20.65 13.75
C PRO B 525 15.65 -21.27 15.02
N GLY B 526 14.84 -22.30 14.77
CA GLY B 526 14.37 -23.18 15.82
C GLY B 526 13.27 -22.54 16.60
N LEU B 527 13.60 -22.17 17.83
CA LEU B 527 12.64 -21.66 18.79
C LEU B 527 13.25 -20.80 19.86
N GLN B 528 14.19 -21.34 20.61
CA GLN B 528 14.57 -20.67 21.84
C GLN B 528 14.67 -19.18 21.54
N PRO B 529 15.55 -18.82 20.60
CA PRO B 529 15.71 -17.38 20.36
C PRO B 529 14.36 -16.68 20.16
N PHE B 530 13.57 -17.14 19.18
CA PHE B 530 12.22 -16.62 18.91
C PHE B 530 11.56 -16.15 20.19
N LEU B 531 11.58 -16.99 21.23
CA LEU B 531 10.71 -16.71 22.35
C LEU B 531 11.36 -15.70 23.28
N LEU B 532 12.69 -15.76 23.39
CA LEU B 532 13.40 -14.77 24.15
C LEU B 532 13.12 -13.40 23.49
N HIS B 533 13.30 -13.36 22.17
CA HIS B 533 12.97 -12.21 21.30
C HIS B 533 11.58 -11.71 21.68
N PHE B 534 10.59 -12.50 21.31
CA PHE B 534 9.20 -12.14 21.48
C PHE B 534 8.98 -11.60 22.88
N LEU B 535 9.29 -12.43 23.86
CA LEU B 535 9.13 -12.09 25.26
C LEU B 535 9.69 -10.70 25.60
N LEU B 536 10.81 -10.32 25.01
CA LEU B 536 11.36 -9.00 25.25
C LEU B 536 10.49 -7.94 24.58
N VAL B 537 10.16 -8.15 23.31
CA VAL B 537 9.36 -7.19 22.57
C VAL B 537 8.14 -6.91 23.45
N TRP B 538 7.63 -7.99 24.02
CA TRP B 538 6.51 -7.94 24.93
C TRP B 538 6.73 -6.91 26.05
N LEU B 539 7.81 -7.08 26.81
CA LEU B 539 8.06 -6.18 27.93
C LEU B 539 8.37 -4.76 27.47
N VAL B 540 8.96 -4.62 26.29
CA VAL B 540 9.27 -3.30 25.73
C VAL B 540 7.95 -2.57 25.42
N VAL B 541 7.13 -3.20 24.60
CA VAL B 541 5.85 -2.61 24.21
C VAL B 541 4.98 -2.39 25.44
N PHE B 542 5.02 -3.33 26.37
CA PHE B 542 4.20 -3.22 27.56
C PHE B 542 4.65 -2.09 28.45
N CYS B 543 5.96 -2.01 28.67
CA CYS B 543 6.53 -0.84 29.32
C CYS B 543 5.97 0.41 28.62
N CYS B 544 6.08 0.42 27.30
CA CYS B 544 5.58 1.57 26.57
C CYS B 544 4.11 1.90 26.81
N ARG B 545 3.22 0.89 26.85
CA ARG B 545 1.79 1.14 27.20
C ARG B 545 1.71 1.91 28.52
N ILE B 546 2.31 1.35 29.56
CA ILE B 546 2.29 2.01 30.86
C ILE B 546 2.80 3.43 30.71
N MET B 547 3.94 3.60 30.03
CA MET B 547 4.46 4.96 29.84
C MET B 547 3.34 5.88 29.39
N ALA B 548 2.60 5.43 28.39
CA ALA B 548 1.53 6.24 27.86
C ALA B 548 0.55 6.49 28.95
N LEU B 549 0.08 5.42 29.59
CA LEU B 549 -0.94 5.61 30.63
C LEU B 549 -0.55 6.68 31.63
N ALA B 550 0.67 6.55 32.15
CA ALA B 550 1.23 7.57 33.03
C ALA B 550 1.13 8.93 32.35
N ALA B 551 1.79 9.07 31.19
CA ALA B 551 1.79 10.34 30.46
C ALA B 551 0.39 10.96 30.42
N ALA B 552 -0.61 10.15 30.11
CA ALA B 552 -1.98 10.58 29.90
C ALA B 552 -2.70 10.96 31.18
N ALA B 553 -2.61 10.08 32.18
CA ALA B 553 -3.31 10.34 33.44
C ALA B 553 -2.81 11.59 34.18
N LEU B 554 -1.53 11.93 34.00
CA LEU B 554 -0.95 13.04 34.75
C LEU B 554 -1.07 14.33 34.00
N LEU B 555 -0.73 14.33 32.73
CA LEU B 555 -0.92 15.54 31.96
C LEU B 555 -2.42 15.83 31.91
N PRO B 556 -2.82 16.95 31.26
CA PRO B 556 -4.24 17.28 31.16
C PRO B 556 -4.88 17.48 29.75
N THR B 557 -4.30 16.97 28.67
CA THR B 557 -4.98 17.04 27.36
C THR B 557 -4.41 16.08 26.33
N PHE B 558 -5.29 15.31 25.70
CA PHE B 558 -4.90 14.34 24.69
C PHE B 558 -3.70 14.85 23.91
N HIS B 559 -3.84 16.05 23.35
CA HIS B 559 -2.76 16.68 22.60
C HIS B 559 -1.51 16.84 23.45
N MET B 560 -1.68 17.36 24.65
CA MET B 560 -0.54 17.57 25.56
C MET B 560 0.18 16.27 25.92
N ALA B 561 -0.55 15.28 26.46
CA ALA B 561 0.02 13.98 26.78
C ALA B 561 0.64 13.34 25.54
N SER B 562 -0.05 13.48 24.40
CA SER B 562 0.42 13.00 23.10
C SER B 562 1.54 13.88 22.52
N PHE B 563 1.90 14.96 23.21
CA PHE B 563 3.17 15.60 22.94
C PHE B 563 4.24 15.04 23.88
N PHE B 564 4.00 15.20 25.19
CA PHE B 564 4.98 14.80 26.20
C PHE B 564 5.49 13.43 25.79
N SER B 565 4.55 12.56 25.42
CA SER B 565 4.89 11.22 24.95
C SER B 565 5.81 11.29 23.76
N ASN B 566 5.36 11.84 22.64
CA ASN B 566 6.17 11.79 21.41
C ASN B 566 7.55 12.51 21.53
N ALA B 567 7.67 13.46 22.45
CA ALA B 567 8.96 14.02 22.82
C ALA B 567 9.81 13.03 23.64
N LEU B 568 9.20 12.50 24.68
CA LEU B 568 9.83 11.44 25.50
C LEU B 568 10.27 10.19 24.67
N TYR B 569 9.55 9.91 23.58
CA TYR B 569 9.86 8.80 22.63
C TYR B 569 10.93 9.23 21.63
N ASN B 570 10.69 10.35 20.93
CA ASN B 570 11.75 10.87 20.05
C ASN B 570 13.09 11.00 20.81
N SER B 571 13.02 11.23 22.13
CA SER B 571 14.22 11.28 23.00
C SER B 571 14.83 9.93 23.34
N PHE B 572 14.00 8.90 23.45
CA PHE B 572 14.48 7.56 23.62
C PHE B 572 15.01 6.97 22.32
N TYR B 573 14.47 7.32 21.14
CA TYR B 573 15.10 6.62 19.97
C TYR B 573 16.52 7.02 19.62
N LEU B 574 16.80 8.31 19.79
CA LEU B 574 18.16 8.78 19.63
C LEU B 574 19.09 8.00 20.57
N ALA B 575 18.73 7.96 21.85
CA ALA B 575 19.45 7.15 22.80
C ALA B 575 19.62 5.72 22.30
N GLY B 576 18.60 5.16 21.64
CA GLY B 576 18.72 3.83 21.05
C GLY B 576 20.02 3.65 20.30
N GLY B 577 20.55 2.43 20.35
CA GLY B 577 21.89 2.13 19.83
C GLY B 577 22.07 2.49 18.38
N PHE B 578 21.34 1.79 17.49
CA PHE B 578 21.55 1.88 16.05
C PHE B 578 21.71 3.31 15.48
N MET B 579 20.67 4.14 15.60
CA MET B 579 20.66 5.38 14.83
C MET B 579 21.71 6.39 15.28
N ILE B 580 22.38 6.14 16.41
CA ILE B 580 23.44 7.05 16.88
C ILE B 580 24.74 6.46 17.50
N ASN B 581 24.92 5.14 17.42
CA ASN B 581 26.15 4.45 17.91
C ASN B 581 26.42 4.41 19.43
N LEU B 582 25.62 5.12 20.23
CA LEU B 582 25.64 5.05 21.67
C LEU B 582 26.92 5.56 22.33
N SER B 583 27.98 4.75 22.37
CA SER B 583 29.10 5.04 23.25
C SER B 583 29.42 6.54 23.23
N SER B 584 29.66 7.08 22.03
CA SER B 584 29.99 8.51 21.87
C SER B 584 28.79 9.43 22.17
N LEU B 585 28.77 10.01 23.37
CA LEU B 585 27.62 10.81 23.84
C LEU B 585 27.95 11.74 25.02
N TRP B 586 27.13 12.78 25.22
CA TRP B 586 27.09 13.57 26.46
C TRP B 586 26.76 12.58 27.53
N THR B 587 26.99 12.94 28.78
CA THR B 587 26.48 12.14 29.89
C THR B 587 24.93 12.17 29.79
N VAL B 588 24.39 13.33 29.45
CA VAL B 588 22.93 13.53 29.41
C VAL B 588 22.17 12.52 28.53
N PRO B 589 22.66 12.23 27.31
CA PRO B 589 22.10 11.02 26.82
C PRO B 589 22.72 9.81 27.50
N ALA B 590 24.03 9.84 27.73
CA ALA B 590 24.77 8.64 28.11
C ALA B 590 24.06 7.95 29.24
N TRP B 591 23.62 8.75 30.20
CA TRP B 591 22.77 8.26 31.24
C TRP B 591 21.42 7.79 30.73
N ILE B 592 20.75 8.64 29.92
CA ILE B 592 19.38 8.35 29.41
C ILE B 592 19.26 7.04 28.70
N SER B 593 20.22 6.75 27.84
CA SER B 593 20.24 5.57 27.05
C SER B 593 20.00 4.37 27.95
N LYS B 594 20.58 4.39 29.16
CA LYS B 594 20.39 3.29 30.11
C LYS B 594 18.91 3.10 30.50
N VAL B 595 18.15 4.18 30.40
CA VAL B 595 16.73 4.16 30.73
C VAL B 595 15.77 3.85 29.53
N SER B 596 16.33 3.82 28.31
CA SER B 596 15.53 3.76 27.06
C SER B 596 15.07 2.35 26.66
N PHE B 597 13.81 2.05 26.93
CA PHE B 597 13.25 0.77 26.51
C PHE B 597 13.50 0.44 25.02
N LEU B 598 13.63 1.47 24.19
CA LEU B 598 13.90 1.31 22.74
C LEU B 598 15.28 0.81 22.47
N ARG B 599 16.21 1.30 23.28
CA ARG B 599 17.58 0.86 23.24
C ARG B 599 17.65 -0.54 23.82
N TRP B 600 17.10 -0.72 25.02
CA TRP B 600 17.15 -2.05 25.63
C TRP B 600 16.52 -3.14 24.79
N CYS B 601 15.42 -2.80 24.11
CA CYS B 601 14.85 -3.70 23.12
C CYS B 601 15.89 -4.13 22.11
N PHE B 602 16.61 -3.15 21.58
CA PHE B 602 17.56 -3.37 20.52
C PHE B 602 18.78 -4.15 20.99
N GLU B 603 19.34 -3.78 22.13
CA GLU B 603 20.47 -4.52 22.63
C GLU B 603 19.99 -5.92 22.97
N GLY B 604 18.84 -6.01 23.59
CA GLY B 604 18.30 -7.30 23.96
C GLY B 604 18.21 -8.18 22.75
N LEU B 605 17.30 -7.82 21.84
CA LEU B 605 17.14 -8.56 20.62
C LEU B 605 18.49 -8.86 20.05
N MET B 606 19.32 -7.83 19.89
CA MET B 606 20.63 -8.05 19.31
C MET B 606 21.39 -9.17 20.02
N LYS B 607 21.47 -9.09 21.35
CA LYS B 607 22.23 -10.06 22.14
C LYS B 607 21.63 -11.46 21.95
N ILE B 608 20.30 -11.55 21.99
CA ILE B 608 19.66 -12.87 21.95
C ILE B 608 19.83 -13.49 20.55
N GLN B 609 19.64 -12.65 19.54
CA GLN B 609 19.52 -13.06 18.16
C GLN B 609 20.90 -13.31 17.61
N PHE B 610 21.65 -12.22 17.56
CA PHE B 610 22.67 -12.05 16.56
C PHE B 610 24.07 -12.34 17.05
N SER B 611 24.26 -12.33 18.36
CA SER B 611 25.54 -12.69 18.93
C SER B 611 25.19 -13.82 19.85
N ARG B 612 25.47 -13.73 21.16
CA ARG B 612 25.40 -14.88 22.05
C ARG B 612 26.32 -15.98 21.53
N ARG B 613 26.41 -17.08 22.24
CA ARG B 613 27.32 -18.09 21.75
C ARG B 613 26.78 -18.69 20.42
N THR B 614 25.72 -18.10 19.86
CA THR B 614 25.34 -18.26 18.43
C THR B 614 26.48 -17.80 17.46
N TYR B 615 26.41 -18.24 16.20
CA TYR B 615 27.39 -17.88 15.13
C TYR B 615 26.70 -17.50 13.82
N LYS B 616 27.32 -16.56 13.08
CA LYS B 616 26.72 -15.88 11.90
C LYS B 616 27.54 -16.01 10.62
N MET B 617 26.90 -15.70 9.48
CA MET B 617 27.57 -15.55 8.18
C MET B 617 27.39 -14.14 7.53
N PRO B 618 28.05 -13.08 8.06
CA PRO B 618 27.95 -11.72 7.46
C PRO B 618 28.51 -11.71 6.06
N LEU B 619 27.98 -10.88 5.14
CA LEU B 619 28.33 -11.03 3.73
C LEU B 619 27.89 -9.90 2.78
N GLY B 620 28.73 -9.62 1.79
CA GLY B 620 28.38 -8.74 0.66
C GLY B 620 28.69 -9.44 -0.66
N ASN B 621 27.94 -9.09 -1.70
CA ASN B 621 28.01 -9.70 -3.05
C ASN B 621 28.25 -11.23 -3.04
N LEU B 622 29.47 -11.69 -3.30
CA LEU B 622 29.72 -13.13 -3.42
C LEU B 622 29.89 -13.81 -2.04
N THR B 623 30.10 -13.04 -0.97
CA THR B 623 30.58 -13.64 0.29
C THR B 623 29.53 -14.49 1.03
N ILE B 624 29.98 -15.50 1.79
CA ILE B 624 29.20 -16.14 2.90
C ILE B 624 30.17 -16.54 4.05
N ALA B 625 30.58 -15.56 4.84
CA ALA B 625 31.83 -15.69 5.65
C ALA B 625 31.66 -16.34 7.04
N VAL B 626 32.79 -16.55 7.73
CA VAL B 626 32.81 -17.19 9.07
C VAL B 626 32.96 -16.16 10.22
N SER B 627 32.00 -16.17 11.15
CA SER B 627 32.05 -15.28 12.31
C SER B 627 31.14 -15.70 13.47
N GLY B 628 31.30 -15.03 14.62
CA GLY B 628 30.57 -15.35 15.84
C GLY B 628 30.31 -14.21 16.80
N ASP B 629 30.06 -14.59 18.06
CA ASP B 629 29.81 -13.67 19.18
C ASP B 629 30.76 -12.46 19.24
N LYS B 630 31.99 -12.69 18.77
CA LYS B 630 33.01 -11.66 18.58
C LYS B 630 32.39 -10.38 18.03
N ILE B 631 31.51 -10.52 17.03
CA ILE B 631 30.84 -9.37 16.41
C ILE B 631 30.20 -8.44 17.41
N LEU B 632 29.54 -9.00 18.42
CA LEU B 632 28.82 -8.17 19.36
C LEU B 632 29.78 -7.57 20.36
N SER B 633 30.78 -8.34 20.75
CA SER B 633 31.86 -7.80 21.56
C SER B 633 32.49 -6.59 20.86
N VAL B 634 32.72 -6.69 19.54
CA VAL B 634 33.23 -5.58 18.73
C VAL B 634 32.21 -4.43 18.73
N MET B 635 30.93 -4.78 18.57
CA MET B 635 29.89 -3.77 18.80
C MET B 635 29.91 -3.54 20.32
N GLU B 636 29.68 -2.31 20.74
CA GLU B 636 29.71 -1.94 22.16
C GLU B 636 28.69 -2.67 23.07
N LEU B 637 28.01 -3.71 22.58
CA LEU B 637 26.77 -4.18 23.22
C LEU B 637 26.85 -5.39 24.15
N ASP B 638 28.02 -6.03 24.23
CA ASP B 638 28.15 -7.19 25.14
C ASP B 638 27.95 -6.76 26.58
N SER B 639 28.07 -5.45 26.80
CA SER B 639 28.09 -4.82 28.12
C SER B 639 27.23 -5.50 29.16
N TYR B 640 25.94 -5.65 28.88
CA TYR B 640 25.04 -6.24 29.85
C TYR B 640 24.62 -7.61 29.32
N PRO B 641 24.21 -8.54 30.23
CA PRO B 641 24.01 -9.93 29.84
C PRO B 641 22.60 -10.31 29.42
N LEU B 642 22.58 -11.38 28.63
CA LEU B 642 21.40 -12.08 28.12
C LEU B 642 20.10 -11.70 28.85
N TYR B 643 20.09 -11.98 30.16
CA TYR B 643 18.91 -11.97 31.03
C TYR B 643 18.80 -10.74 31.92
N ALA B 644 19.82 -9.88 31.94
CA ALA B 644 19.71 -8.66 32.71
C ALA B 644 18.58 -7.80 32.19
N ILE B 645 18.49 -7.75 30.87
CA ILE B 645 17.79 -6.68 30.20
C ILE B 645 16.29 -6.70 30.52
N TYR B 646 15.74 -7.91 30.55
CA TYR B 646 14.34 -8.13 30.92
C TYR B 646 14.05 -7.41 32.22
N LEU B 647 15.01 -7.50 33.12
CA LEU B 647 14.86 -6.92 34.43
C LEU B 647 14.95 -5.42 34.32
N ILE B 648 15.84 -4.93 33.46
CA ILE B 648 15.94 -3.50 33.27
C ILE B 648 14.65 -2.92 32.75
N VAL B 649 14.05 -3.58 31.76
CA VAL B 649 12.82 -3.02 31.21
C VAL B 649 11.63 -3.24 32.16
N ILE B 650 11.60 -4.38 32.85
CA ILE B 650 10.50 -4.63 33.80
C ILE B 650 10.61 -3.66 34.96
N GLY B 651 11.83 -3.19 35.17
CA GLY B 651 12.11 -2.20 36.17
C GLY B 651 11.70 -0.84 35.69
N LEU B 652 12.11 -0.51 34.46
CA LEU B 652 11.67 0.73 33.80
C LEU B 652 10.17 0.87 33.91
N SER B 653 9.48 -0.20 33.53
CA SER B 653 8.04 -0.30 33.71
C SER B 653 7.71 0.28 35.08
N GLY B 654 8.25 -0.34 36.13
CA GLY B 654 8.07 0.16 37.50
C GLY B 654 7.97 1.67 37.57
N GLY B 655 8.98 2.36 37.04
CA GLY B 655 9.06 3.83 37.14
C GLY B 655 7.83 4.51 36.57
N PHE B 656 7.40 4.08 35.40
CA PHE B 656 6.23 4.64 34.77
C PHE B 656 5.00 4.23 35.57
N MET B 657 4.90 2.94 35.92
CA MET B 657 3.82 2.40 36.74
C MET B 657 3.56 3.26 37.95
N VAL B 658 4.64 3.66 38.60
CA VAL B 658 4.59 4.47 39.79
C VAL B 658 4.11 5.87 39.46
N LEU B 659 4.56 6.39 38.33
CA LEU B 659 4.03 7.61 37.82
C LEU B 659 2.52 7.57 37.52
N TYR B 660 2.03 6.43 37.05
CA TYR B 660 0.59 6.24 36.81
C TYR B 660 -0.14 6.15 38.14
N TYR B 661 0.31 5.25 39.02
CA TYR B 661 -0.31 5.10 40.34
C TYR B 661 -0.33 6.42 41.07
N VAL B 662 0.76 7.19 41.00
CA VAL B 662 0.74 8.53 41.60
C VAL B 662 -0.23 9.43 40.84
N SER B 663 -0.05 9.59 39.53
CA SER B 663 -0.82 10.59 38.81
C SER B 663 -2.31 10.36 39.05
N LEU B 664 -2.74 9.09 39.05
CA LEU B 664 -4.12 8.77 39.44
C LEU B 664 -4.39 9.12 40.90
N ARG B 665 -3.59 8.56 41.82
CA ARG B 665 -3.95 8.64 43.24
C ARG B 665 -3.94 10.07 43.79
N PHE B 666 -2.95 10.86 43.38
CA PHE B 666 -2.86 12.26 43.77
C PHE B 666 -3.53 13.23 42.79
N ILE B 667 -3.54 12.93 41.49
CA ILE B 667 -4.00 13.94 40.51
C ILE B 667 -5.23 13.44 39.74
N LYS B 668 -6.27 14.26 39.79
CA LYS B 668 -7.43 14.16 38.90
C LYS B 668 -7.09 13.93 37.43
N GLN B 669 -7.97 13.25 36.74
CA GLN B 669 -8.04 13.33 35.29
C GLN B 669 -9.34 14.10 35.14
N LYS B 670 -9.37 15.15 34.36
CA LYS B 670 -10.66 15.76 34.10
C LYS B 670 -10.90 15.79 32.60
N PRO B 671 -12.17 15.97 32.20
CA PRO B 671 -12.59 16.11 30.80
C PRO B 671 -11.82 17.12 29.92
N SER B 672 -11.57 16.69 28.69
CA SER B 672 -11.03 17.50 27.59
C SER B 672 -11.91 17.24 26.36
N GLN B 673 -12.05 18.21 25.45
CA GLN B 673 -12.90 18.02 24.27
C GLN B 673 -12.19 17.30 23.12
N ASP B 674 -10.91 16.99 23.27
CA ASP B 674 -10.01 16.88 22.12
C ASP B 674 -10.09 15.61 21.24
N TRP B 675 -10.17 14.42 21.85
CA TRP B 675 -10.25 13.20 21.04
C TRP B 675 -10.52 11.91 21.81
N GLN C 26 40.96 -44.01 -5.38
CA GLN C 26 41.20 -43.24 -4.12
C GLN C 26 40.17 -43.74 -3.13
N ASP C 27 40.57 -44.83 -2.49
CA ASP C 27 39.71 -45.97 -2.21
C ASP C 27 39.02 -46.49 -3.48
N ARG C 28 38.66 -47.76 -3.46
CA ARG C 28 38.38 -48.50 -4.71
C ARG C 28 36.97 -48.37 -5.32
N LEU C 29 36.00 -49.19 -4.94
CA LEU C 29 34.79 -49.40 -5.78
C LEU C 29 33.63 -49.98 -4.97
N PHE C 30 32.39 -49.67 -5.37
CA PHE C 30 31.23 -50.34 -4.73
C PHE C 30 29.94 -50.53 -5.54
N SER C 31 29.97 -50.54 -6.87
CA SER C 31 28.77 -50.86 -7.64
C SER C 31 29.15 -51.69 -8.89
N SER C 32 28.34 -52.74 -9.18
CA SER C 32 28.66 -53.77 -10.19
C SER C 32 27.50 -54.61 -10.77
N GLU C 33 27.81 -55.21 -11.91
CA GLU C 33 26.84 -55.82 -12.82
C GLU C 33 26.85 -57.39 -12.86
N SER C 34 26.07 -58.00 -13.78
CA SER C 34 26.34 -59.38 -14.28
C SER C 34 27.10 -59.23 -15.60
N ASP C 35 26.40 -59.21 -16.75
CA ASP C 35 26.99 -58.64 -17.95
C ASP C 35 26.05 -58.02 -18.98
N ASN C 36 26.55 -56.93 -19.57
CA ASN C 36 25.96 -56.24 -20.72
C ASN C 36 26.88 -55.90 -21.92
N SER C 37 26.27 -55.74 -23.10
CA SER C 37 26.95 -55.62 -24.40
C SER C 37 26.17 -54.71 -25.38
N LEU C 38 26.87 -54.00 -26.28
CA LEU C 38 26.21 -53.14 -27.29
C LEU C 38 26.83 -53.33 -28.69
N TYR C 39 26.02 -53.18 -29.74
CA TYR C 39 26.37 -53.72 -31.06
C TYR C 39 25.70 -52.91 -32.21
N PHE C 40 26.38 -52.78 -33.35
CA PHE C 40 25.86 -51.95 -34.47
C PHE C 40 26.20 -52.43 -35.87
N THR C 41 25.41 -51.97 -36.83
CA THR C 41 25.60 -52.29 -38.24
C THR C 41 25.04 -51.20 -39.16
N TYR C 42 25.94 -50.44 -39.79
CA TYR C 42 25.59 -49.57 -40.92
C TYR C 42 24.36 -48.71 -40.71
N SER C 43 24.53 -47.61 -40.00
CA SER C 43 23.45 -46.67 -39.75
C SER C 43 23.47 -45.47 -40.70
N GLY C 44 22.39 -44.70 -40.64
CA GLY C 44 22.28 -43.46 -41.36
C GLY C 44 21.00 -42.78 -40.93
N GLN C 45 21.04 -41.45 -40.74
CA GLN C 45 19.87 -40.65 -40.26
C GLN C 45 19.97 -39.16 -40.64
N PRO C 46 18.89 -38.58 -41.23
CA PRO C 46 18.78 -37.11 -41.35
C PRO C 46 18.59 -36.40 -40.01
N LEU C 88 21.32 -36.72 -44.07
CA LEU C 88 22.59 -37.37 -44.39
C LEU C 88 23.54 -37.36 -43.17
N GLY C 89 22.97 -37.29 -41.96
CA GLY C 89 23.68 -36.95 -40.72
C GLY C 89 24.40 -38.05 -39.95
N ILE C 90 24.33 -39.29 -40.46
CA ILE C 90 25.12 -40.42 -39.92
C ILE C 90 25.46 -41.35 -41.10
N GLN C 91 26.59 -42.06 -41.04
CA GLN C 91 27.06 -42.86 -42.18
C GLN C 91 27.87 -44.10 -41.80
N ASN C 92 27.20 -45.24 -41.69
CA ASN C 92 27.85 -46.55 -41.58
C ASN C 92 28.70 -46.79 -40.34
N LEU C 93 28.03 -46.87 -39.17
CA LEU C 93 28.70 -47.19 -37.90
C LEU C 93 28.79 -48.68 -37.66
N SER C 94 29.66 -49.07 -36.73
CA SER C 94 29.90 -50.48 -36.39
C SER C 94 30.62 -50.59 -35.04
N PHE C 95 29.95 -51.17 -34.05
CA PHE C 95 30.40 -51.05 -32.65
C PHE C 95 30.72 -52.43 -32.05
N LYS C 96 31.62 -52.42 -31.09
CA LYS C 96 31.86 -53.56 -30.19
C LYS C 96 32.13 -52.93 -28.84
N VAL C 97 31.19 -53.07 -27.93
CA VAL C 97 31.32 -52.48 -26.60
C VAL C 97 30.72 -53.40 -25.55
N ARG C 98 31.59 -53.86 -24.68
CA ARG C 98 31.24 -54.83 -23.66
C ARG C 98 31.36 -54.09 -22.35
N SER C 99 30.57 -54.47 -21.34
CA SER C 99 30.67 -53.88 -20.01
C SER C 99 32.02 -53.23 -19.61
N GLY C 100 33.16 -53.89 -19.86
CA GLY C 100 34.48 -53.37 -19.44
C GLY C 100 34.90 -51.96 -19.87
N GLN C 101 34.64 -51.60 -21.12
CA GLN C 101 35.11 -50.33 -21.68
C GLN C 101 34.21 -49.13 -21.37
N MET C 102 34.85 -47.97 -21.42
CA MET C 102 34.17 -46.68 -21.53
C MET C 102 34.52 -46.13 -22.91
N LEU C 103 33.51 -45.75 -23.66
CA LEU C 103 33.72 -45.22 -24.99
C LEU C 103 33.38 -43.74 -25.01
N ALA C 104 34.35 -42.94 -25.42
CA ALA C 104 34.11 -41.53 -25.59
C ALA C 104 33.94 -41.22 -27.05
N ILE C 105 32.77 -40.68 -27.37
CA ILE C 105 32.47 -40.20 -28.71
C ILE C 105 32.88 -38.74 -28.80
N ILE C 106 33.86 -38.49 -29.65
CA ILE C 106 34.56 -37.24 -29.61
C ILE C 106 34.36 -36.56 -30.96
N GLY C 107 33.10 -36.56 -31.39
CA GLY C 107 32.75 -36.09 -32.72
C GLY C 107 32.69 -34.58 -32.84
N SER C 108 32.59 -34.10 -34.08
CA SER C 108 32.52 -32.66 -34.35
C SER C 108 31.24 -32.01 -33.78
N SER C 109 31.20 -30.67 -33.83
CA SER C 109 30.14 -29.89 -33.20
C SER C 109 28.77 -30.07 -33.88
N GLY C 110 28.03 -31.09 -33.46
CA GLY C 110 26.66 -31.34 -33.93
C GLY C 110 26.56 -32.24 -35.15
N CYS C 111 27.32 -33.34 -35.12
CA CYS C 111 27.38 -34.30 -36.22
C CYS C 111 26.23 -35.32 -36.15
N GLY C 112 25.13 -34.91 -35.52
CA GLY C 112 24.25 -35.84 -34.86
C GLY C 112 25.05 -36.49 -33.73
N ARG C 113 25.79 -35.68 -32.96
CA ARG C 113 26.70 -36.17 -31.91
C ARG C 113 26.01 -36.13 -30.55
N ALA C 114 25.52 -34.96 -30.16
CA ALA C 114 24.64 -34.82 -29.00
C ALA C 114 23.31 -35.48 -29.33
N SER C 115 23.01 -35.59 -30.64
CA SER C 115 21.88 -36.37 -31.12
C SER C 115 22.16 -37.88 -30.99
N LEU C 116 23.37 -38.31 -31.37
CA LEU C 116 23.74 -39.74 -31.50
C LEU C 116 23.20 -40.59 -30.35
N LEU C 117 23.46 -40.15 -29.14
CA LEU C 117 23.10 -40.91 -27.94
C LEU C 117 21.58 -41.02 -27.85
N ASP C 118 20.90 -39.90 -28.07
CA ASP C 118 19.44 -39.85 -28.09
C ASP C 118 18.85 -40.73 -29.20
N VAL C 119 19.52 -40.80 -30.35
CA VAL C 119 19.05 -41.71 -31.42
C VAL C 119 19.30 -43.17 -31.00
N ILE C 120 20.45 -43.45 -30.40
CA ILE C 120 20.75 -44.79 -29.87
C ILE C 120 19.71 -45.21 -28.82
N THR C 121 19.30 -44.28 -27.94
CA THR C 121 18.24 -44.56 -26.95
C THR C 121 16.83 -44.49 -27.55
N GLY C 122 16.68 -43.90 -28.73
CA GLY C 122 15.39 -43.90 -29.44
C GLY C 122 14.77 -42.53 -29.66
N ARG C 123 15.01 -41.59 -28.75
CA ARG C 123 14.45 -40.23 -28.83
C ARG C 123 15.24 -39.45 -29.88
N GLY C 124 14.86 -39.58 -31.15
CA GLY C 124 15.70 -39.05 -32.22
C GLY C 124 15.68 -37.53 -32.24
N HIS C 125 14.49 -36.97 -32.05
CA HIS C 125 14.24 -35.53 -32.25
C HIS C 125 14.89 -35.07 -33.56
N GLY C 126 14.72 -35.88 -34.61
CA GLY C 126 15.48 -35.69 -35.86
C GLY C 126 15.07 -36.73 -36.88
N GLY C 127 15.18 -36.37 -38.16
CA GLY C 127 14.63 -37.14 -39.29
C GLY C 127 14.15 -38.57 -39.12
N LYS C 128 15.09 -39.52 -39.11
CA LYS C 128 14.79 -40.96 -39.25
C LYS C 128 16.04 -41.78 -38.92
N ILE C 129 15.96 -43.10 -39.11
CA ILE C 129 17.12 -43.88 -39.50
C ILE C 129 16.75 -44.56 -40.81
N LYS C 130 17.61 -44.49 -41.81
CA LYS C 130 17.37 -45.14 -43.08
C LYS C 130 17.89 -46.57 -43.05
N SER C 131 18.79 -46.90 -42.13
CA SER C 131 19.36 -48.24 -42.12
C SER C 131 19.93 -48.69 -40.77
N GLY C 132 20.03 -50.00 -40.61
CA GLY C 132 20.80 -50.61 -39.53
C GLY C 132 20.10 -51.39 -38.43
N GLN C 133 20.92 -52.16 -37.70
CA GLN C 133 20.53 -52.92 -36.51
C GLN C 133 21.19 -52.24 -35.31
N ILE C 134 20.45 -52.16 -34.22
CA ILE C 134 21.06 -51.81 -32.95
C ILE C 134 20.87 -53.02 -32.04
N TRP C 135 21.92 -53.79 -31.87
CA TRP C 135 21.83 -54.96 -31.00
C TRP C 135 22.27 -54.53 -29.59
N ILE C 136 21.45 -54.88 -28.59
CA ILE C 136 21.83 -54.75 -27.18
C ILE C 136 21.82 -56.13 -26.51
N ASN C 137 22.93 -56.57 -25.92
CA ASN C 137 23.00 -57.93 -25.32
C ASN C 137 22.59 -59.05 -26.26
N GLY C 138 23.16 -59.05 -27.46
CA GLY C 138 22.74 -59.92 -28.55
C GLY C 138 21.22 -60.00 -28.66
N GLN C 139 20.56 -58.86 -28.45
CA GLN C 139 19.13 -58.74 -28.57
C GLN C 139 18.82 -57.37 -29.18
N PRO C 140 18.38 -57.36 -30.46
CA PRO C 140 18.09 -56.08 -31.16
C PRO C 140 17.14 -55.06 -30.45
N SER C 141 17.12 -53.83 -30.95
CA SER C 141 16.74 -52.63 -30.17
C SER C 141 15.26 -52.35 -30.17
N SER C 142 14.84 -51.62 -29.13
CA SER C 142 13.44 -51.37 -28.87
C SER C 142 13.27 -50.31 -27.78
N PRO C 143 12.49 -49.25 -28.07
CA PRO C 143 12.07 -48.28 -27.07
C PRO C 143 11.49 -48.88 -25.76
N GLN C 144 10.83 -50.04 -25.85
CA GLN C 144 10.34 -50.77 -24.67
C GLN C 144 11.46 -51.55 -23.96
N LEU C 145 12.49 -51.90 -24.74
CA LEU C 145 13.63 -52.61 -24.23
C LEU C 145 14.55 -51.66 -23.47
N VAL C 146 15.01 -50.62 -24.15
CA VAL C 146 16.06 -49.74 -23.64
C VAL C 146 15.79 -49.21 -22.23
N ARG C 147 14.57 -48.72 -22.01
CA ARG C 147 14.20 -48.18 -20.69
C ARG C 147 14.18 -49.24 -19.56
N LYS C 148 14.56 -50.47 -19.88
CA LYS C 148 14.77 -51.53 -18.88
C LYS C 148 16.25 -51.91 -18.74
N CYS C 149 17.09 -51.49 -19.68
CA CYS C 149 18.52 -51.83 -19.66
C CYS C 149 19.41 -50.64 -19.37
N VAL C 150 19.17 -49.56 -20.11
CA VAL C 150 20.10 -48.46 -20.21
C VAL C 150 19.71 -47.26 -19.37
N ALA C 151 20.72 -46.67 -18.73
CA ALA C 151 20.55 -45.45 -17.96
C ALA C 151 21.12 -44.27 -18.75
N HIS C 152 20.32 -43.21 -18.86
CA HIS C 152 20.70 -42.02 -19.59
C HIS C 152 20.84 -40.84 -18.65
N VAL C 153 21.96 -40.13 -18.79
CA VAL C 153 22.27 -38.96 -18.01
C VAL C 153 22.42 -37.78 -18.95
N ARG C 154 21.50 -36.85 -18.77
CA ARG C 154 21.38 -35.71 -19.63
C ARG C 154 22.28 -34.60 -19.12
N GLN C 155 22.40 -33.52 -19.90
CA GLN C 155 22.99 -32.28 -19.40
C GLN C 155 22.02 -31.57 -18.43
N HIS C 156 20.73 -31.76 -18.67
CA HIS C 156 19.67 -31.15 -17.88
C HIS C 156 19.49 -31.84 -16.52
N ASN C 157 19.38 -31.03 -15.47
CA ASN C 157 19.16 -31.51 -14.10
C ASN C 157 17.76 -31.09 -13.64
N GLN C 158 17.10 -31.92 -12.84
CA GLN C 158 15.71 -31.69 -12.41
C GLN C 158 15.45 -32.24 -11.01
N LEU C 159 16.30 -31.83 -10.09
CA LEU C 159 16.30 -32.32 -8.71
C LEU C 159 15.60 -31.31 -7.83
N LEU C 160 14.88 -31.78 -6.81
CA LEU C 160 14.00 -30.90 -6.07
C LEU C 160 14.72 -30.05 -5.05
N PRO C 161 14.54 -28.73 -5.12
CA PRO C 161 15.30 -27.77 -4.35
C PRO C 161 15.61 -28.15 -2.91
N ASN C 162 14.63 -28.58 -2.15
CA ASN C 162 14.81 -28.54 -0.71
C ASN C 162 15.07 -29.86 0.00
N LEU C 163 15.73 -30.79 -0.69
CA LEU C 163 15.94 -32.10 -0.13
C LEU C 163 17.41 -32.44 -0.08
N THR C 164 17.75 -33.34 0.84
CA THR C 164 19.12 -33.81 0.97
C THR C 164 19.40 -34.89 -0.04
N VAL C 165 20.67 -35.03 -0.43
CA VAL C 165 21.08 -36.01 -1.42
C VAL C 165 20.47 -37.38 -1.08
N ARG C 166 20.77 -37.83 0.14
CA ARG C 166 20.25 -39.07 0.71
C ARG C 166 18.75 -39.18 0.46
N GLU C 167 18.03 -38.10 0.72
CA GLU C 167 16.60 -38.09 0.48
C GLU C 167 16.32 -38.26 -1.02
N THR C 168 16.89 -37.41 -1.87
CA THR C 168 16.53 -37.39 -3.30
C THR C 168 16.90 -38.70 -3.96
N LEU C 169 17.85 -39.42 -3.38
CA LEU C 169 18.07 -40.79 -3.78
C LEU C 169 17.00 -41.72 -3.19
N ALA C 170 16.90 -41.80 -1.86
CA ALA C 170 15.91 -42.72 -1.23
C ALA C 170 14.54 -42.65 -1.90
N PHE C 171 14.09 -41.42 -2.14
CA PHE C 171 12.78 -41.16 -2.69
C PHE C 171 12.61 -41.70 -4.12
N ILE C 172 13.67 -41.75 -4.89
CA ILE C 172 13.63 -42.36 -6.20
C ILE C 172 13.80 -43.89 -6.08
N ALA C 173 14.75 -44.29 -5.27
CA ALA C 173 14.97 -45.68 -4.92
C ALA C 173 13.65 -46.39 -4.61
N GLN C 174 12.84 -45.78 -3.74
CA GLN C 174 11.56 -46.36 -3.35
C GLN C 174 10.60 -46.58 -4.50
N MET C 175 10.82 -45.89 -5.62
CA MET C 175 10.01 -46.11 -6.82
C MET C 175 10.67 -46.96 -7.89
N ARG C 176 12.01 -46.93 -8.01
CA ARG C 176 12.69 -47.75 -9.04
C ARG C 176 13.06 -49.17 -8.56
N LEU C 177 13.38 -49.30 -7.27
CA LEU C 177 13.63 -50.62 -6.70
C LEU C 177 12.28 -51.30 -6.46
N PRO C 178 12.22 -52.60 -6.74
CA PRO C 178 10.92 -53.27 -6.71
C PRO C 178 10.36 -53.49 -5.32
N ARG C 179 9.04 -53.62 -5.24
CA ARG C 179 8.33 -53.74 -3.96
C ARG C 179 8.92 -54.85 -3.11
N THR C 180 9.36 -55.91 -3.78
CA THR C 180 10.02 -57.05 -3.12
C THR C 180 11.23 -56.67 -2.25
N PHE C 181 11.97 -55.65 -2.66
CA PHE C 181 13.17 -55.24 -1.93
C PHE C 181 12.85 -54.87 -0.49
N SER C 182 13.78 -55.18 0.39
CA SER C 182 13.70 -54.80 1.79
C SER C 182 14.04 -53.33 1.93
N GLN C 183 13.76 -52.77 3.10
CA GLN C 183 13.99 -51.36 3.31
C GLN C 183 15.46 -51.15 3.57
N ALA C 184 16.00 -51.94 4.51
CA ALA C 184 17.43 -51.97 4.73
C ALA C 184 18.17 -52.03 3.40
N GLN C 185 17.64 -52.80 2.44
CA GLN C 185 18.19 -52.89 1.06
C GLN C 185 18.26 -51.54 0.38
N ARG C 186 17.15 -50.81 0.36
CA ARG C 186 17.11 -49.50 -0.25
C ARG C 186 18.12 -48.59 0.46
N ASP C 187 18.03 -48.59 1.80
CA ASP C 187 18.90 -47.75 2.63
C ASP C 187 20.39 -47.98 2.33
N LYS C 188 20.77 -49.26 2.30
CA LYS C 188 22.15 -49.68 2.02
C LYS C 188 22.54 -49.45 0.57
N ARG C 189 21.58 -49.55 -0.34
CA ARG C 189 21.82 -49.30 -1.77
C ARG C 189 22.16 -47.82 -1.97
N VAL C 190 21.33 -46.97 -1.38
CA VAL C 190 21.61 -45.53 -1.44
C VAL C 190 23.07 -45.23 -1.08
N GLU C 191 23.44 -45.61 0.14
CA GLU C 191 24.79 -45.45 0.59
C GLU C 191 25.79 -46.13 -0.36
N ASP C 192 25.51 -47.38 -0.74
CA ASP C 192 26.36 -48.15 -1.70
C ASP C 192 26.55 -47.39 -3.04
N VAL C 193 25.66 -46.44 -3.35
CA VAL C 193 25.89 -45.53 -4.48
C VAL C 193 26.71 -44.34 -4.02
N ILE C 194 26.16 -43.62 -3.03
CA ILE C 194 26.81 -42.42 -2.52
C ILE C 194 28.32 -42.66 -2.40
N ALA C 195 28.70 -43.82 -1.88
CA ALA C 195 30.09 -44.11 -1.53
C ALA C 195 30.94 -44.63 -2.69
N GLU C 196 30.29 -45.08 -3.77
CA GLU C 196 30.99 -45.34 -5.03
C GLU C 196 31.19 -44.04 -5.77
N LEU C 197 30.22 -43.13 -5.66
CA LEU C 197 30.42 -41.79 -6.25
C LEU C 197 31.14 -40.78 -5.33
N ARG C 198 31.48 -41.24 -4.14
CA ARG C 198 32.14 -40.43 -3.15
C ARG C 198 31.41 -39.09 -3.01
N LEU C 199 30.10 -39.18 -2.73
CA LEU C 199 29.30 -38.01 -2.31
C LEU C 199 29.34 -38.04 -0.80
N ARG C 200 30.58 -37.95 -0.33
CA ARG C 200 30.91 -38.26 1.03
C ARG C 200 30.10 -37.36 1.95
N GLN C 201 30.39 -36.06 1.91
CA GLN C 201 29.86 -35.09 2.86
C GLN C 201 28.62 -34.35 2.35
N CYS C 202 28.19 -34.68 1.14
CA CYS C 202 26.97 -34.13 0.62
C CYS C 202 25.76 -34.86 1.24
N ALA C 203 26.02 -36.09 1.68
CA ALA C 203 25.05 -37.01 2.31
C ALA C 203 23.74 -36.40 2.82
N ASP C 204 23.85 -35.54 3.82
CA ASP C 204 22.68 -34.94 4.48
C ASP C 204 22.66 -33.42 4.34
N THR C 205 23.11 -32.92 3.18
CA THR C 205 23.04 -31.50 2.85
C THR C 205 22.06 -31.31 1.68
N ARG C 206 21.32 -30.21 1.67
CA ARG C 206 20.28 -29.98 0.65
C ARG C 206 20.86 -29.86 -0.75
N VAL C 207 20.04 -30.01 -1.79
CA VAL C 207 20.59 -30.01 -3.16
C VAL C 207 20.37 -28.74 -3.97
N GLY C 208 19.28 -28.05 -3.71
CA GLY C 208 18.69 -27.08 -4.61
C GLY C 208 19.61 -26.30 -5.51
N ASN C 209 20.58 -25.59 -4.95
CA ASN C 209 21.22 -24.56 -5.73
C ASN C 209 20.07 -23.77 -6.38
N MET C 210 20.00 -23.65 -7.70
CA MET C 210 19.01 -22.79 -8.32
C MET C 210 18.87 -21.49 -7.53
N TYR C 211 19.95 -20.72 -7.46
CA TYR C 211 19.99 -19.48 -6.66
C TYR C 211 19.37 -19.67 -5.25
N VAL C 212 19.72 -20.78 -4.61
CA VAL C 212 19.56 -20.99 -3.18
C VAL C 212 20.92 -21.52 -2.70
N ARG C 213 21.27 -21.39 -1.41
CA ARG C 213 22.55 -21.97 -1.00
C ARG C 213 22.45 -23.49 -1.21
N GLY C 214 23.52 -24.12 -1.68
CA GLY C 214 23.44 -25.55 -1.95
C GLY C 214 24.79 -26.23 -1.94
N LEU C 215 24.92 -27.15 -2.89
CA LEU C 215 26.04 -28.03 -3.03
C LEU C 215 26.74 -27.69 -4.33
N SER C 216 28.07 -27.79 -4.35
CA SER C 216 28.89 -27.51 -5.53
C SER C 216 28.47 -28.32 -6.75
N GLY C 217 28.49 -27.71 -7.93
CA GLY C 217 27.94 -28.34 -9.15
C GLY C 217 28.59 -29.68 -9.49
N GLY C 218 29.91 -29.72 -9.33
CA GLY C 218 30.69 -30.95 -9.49
C GLY C 218 30.03 -32.09 -8.76
N GLU C 219 29.55 -31.79 -7.55
CA GLU C 219 28.77 -32.74 -6.77
C GLU C 219 27.42 -32.97 -7.44
N ARG C 220 26.67 -31.89 -7.68
CA ARG C 220 25.33 -32.01 -8.23
C ARG C 220 25.30 -32.99 -9.36
N ARG C 221 26.16 -32.80 -10.36
CA ARG C 221 26.18 -33.74 -11.48
C ARG C 221 26.17 -35.19 -10.97
N ARG C 222 27.19 -35.51 -10.17
CA ARG C 222 27.35 -36.83 -9.58
C ARG C 222 26.03 -37.34 -8.95
N VAL C 223 25.26 -36.44 -8.34
CA VAL C 223 23.97 -36.84 -7.75
C VAL C 223 22.97 -37.25 -8.82
N SER C 224 22.85 -36.44 -9.87
CA SER C 224 21.89 -36.74 -10.93
C SER C 224 22.34 -37.96 -11.73
N ILE C 225 23.65 -38.26 -11.68
CA ILE C 225 24.14 -39.58 -12.13
C ILE C 225 23.66 -40.67 -11.19
N GLY C 226 23.87 -40.45 -9.90
CA GLY C 226 23.44 -41.38 -8.85
C GLY C 226 21.98 -41.76 -8.96
N VAL C 227 21.13 -40.77 -9.25
CA VAL C 227 19.70 -41.02 -9.51
C VAL C 227 19.49 -42.19 -10.48
N GLN C 228 20.41 -42.34 -11.44
CA GLN C 228 20.36 -43.41 -12.42
C GLN C 228 21.02 -44.71 -11.95
N LEU C 229 21.95 -44.64 -11.00
CA LEU C 229 22.65 -45.86 -10.58
C LEU C 229 21.91 -46.67 -9.53
N LEU C 230 20.61 -46.46 -9.40
CA LEU C 230 19.84 -47.19 -8.41
C LEU C 230 19.20 -48.44 -9.02
N TRP C 231 19.52 -48.75 -10.28
CA TRP C 231 19.32 -50.12 -10.74
C TRP C 231 20.61 -50.80 -11.15
N ASN C 232 21.72 -50.29 -10.63
CA ASN C 232 23.08 -50.77 -10.92
C ASN C 232 23.23 -51.25 -12.38
N PRO C 233 22.77 -50.42 -13.35
CA PRO C 233 22.59 -50.79 -14.75
C PRO C 233 23.89 -51.13 -15.45
N GLY C 234 23.81 -52.13 -16.32
CA GLY C 234 24.98 -52.63 -17.02
C GLY C 234 25.46 -51.72 -18.13
N ILE C 235 24.59 -50.80 -18.52
CA ILE C 235 24.95 -49.81 -19.50
C ILE C 235 24.78 -48.46 -18.87
N LEU C 236 25.41 -47.44 -19.44
CA LEU C 236 25.32 -46.08 -18.92
C LEU C 236 25.76 -45.08 -19.97
N ILE C 237 24.87 -44.15 -20.26
CA ILE C 237 25.12 -43.18 -21.32
C ILE C 237 25.06 -41.74 -20.79
N LEU C 238 26.15 -41.00 -20.96
CA LEU C 238 26.26 -39.65 -20.42
C LEU C 238 26.43 -38.64 -21.52
N ASP C 239 25.54 -37.64 -21.55
CA ASP C 239 25.61 -36.62 -22.59
C ASP C 239 26.43 -35.40 -22.10
N GLU C 240 27.70 -35.34 -22.51
CA GLU C 240 28.56 -34.16 -22.29
C GLU C 240 28.81 -33.81 -20.82
N PRO C 241 28.94 -34.82 -19.95
CA PRO C 241 28.95 -34.60 -18.50
C PRO C 241 29.89 -33.50 -18.03
N THR C 242 31.07 -33.38 -18.65
CA THR C 242 32.02 -32.35 -18.23
C THR C 242 31.41 -30.95 -18.35
N SER C 243 30.70 -30.69 -19.46
CA SER C 243 30.26 -29.33 -19.79
C SER C 243 29.76 -28.61 -18.55
N GLY C 244 30.40 -27.49 -18.23
CA GLY C 244 30.06 -26.72 -17.04
C GLY C 244 31.10 -26.81 -15.95
N LEU C 245 31.51 -28.03 -15.61
CA LEU C 245 32.53 -28.22 -14.58
C LEU C 245 33.84 -27.53 -14.96
N ASP C 246 34.76 -27.42 -14.01
CA ASP C 246 36.08 -26.85 -14.29
C ASP C 246 37.05 -28.01 -14.46
N SER C 247 38.09 -27.78 -15.24
CA SER C 247 38.91 -28.89 -15.78
C SER C 247 39.42 -29.69 -14.59
N PHE C 248 39.84 -28.98 -13.55
CA PHE C 248 40.27 -29.58 -12.28
C PHE C 248 39.34 -30.70 -11.81
N THR C 249 38.03 -30.43 -11.79
CA THR C 249 37.02 -31.41 -11.37
C THR C 249 36.61 -32.37 -12.50
N ALA C 250 36.65 -31.90 -13.75
CA ALA C 250 36.32 -32.73 -14.91
C ALA C 250 37.07 -34.06 -14.83
N HIS C 251 38.39 -33.97 -14.67
CA HIS C 251 39.27 -35.11 -14.35
C HIS C 251 38.62 -36.03 -13.28
N ASN C 252 38.29 -35.45 -12.14
CA ASN C 252 37.80 -36.17 -10.97
C ASN C 252 36.37 -36.72 -11.16
N LEU C 253 35.66 -36.24 -12.17
CA LEU C 253 34.40 -36.83 -12.57
C LEU C 253 34.62 -37.96 -13.54
N VAL C 254 35.30 -37.65 -14.65
CA VAL C 254 35.51 -38.62 -15.72
C VAL C 254 36.28 -39.85 -15.17
N LYS C 255 37.13 -39.65 -14.16
CA LYS C 255 37.80 -40.77 -13.47
C LYS C 255 36.84 -41.60 -12.62
N THR C 256 35.83 -40.95 -12.06
CA THR C 256 34.72 -41.63 -11.40
C THR C 256 33.88 -42.40 -12.43
N LEU C 257 33.72 -41.82 -13.62
CA LEU C 257 33.04 -42.52 -14.71
C LEU C 257 33.82 -43.75 -15.13
N SER C 258 35.13 -43.58 -15.22
CA SER C 258 36.01 -44.72 -15.44
C SER C 258 35.90 -45.75 -14.29
N ARG C 259 35.84 -45.27 -13.03
CA ARG C 259 35.70 -46.15 -11.85
C ARG C 259 34.43 -46.97 -12.02
N LEU C 260 33.31 -46.28 -12.13
CA LEU C 260 32.08 -46.89 -12.59
C LEU C 260 32.36 -47.95 -13.65
N ALA C 261 33.01 -47.53 -14.72
CA ALA C 261 33.32 -48.41 -15.85
C ALA C 261 34.02 -49.68 -15.44
N LYS C 262 34.96 -49.60 -14.52
CA LYS C 262 35.64 -50.82 -14.05
C LYS C 262 34.67 -51.83 -13.44
N GLY C 263 33.59 -51.33 -12.83
CA GLY C 263 32.60 -52.19 -12.19
C GLY C 263 31.59 -52.93 -13.07
N ASN C 264 31.99 -53.29 -14.29
CA ASN C 264 31.16 -54.04 -15.24
C ASN C 264 30.03 -53.18 -15.83
N ARG C 265 30.19 -51.87 -15.67
CA ARG C 265 29.35 -50.88 -16.29
C ARG C 265 29.88 -50.74 -17.68
N LEU C 266 29.01 -50.50 -18.62
CA LEU C 266 29.39 -50.08 -19.95
C LEU C 266 29.14 -48.61 -19.95
N VAL C 267 30.08 -47.83 -20.47
CA VAL C 267 29.98 -46.39 -20.34
C VAL C 267 30.12 -45.77 -21.70
N LEU C 268 29.21 -44.84 -21.99
CA LEU C 268 29.21 -44.11 -23.24
C LEU C 268 29.25 -42.61 -22.91
N ILE C 269 30.17 -41.88 -23.55
CA ILE C 269 30.29 -40.44 -23.36
C ILE C 269 30.26 -39.76 -24.72
N SER C 270 29.92 -38.47 -24.73
CA SER C 270 30.09 -37.65 -25.93
C SER C 270 30.73 -36.30 -25.60
N LEU C 271 31.98 -36.08 -26.02
CA LEU C 271 32.70 -34.82 -25.72
C LEU C 271 33.04 -33.99 -26.97
N HIS C 272 32.52 -32.75 -26.98
CA HIS C 272 32.73 -31.75 -28.05
C HIS C 272 34.23 -31.50 -28.21
N GLN C 273 34.94 -31.37 -27.09
CA GLN C 273 36.40 -31.35 -27.09
C GLN C 273 36.86 -31.77 -25.71
N PRO C 274 37.94 -32.52 -25.64
CA PRO C 274 38.30 -33.01 -24.34
C PRO C 274 38.95 -31.99 -23.42
N ARG C 275 39.95 -31.29 -23.95
CA ARG C 275 41.09 -30.79 -23.17
C ARG C 275 42.02 -31.96 -22.98
N SER C 276 43.31 -31.67 -22.92
CA SER C 276 44.31 -32.72 -22.78
C SER C 276 44.20 -33.52 -21.49
N ASP C 277 44.05 -32.84 -20.34
CA ASP C 277 43.72 -33.52 -19.07
C ASP C 277 42.80 -34.70 -19.41
N ILE C 278 41.67 -34.36 -20.00
CA ILE C 278 40.61 -35.34 -20.10
C ILE C 278 40.94 -36.44 -21.12
N PHE C 279 41.39 -36.07 -22.33
CA PHE C 279 41.67 -37.07 -23.37
C PHE C 279 42.40 -38.25 -22.77
N ARG C 280 43.48 -37.95 -22.05
CA ARG C 280 44.38 -38.99 -21.60
C ARG C 280 43.60 -40.09 -20.89
N LEU C 281 42.53 -39.71 -20.19
CA LEU C 281 41.70 -40.63 -19.40
C LEU C 281 40.73 -41.54 -20.17
N PHE C 282 40.66 -41.42 -21.49
CA PHE C 282 39.75 -42.28 -22.27
C PHE C 282 40.27 -43.70 -22.35
N ASP C 283 39.33 -44.65 -22.30
CA ASP C 283 39.65 -46.05 -22.54
C ASP C 283 39.45 -46.27 -24.04
N LEU C 284 38.20 -46.25 -24.49
CA LEU C 284 37.94 -46.29 -25.92
C LEU C 284 37.51 -44.91 -26.42
N VAL C 285 37.88 -44.62 -27.66
CA VAL C 285 37.58 -43.37 -28.36
C VAL C 285 36.94 -43.63 -29.72
N LEU C 286 35.95 -42.81 -30.05
CA LEU C 286 35.36 -42.81 -31.38
C LEU C 286 35.28 -41.41 -31.94
N LEU C 287 36.01 -41.15 -33.01
CA LEU C 287 36.04 -39.83 -33.58
C LEU C 287 35.24 -39.84 -34.81
N MET C 288 34.39 -38.83 -34.93
CA MET C 288 33.68 -38.62 -36.17
C MET C 288 33.44 -37.17 -36.54
N THR C 289 33.57 -36.88 -37.83
CA THR C 289 33.21 -35.58 -38.35
C THR C 289 31.92 -35.71 -39.15
N SER C 290 30.92 -34.94 -38.71
CA SER C 290 29.62 -34.99 -39.33
C SER C 290 29.22 -36.47 -39.32
N GLY C 291 28.76 -37.03 -40.43
CA GLY C 291 28.17 -38.36 -40.36
C GLY C 291 29.15 -39.48 -40.05
N THR C 292 30.36 -39.33 -40.57
CA THR C 292 31.22 -40.48 -40.73
C THR C 292 32.10 -40.69 -39.54
N PRO C 293 32.46 -41.97 -39.25
CA PRO C 293 33.50 -42.29 -38.29
C PRO C 293 34.90 -42.20 -38.93
N ILE C 294 35.75 -41.32 -38.40
CA ILE C 294 37.08 -41.18 -38.97
C ILE C 294 37.84 -42.44 -38.55
N TYR C 295 37.86 -42.71 -37.24
CA TYR C 295 38.35 -43.98 -36.73
C TYR C 295 37.97 -44.27 -35.27
N LEU C 296 37.50 -45.50 -35.02
CA LEU C 296 37.34 -46.07 -33.68
C LEU C 296 38.72 -46.45 -33.12
N GLY C 297 38.94 -46.40 -31.81
CA GLY C 297 40.22 -46.93 -31.28
C GLY C 297 40.51 -46.50 -29.87
N ALA C 298 41.46 -47.14 -29.22
CA ALA C 298 41.80 -46.73 -27.87
C ALA C 298 42.67 -45.45 -27.81
N ALA C 299 42.71 -44.88 -26.60
CA ALA C 299 43.48 -43.66 -26.27
C ALA C 299 44.82 -43.56 -26.95
N GLN C 300 45.71 -44.49 -26.59
CA GLN C 300 47.05 -44.57 -27.19
C GLN C 300 47.00 -44.85 -28.71
N HIS C 301 46.27 -45.89 -29.13
CA HIS C 301 46.27 -46.31 -30.54
C HIS C 301 45.94 -45.12 -31.42
N MET C 302 44.93 -44.35 -31.00
CA MET C 302 44.47 -43.18 -31.78
C MET C 302 45.57 -42.14 -32.07
N VAL C 303 46.63 -42.12 -31.28
CA VAL C 303 47.83 -41.32 -31.57
C VAL C 303 48.58 -41.88 -32.78
N GLN C 304 48.81 -43.18 -32.75
CA GLN C 304 49.66 -43.85 -33.73
C GLN C 304 48.96 -44.06 -35.06
N TYR C 305 47.66 -44.35 -35.00
CA TYR C 305 46.93 -44.70 -36.21
C TYR C 305 46.89 -43.59 -37.24
N PHE C 306 46.78 -42.35 -36.76
CA PHE C 306 46.84 -41.19 -37.63
C PHE C 306 48.26 -40.75 -37.93
N THR C 307 49.19 -41.62 -37.59
CA THR C 307 50.50 -41.61 -38.17
C THR C 307 50.51 -42.42 -39.51
N ALA C 308 49.33 -42.74 -40.07
CA ALA C 308 49.18 -42.95 -41.52
C ALA C 308 49.25 -41.61 -42.27
N ILE C 309 48.93 -40.50 -41.57
CA ILE C 309 49.02 -39.11 -42.10
C ILE C 309 49.79 -38.12 -41.17
N GLY C 310 50.51 -38.63 -40.17
CA GLY C 310 51.49 -37.85 -39.40
C GLY C 310 50.94 -36.89 -38.37
N TYR C 311 51.26 -37.14 -37.10
CA TYR C 311 50.71 -36.33 -36.00
C TYR C 311 51.65 -35.21 -35.51
N PRO C 312 51.13 -34.31 -34.64
CA PRO C 312 51.85 -33.08 -34.27
C PRO C 312 52.17 -32.93 -32.77
N CYS C 313 52.54 -31.71 -32.35
CA CYS C 313 52.74 -31.34 -30.92
C CYS C 313 51.49 -31.06 -30.04
N PRO C 314 50.51 -30.25 -30.51
CA PRO C 314 49.34 -29.83 -29.69
C PRO C 314 48.51 -30.90 -28.92
N ARG C 315 47.62 -31.69 -29.52
CA ARG C 315 46.79 -32.68 -28.75
C ARG C 315 45.87 -33.51 -29.63
N TYR C 316 45.08 -34.40 -29.03
CA TYR C 316 44.05 -35.07 -29.81
C TYR C 316 42.85 -34.19 -30.27
N SER C 317 42.66 -33.00 -29.72
CA SER C 317 41.78 -32.00 -30.39
C SER C 317 42.00 -31.92 -31.89
N ASN C 318 43.26 -31.77 -32.24
CA ASN C 318 43.71 -31.47 -33.58
C ASN C 318 42.92 -32.14 -34.73
N PRO C 319 42.98 -33.48 -34.85
CA PRO C 319 42.47 -34.14 -36.05
C PRO C 319 40.94 -34.05 -36.27
N ALA C 320 40.17 -33.98 -35.20
CA ALA C 320 38.74 -33.70 -35.36
C ALA C 320 38.51 -32.54 -36.34
N ASP C 321 39.28 -31.47 -36.21
CA ASP C 321 39.20 -30.37 -37.18
C ASP C 321 39.85 -30.76 -38.53
N PHE C 322 40.98 -31.47 -38.49
CA PHE C 322 41.63 -31.92 -39.73
C PHE C 322 40.63 -32.64 -40.64
N TYR C 323 39.75 -33.43 -40.05
CA TYR C 323 38.73 -34.14 -40.80
C TYR C 323 37.38 -33.42 -40.85
N VAL C 324 37.35 -32.10 -40.64
CA VAL C 324 36.10 -31.33 -40.76
C VAL C 324 36.09 -30.66 -42.13
N ASP C 325 34.94 -30.14 -42.57
CA ASP C 325 34.71 -29.77 -43.98
C ASP C 325 34.62 -28.26 -44.21
N LEU C 326 35.30 -27.77 -45.25
CA LEU C 326 35.57 -26.35 -45.32
C LEU C 326 34.44 -25.55 -45.99
N THR C 327 34.25 -24.34 -45.48
CA THR C 327 33.96 -23.10 -46.25
C THR C 327 33.19 -23.16 -47.60
N SER C 328 33.85 -22.81 -48.71
CA SER C 328 33.23 -22.73 -50.04
C SER C 328 32.73 -24.09 -50.45
N ILE C 329 31.49 -24.18 -50.96
CA ILE C 329 30.87 -25.48 -51.28
C ILE C 329 31.85 -26.40 -52.02
N ASP C 330 32.56 -25.89 -53.03
CA ASP C 330 33.51 -26.72 -53.80
C ASP C 330 34.35 -27.59 -52.87
N ARG C 331 34.88 -26.96 -51.84
CA ARG C 331 35.73 -27.66 -50.90
C ARG C 331 34.95 -28.71 -50.10
N ARG C 332 33.78 -28.32 -49.61
CA ARG C 332 32.95 -29.18 -48.76
C ARG C 332 32.82 -30.59 -49.32
N SER C 333 32.55 -30.65 -50.62
CA SER C 333 32.35 -31.89 -51.33
C SER C 333 33.61 -32.73 -51.28
N ARG C 334 34.74 -32.08 -51.54
CA ARG C 334 36.01 -32.77 -51.45
C ARG C 334 36.19 -33.29 -50.04
N GLU C 335 35.95 -32.44 -49.05
CA GLU C 335 36.07 -32.87 -47.69
C GLU C 335 35.18 -34.08 -47.42
N GLN C 336 34.00 -34.14 -48.04
CA GLN C 336 33.14 -35.32 -47.88
C GLN C 336 33.67 -36.63 -48.50
N GLU C 337 34.63 -36.59 -49.44
CA GLU C 337 35.38 -37.82 -49.79
C GLU C 337 36.25 -38.30 -48.62
N LEU C 338 36.38 -37.52 -47.55
CA LEU C 338 36.78 -38.13 -46.29
C LEU C 338 35.84 -39.25 -45.83
N ALA C 339 34.77 -39.51 -46.59
CA ALA C 339 34.19 -40.86 -46.66
C ALA C 339 35.28 -41.87 -47.02
N THR C 340 36.10 -41.56 -48.02
CA THR C 340 37.23 -42.42 -48.39
C THR C 340 38.14 -42.71 -47.19
N ARG C 341 38.52 -41.68 -46.43
CA ARG C 341 39.26 -41.89 -45.16
C ARG C 341 38.47 -42.83 -44.27
N GLU C 342 37.16 -42.62 -44.23
CA GLU C 342 36.27 -43.54 -43.53
C GLU C 342 36.61 -44.95 -43.98
N LYS C 343 36.66 -45.14 -45.28
CA LYS C 343 36.78 -46.45 -45.87
C LYS C 343 38.13 -47.11 -45.51
N ALA C 344 39.21 -46.31 -45.52
CA ALA C 344 40.55 -46.88 -45.28
C ALA C 344 40.47 -47.69 -44.02
N GLN C 345 40.02 -47.07 -42.94
CA GLN C 345 39.94 -47.78 -41.69
C GLN C 345 39.03 -48.98 -41.82
N SER C 346 37.81 -48.76 -42.28
CA SER C 346 36.84 -49.85 -42.27
C SER C 346 37.63 -51.10 -42.65
N LEU C 347 38.48 -50.98 -43.67
CA LEU C 347 39.35 -52.07 -44.06
C LEU C 347 40.50 -52.32 -43.06
N ALA C 348 41.23 -51.28 -42.63
CA ALA C 348 42.23 -51.50 -41.56
C ALA C 348 41.55 -52.15 -40.34
N ALA C 349 40.23 -51.94 -40.19
CA ALA C 349 39.44 -52.58 -39.13
C ALA C 349 39.31 -54.10 -39.28
N LEU C 350 38.80 -54.59 -40.41
CA LEU C 350 38.51 -56.04 -40.61
C LEU C 350 37.99 -56.82 -39.40
N PHE C 351 38.78 -56.87 -38.33
CA PHE C 351 38.62 -57.86 -37.26
C PHE C 351 37.21 -57.89 -36.66
N LEU C 352 36.86 -59.04 -36.12
CA LEU C 352 35.52 -59.30 -35.58
C LEU C 352 35.08 -58.17 -34.67
N GLU C 353 36.02 -57.70 -33.86
CA GLU C 353 35.81 -56.56 -32.97
C GLU C 353 35.19 -55.30 -33.62
N LYS C 354 35.62 -54.96 -34.83
CA LYS C 354 35.28 -53.66 -35.45
C LYS C 354 35.84 -52.49 -34.60
N VAL C 355 37.00 -52.72 -33.96
CA VAL C 355 37.55 -51.86 -32.88
C VAL C 355 39.07 -51.85 -32.94
N ARG C 356 39.72 -50.98 -32.14
CA ARG C 356 41.16 -51.07 -31.86
C ARG C 356 41.99 -50.66 -33.10
N ASP C 357 43.26 -50.35 -32.89
CA ASP C 357 44.21 -49.98 -33.96
C ASP C 357 43.73 -48.70 -34.64
N THR C 392 11.36 -57.79 -12.05
CA THR C 392 10.28 -58.76 -12.17
C THR C 392 8.99 -58.21 -11.55
N LYS C 393 9.01 -58.06 -10.24
CA LYS C 393 7.80 -57.77 -9.48
C LYS C 393 7.45 -56.29 -9.53
N MET C 394 8.47 -55.43 -9.42
CA MET C 394 8.35 -53.97 -9.63
C MET C 394 7.42 -53.31 -8.56
N PRO C 395 7.32 -51.97 -8.54
CA PRO C 395 6.96 -51.26 -7.31
C PRO C 395 5.47 -51.02 -7.01
N GLY C 396 4.60 -50.91 -8.00
CA GLY C 396 3.17 -50.81 -7.72
C GLY C 396 2.57 -49.42 -7.56
N ALA C 397 1.32 -49.29 -8.00
CA ALA C 397 0.61 -48.02 -8.24
C ALA C 397 0.45 -47.13 -7.01
N VAL C 398 -0.25 -47.61 -5.99
CA VAL C 398 -0.33 -46.92 -4.70
C VAL C 398 1.04 -46.54 -4.18
N GLN C 399 1.90 -47.55 -4.09
CA GLN C 399 3.11 -47.41 -3.32
C GLN C 399 3.82 -46.20 -3.93
N GLN C 400 3.73 -46.11 -5.26
CA GLN C 400 4.24 -44.95 -5.99
C GLN C 400 3.58 -43.67 -5.48
N PHE C 401 2.28 -43.52 -5.74
CA PHE C 401 1.55 -42.36 -5.26
C PHE C 401 2.00 -41.92 -3.88
N THR C 402 1.99 -42.83 -2.92
CA THR C 402 2.34 -42.45 -1.56
C THR C 402 3.69 -41.76 -1.55
N THR C 403 4.71 -42.38 -2.14
CA THR C 403 6.05 -41.78 -2.35
C THR C 403 5.92 -40.38 -2.94
N LEU C 404 5.33 -40.33 -4.14
CA LEU C 404 5.18 -39.03 -4.79
C LEU C 404 4.66 -38.00 -3.84
N ILE C 405 3.55 -38.26 -3.17
CA ILE C 405 2.98 -37.24 -2.30
C ILE C 405 3.95 -36.88 -1.17
N ARG C 406 4.67 -37.86 -0.64
CA ARG C 406 5.64 -37.57 0.43
C ARG C 406 6.75 -36.66 -0.08
N ARG C 407 7.37 -37.03 -1.19
CA ARG C 407 8.47 -36.22 -1.73
C ARG C 407 7.95 -34.84 -2.16
N GLN C 408 6.95 -34.84 -3.02
CA GLN C 408 6.23 -33.62 -3.45
C GLN C 408 5.89 -32.67 -2.27
N ILE C 409 5.35 -33.23 -1.18
CA ILE C 409 4.87 -32.44 -0.05
C ILE C 409 5.95 -32.05 0.94
N SER C 410 6.98 -32.87 1.04
CA SER C 410 8.16 -32.51 1.81
C SER C 410 8.78 -31.23 1.28
N ASN C 411 9.37 -31.26 0.09
CA ASN C 411 10.12 -30.10 -0.31
C ASN C 411 9.26 -28.86 -0.37
N ASP C 412 8.04 -28.97 -0.90
CA ASP C 412 7.11 -27.82 -0.94
C ASP C 412 6.92 -27.26 0.49
N PHE C 413 6.86 -28.14 1.51
CA PHE C 413 6.79 -27.64 2.90
C PHE C 413 8.10 -27.11 3.46
N ARG C 414 9.24 -27.65 3.03
CA ARG C 414 10.56 -27.12 3.46
C ARG C 414 10.95 -25.86 2.71
N ASP C 415 10.19 -25.54 1.67
CA ASP C 415 10.25 -24.23 1.00
C ASP C 415 9.51 -23.22 1.86
N LEU C 416 10.25 -22.38 2.57
CA LEU C 416 9.61 -21.31 3.32
C LEU C 416 9.28 -20.10 2.44
N PRO C 417 10.25 -19.63 1.64
CA PRO C 417 10.07 -18.34 0.96
C PRO C 417 8.76 -18.22 0.25
N THR C 418 8.46 -19.17 -0.64
CA THR C 418 7.20 -19.12 -1.36
C THR C 418 6.06 -19.10 -0.33
N LEU C 419 6.15 -20.06 0.60
CA LEU C 419 5.11 -20.31 1.58
C LEU C 419 4.72 -19.09 2.39
N LEU C 420 5.69 -18.27 2.78
CA LEU C 420 5.35 -17.05 3.51
C LEU C 420 4.61 -16.07 2.61
N ILE C 421 5.07 -16.02 1.38
CA ILE C 421 4.50 -15.11 0.44
C ILE C 421 3.07 -15.49 0.27
N HIS C 422 2.82 -16.74 -0.11
CA HIS C 422 1.45 -17.12 -0.42
C HIS C 422 0.54 -16.63 0.68
N GLY C 423 0.81 -17.03 1.91
CA GLY C 423 0.10 -16.50 3.07
C GLY C 423 -0.07 -15.00 3.00
N ALA C 424 1.05 -14.28 2.91
CA ALA C 424 0.95 -12.83 2.71
C ALA C 424 -0.01 -12.53 1.53
N GLU C 425 0.32 -13.13 0.38
CA GLU C 425 -0.33 -12.84 -0.92
C GLU C 425 -1.84 -12.92 -0.81
N ALA C 426 -2.31 -13.89 -0.05
CA ALA C 426 -3.69 -14.04 0.24
C ALA C 426 -4.01 -13.03 1.33
N CYS C 427 -3.37 -13.19 2.47
CA CYS C 427 -3.72 -12.40 3.63
C CYS C 427 -4.18 -11.03 3.17
N LEU C 428 -3.30 -10.36 2.45
CA LEU C 428 -3.49 -8.94 2.23
C LEU C 428 -4.76 -8.66 1.44
N MET C 429 -4.96 -9.42 0.37
CA MET C 429 -6.23 -9.31 -0.36
C MET C 429 -7.37 -9.29 0.64
N SER C 430 -7.39 -10.26 1.55
CA SER C 430 -8.50 -10.35 2.48
C SER C 430 -8.62 -9.05 3.24
N MET C 431 -7.47 -8.61 3.77
CA MET C 431 -7.40 -7.38 4.55
C MET C 431 -8.12 -6.27 3.77
N THR C 432 -7.62 -6.04 2.56
CA THR C 432 -8.10 -4.89 1.80
C THR C 432 -9.56 -5.07 1.46
N ILE C 433 -9.90 -6.16 0.77
CA ILE C 433 -11.31 -6.42 0.46
C ILE C 433 -12.15 -6.09 1.65
N GLY C 434 -11.79 -6.69 2.80
CA GLY C 434 -12.48 -6.42 4.04
C GLY C 434 -12.62 -4.94 4.34
N PHE C 435 -11.50 -4.25 4.55
CA PHE C 435 -11.61 -2.83 4.92
C PHE C 435 -12.51 -2.10 3.94
N LEU C 436 -12.28 -2.35 2.67
CA LEU C 436 -12.98 -1.65 1.61
C LEU C 436 -14.48 -1.77 1.73
N TYR C 437 -14.95 -2.89 2.28
CA TYR C 437 -16.37 -3.04 2.56
C TYR C 437 -16.62 -3.10 4.06
N PHE C 438 -15.73 -2.48 4.83
CA PHE C 438 -15.76 -2.57 6.29
C PHE C 438 -17.18 -2.47 6.83
N GLY C 439 -17.63 -3.50 7.52
CA GLY C 439 -19.02 -3.65 7.93
C GLY C 439 -19.42 -2.92 9.20
N HIS C 440 -18.45 -2.38 9.94
CA HIS C 440 -18.74 -1.70 11.23
C HIS C 440 -18.42 -0.19 11.30
N GLY C 441 -17.16 0.14 11.59
CA GLY C 441 -16.68 1.46 12.04
C GLY C 441 -17.34 2.76 11.62
N SER C 442 -17.12 3.19 10.37
CA SER C 442 -17.75 4.40 9.85
C SER C 442 -19.26 4.10 9.49
N ILE C 443 -19.95 4.97 8.77
CA ILE C 443 -21.45 4.95 8.73
C ILE C 443 -22.17 3.59 8.49
N GLN C 444 -22.11 3.05 7.27
CA GLN C 444 -23.02 1.96 6.88
C GLN C 444 -22.69 1.27 5.54
N LEU C 445 -22.84 -0.06 5.53
CA LEU C 445 -22.59 -0.92 4.36
C LEU C 445 -23.87 -1.25 3.54
N SER C 446 -23.89 -0.83 2.27
CA SER C 446 -25.11 -0.97 1.46
C SER C 446 -25.18 -2.37 0.86
N PHE C 447 -26.37 -2.98 0.76
CA PHE C 447 -26.52 -4.35 0.14
C PHE C 447 -26.21 -4.46 -1.38
N MET C 448 -26.71 -3.51 -2.15
CA MET C 448 -26.24 -3.24 -3.51
C MET C 448 -24.73 -3.45 -3.60
N ASP C 449 -23.99 -2.93 -2.62
CA ASP C 449 -22.55 -3.15 -2.50
C ASP C 449 -22.23 -4.54 -1.92
N THR C 450 -22.96 -4.95 -0.88
CA THR C 450 -22.70 -6.21 -0.15
C THR C 450 -22.71 -7.39 -1.11
N ALA C 451 -23.50 -7.31 -2.17
CA ALA C 451 -23.40 -8.34 -3.19
C ALA C 451 -22.00 -8.30 -3.80
N ALA C 452 -21.65 -7.14 -4.35
CA ALA C 452 -20.33 -6.90 -4.93
C ALA C 452 -19.24 -7.62 -4.14
N LEU C 453 -19.08 -7.30 -2.85
CA LEU C 453 -18.08 -8.01 -2.06
C LEU C 453 -18.19 -9.53 -2.25
N LEU C 454 -19.33 -10.09 -1.88
CA LEU C 454 -19.61 -11.51 -2.04
C LEU C 454 -19.25 -12.07 -3.42
N PHE C 455 -19.38 -11.26 -4.46
CA PHE C 455 -18.91 -11.69 -5.78
C PHE C 455 -17.36 -11.71 -5.81
N MET C 456 -16.81 -10.55 -5.47
CA MET C 456 -15.36 -10.29 -5.50
C MET C 456 -14.56 -11.34 -4.75
N ILE C 457 -14.91 -11.52 -3.48
CA ILE C 457 -14.26 -12.50 -2.60
C ILE C 457 -14.10 -13.80 -3.36
N GLY C 458 -15.04 -14.08 -4.26
CA GLY C 458 -14.95 -15.23 -5.14
C GLY C 458 -14.07 -14.99 -6.35
N ALA C 459 -14.54 -14.12 -7.24
CA ALA C 459 -13.86 -13.91 -8.51
C ALA C 459 -12.71 -12.90 -8.48
N LEU C 460 -12.00 -12.90 -7.38
CA LEU C 460 -10.78 -12.15 -7.27
C LEU C 460 -9.57 -13.10 -7.18
N ILE C 461 -9.62 -13.99 -6.20
CA ILE C 461 -8.48 -14.86 -5.85
C ILE C 461 -7.93 -15.66 -7.07
N PRO C 462 -8.83 -16.09 -7.99
CA PRO C 462 -8.33 -16.59 -9.27
C PRO C 462 -7.12 -15.82 -9.80
N PHE C 463 -7.23 -14.49 -9.99
CA PHE C 463 -6.14 -13.77 -10.71
C PHE C 463 -4.85 -13.67 -9.88
N ASN C 464 -4.83 -14.36 -8.74
CA ASN C 464 -3.56 -14.78 -8.17
C ASN C 464 -3.36 -16.27 -8.42
N VAL C 465 -4.28 -17.08 -7.86
CA VAL C 465 -4.09 -18.53 -7.76
C VAL C 465 -3.72 -19.13 -9.14
N ILE C 466 -4.43 -18.71 -10.18
CA ILE C 466 -4.13 -19.17 -11.55
C ILE C 466 -2.63 -19.17 -11.73
N LEU C 467 -2.04 -17.97 -11.60
CA LEU C 467 -0.60 -17.79 -11.83
C LEU C 467 0.19 -18.60 -10.84
N ASP C 468 -0.31 -18.57 -9.60
CA ASP C 468 0.31 -19.29 -8.47
C ASP C 468 0.57 -20.75 -8.81
N VAL C 469 -0.43 -21.46 -9.32
CA VAL C 469 -0.28 -22.88 -9.58
C VAL C 469 0.07 -23.24 -11.04
N ILE C 470 -0.18 -22.34 -11.97
CA ILE C 470 0.37 -22.52 -13.32
C ILE C 470 1.89 -22.48 -13.20
N SER C 471 2.38 -21.42 -12.55
CA SER C 471 3.82 -21.29 -12.35
C SER C 471 4.50 -22.59 -11.87
N LYS C 472 3.95 -23.27 -10.87
CA LYS C 472 4.54 -24.53 -10.35
C LYS C 472 4.50 -25.64 -11.41
N CYS C 473 3.29 -26.08 -11.76
CA CYS C 473 3.11 -27.15 -12.73
C CYS C 473 4.05 -26.88 -13.90
N TYR C 474 4.06 -25.64 -14.42
CA TYR C 474 4.91 -25.37 -15.59
C TYR C 474 6.39 -25.42 -15.30
N SER C 475 6.79 -24.98 -14.12
CA SER C 475 8.17 -25.15 -13.68
C SER C 475 8.46 -26.60 -13.32
N GLU C 476 7.50 -27.49 -13.53
CA GLU C 476 7.85 -28.91 -13.57
C GLU C 476 7.91 -29.46 -15.01
N ARG C 477 9.14 -29.69 -15.45
CA ARG C 477 9.43 -30.53 -16.60
C ARG C 477 9.78 -31.90 -16.06
N ALA C 478 10.21 -31.95 -14.80
CA ALA C 478 10.71 -33.18 -14.21
C ALA C 478 9.89 -34.35 -14.79
N MET C 479 8.58 -34.23 -14.63
CA MET C 479 7.68 -35.34 -14.94
C MET C 479 7.92 -35.97 -16.32
N LEU C 480 8.22 -35.17 -17.35
CA LEU C 480 8.58 -35.77 -18.66
C LEU C 480 9.65 -36.83 -18.45
N TYR C 481 10.80 -36.40 -17.94
CA TYR C 481 11.88 -37.35 -17.72
C TYR C 481 11.40 -38.46 -16.80
N TYR C 482 10.49 -38.16 -15.87
CA TYR C 482 9.97 -39.25 -15.05
C TYR C 482 9.12 -40.19 -15.92
N GLU C 483 8.24 -39.65 -16.77
CA GLU C 483 7.43 -40.48 -17.65
C GLU C 483 8.36 -41.40 -18.43
N LEU C 484 9.30 -40.80 -19.15
CA LEU C 484 10.14 -41.58 -20.08
C LEU C 484 11.08 -42.54 -19.35
N GLU C 485 11.67 -42.09 -18.26
CA GLU C 485 12.57 -42.95 -17.51
C GLU C 485 11.77 -44.11 -16.86
N ASP C 486 10.53 -43.84 -16.41
CA ASP C 486 9.57 -44.85 -15.85
C ASP C 486 9.32 -44.79 -14.33
N GLY C 487 9.80 -43.74 -13.67
CA GLY C 487 9.61 -43.57 -12.22
C GLY C 487 8.15 -43.64 -11.81
N LEU C 488 7.31 -42.86 -12.50
CA LEU C 488 5.88 -42.67 -12.18
C LEU C 488 5.10 -43.19 -13.35
N TYR C 489 3.83 -43.47 -13.12
CA TYR C 489 2.88 -43.42 -14.23
C TYR C 489 1.54 -43.00 -13.79
N THR C 490 1.01 -42.00 -14.49
CA THR C 490 -0.18 -41.28 -14.03
C THR C 490 -1.34 -42.06 -13.33
N THR C 491 -1.63 -43.29 -13.76
CA THR C 491 -2.91 -44.01 -13.41
C THR C 491 -3.45 -43.72 -11.99
N GLY C 492 -3.10 -44.52 -10.97
CA GLY C 492 -3.19 -44.03 -9.59
C GLY C 492 -2.13 -43.00 -9.17
N PRO C 493 -0.95 -42.97 -9.82
CA PRO C 493 0.13 -42.09 -9.36
C PRO C 493 0.00 -40.58 -9.45
N TYR C 494 -0.56 -40.01 -10.49
CA TYR C 494 -0.40 -38.57 -10.69
C TYR C 494 -1.69 -37.74 -10.80
N PHE C 495 -2.59 -38.10 -11.74
CA PHE C 495 -3.83 -37.33 -11.93
C PHE C 495 -4.33 -36.88 -10.57
N PHE C 496 -4.00 -37.67 -9.52
CA PHE C 496 -4.05 -37.22 -8.09
C PHE C 496 -2.76 -37.25 -7.27
N ALA C 497 -1.63 -37.46 -7.91
CA ALA C 497 -0.34 -37.18 -7.29
C ALA C 497 -0.35 -35.79 -6.63
N LYS C 498 -0.54 -34.77 -7.46
CA LYS C 498 -0.36 -33.40 -7.09
C LYS C 498 -1.62 -32.84 -6.46
N ILE C 499 -2.76 -33.20 -7.03
CA ILE C 499 -4.04 -32.64 -6.59
C ILE C 499 -4.17 -32.65 -5.06
N LEU C 500 -3.62 -33.69 -4.44
CA LEU C 500 -3.60 -33.73 -2.98
C LEU C 500 -2.41 -32.97 -2.43
N GLY C 501 -1.26 -33.10 -3.09
CA GLY C 501 -0.02 -32.40 -2.72
C GLY C 501 -0.10 -30.93 -2.30
N GLU C 502 -0.80 -30.13 -3.09
CA GLU C 502 -1.05 -28.72 -2.74
C GLU C 502 -1.92 -28.58 -1.51
N LEU C 503 -2.89 -29.48 -1.39
CA LEU C 503 -4.06 -29.28 -0.53
C LEU C 503 -3.78 -28.58 0.80
N PRO C 504 -2.92 -29.17 1.63
CA PRO C 504 -2.62 -28.50 2.90
C PRO C 504 -2.25 -26.99 2.78
N GLU C 505 -1.32 -26.64 1.88
CA GLU C 505 -1.06 -25.24 1.57
C GLU C 505 -2.41 -24.56 1.31
N HIS C 506 -3.09 -25.07 0.28
CA HIS C 506 -4.32 -24.50 -0.22
C HIS C 506 -5.37 -24.21 0.87
N CYS C 507 -5.44 -25.06 1.89
CA CYS C 507 -6.36 -24.82 3.02
C CYS C 507 -6.00 -23.58 3.81
N ALA C 508 -4.72 -23.45 4.14
CA ALA C 508 -4.30 -22.26 4.85
C ALA C 508 -4.58 -21.10 3.94
N TYR C 509 -4.07 -21.22 2.71
CA TYR C 509 -4.26 -20.21 1.67
C TYR C 509 -5.69 -19.71 1.67
N ILE C 510 -6.65 -20.62 1.67
CA ILE C 510 -8.03 -20.21 1.73
C ILE C 510 -8.36 -19.57 3.04
N ILE C 511 -8.11 -20.24 4.15
CA ILE C 511 -8.57 -19.72 5.44
C ILE C 511 -8.09 -18.29 5.74
N ILE C 512 -6.80 -18.09 5.49
CA ILE C 512 -6.16 -16.78 5.59
C ILE C 512 -6.88 -15.70 4.79
N TYR C 513 -7.42 -16.10 3.65
CA TYR C 513 -8.06 -15.17 2.73
C TYR C 513 -9.55 -15.00 3.01
N GLY C 514 -10.16 -16.07 3.51
CA GLY C 514 -11.60 -16.19 3.63
C GLY C 514 -12.11 -15.80 4.99
N MET C 515 -11.40 -16.13 6.06
CA MET C 515 -11.94 -15.78 7.39
C MET C 515 -12.00 -14.26 7.74
N PRO C 516 -10.92 -13.51 7.48
CA PRO C 516 -10.94 -12.11 7.93
C PRO C 516 -11.95 -11.25 7.17
N THR C 517 -11.88 -11.29 5.84
CA THR C 517 -12.84 -10.61 4.97
C THR C 517 -14.20 -10.70 5.60
N TYR C 518 -14.61 -11.93 5.87
CA TYR C 518 -15.92 -12.23 6.45
C TYR C 518 -16.24 -11.32 7.62
N TRP C 519 -15.34 -11.24 8.59
CA TRP C 519 -15.54 -10.43 9.79
C TRP C 519 -15.43 -8.93 9.51
N LEU C 520 -14.36 -8.52 8.84
CA LEU C 520 -14.18 -7.12 8.50
C LEU C 520 -15.44 -6.59 7.88
N ALA C 521 -15.91 -7.26 6.82
CA ALA C 521 -17.10 -6.79 6.11
C ALA C 521 -18.42 -7.11 6.83
N ASN C 522 -18.33 -7.49 8.11
CA ASN C 522 -19.48 -7.95 8.88
C ASN C 522 -20.57 -8.67 8.12
N LEU C 523 -20.31 -9.91 7.75
CA LEU C 523 -21.35 -10.78 7.21
C LEU C 523 -22.13 -11.42 8.39
N ARG C 524 -23.31 -11.99 8.11
CA ARG C 524 -24.17 -12.72 9.07
C ARG C 524 -23.39 -13.35 10.24
N PRO C 525 -23.90 -13.21 11.47
CA PRO C 525 -23.22 -13.58 12.71
C PRO C 525 -23.10 -15.08 13.04
N GLY C 526 -22.57 -15.33 14.25
CA GLY C 526 -22.57 -16.65 14.87
C GLY C 526 -21.47 -17.52 14.33
N LEU C 527 -21.84 -18.52 13.51
CA LEU C 527 -20.89 -19.45 12.89
C LEU C 527 -21.49 -20.14 11.66
N GLN C 528 -22.67 -20.71 11.78
CA GLN C 528 -23.20 -21.61 10.74
C GLN C 528 -23.06 -21.02 9.33
N PRO C 529 -23.40 -19.73 9.16
CA PRO C 529 -23.18 -19.14 7.83
C PRO C 529 -21.68 -19.10 7.47
N PHE C 530 -20.86 -18.48 8.32
CA PHE C 530 -19.39 -18.44 8.16
C PHE C 530 -18.87 -19.70 7.49
N LEU C 531 -19.27 -20.85 8.00
CA LEU C 531 -18.61 -22.08 7.59
C LEU C 531 -19.15 -22.54 6.24
N LEU C 532 -20.43 -22.33 6.02
CA LEU C 532 -21.01 -22.66 4.75
C LEU C 532 -20.29 -21.79 3.71
N HIS C 533 -20.21 -20.50 4.00
CA HIS C 533 -19.48 -19.51 3.22
C HIS C 533 -18.11 -20.07 2.91
N PHE C 534 -17.29 -20.15 3.92
CA PHE C 534 -15.91 -20.58 3.82
C PHE C 534 -15.82 -21.85 2.96
N LEU C 535 -16.51 -22.89 3.42
CA LEU C 535 -16.53 -24.17 2.74
C LEU C 535 -16.78 -24.05 1.23
N LEU C 536 -17.64 -23.12 0.82
CA LEU C 536 -17.92 -22.92 -0.60
C LEU C 536 -16.71 -22.28 -1.26
N VAL C 537 -16.20 -21.22 -0.64
CA VAL C 537 -15.05 -20.49 -1.17
C VAL C 537 -13.98 -21.54 -1.45
N TRP C 538 -13.87 -22.46 -0.49
CA TRP C 538 -12.98 -23.59 -0.58
C TRP C 538 -13.16 -24.36 -1.90
N LEU C 539 -14.36 -24.84 -2.16
CA LEU C 539 -14.59 -25.62 -3.35
C LEU C 539 -14.46 -24.79 -4.64
N VAL C 540 -14.76 -23.49 -4.56
CA VAL C 540 -14.62 -22.58 -5.71
C VAL C 540 -13.13 -22.44 -6.07
N VAL C 541 -12.36 -22.02 -5.08
CA VAL C 541 -10.95 -21.83 -5.30
C VAL C 541 -10.34 -23.16 -5.71
N PHE C 542 -10.76 -24.25 -5.09
CA PHE C 542 -10.15 -25.54 -5.35
C PHE C 542 -10.46 -26.02 -6.74
N CYS C 543 -11.73 -25.86 -7.12
CA CYS C 543 -12.12 -26.09 -8.51
C CYS C 543 -11.16 -25.27 -9.38
N CYS C 544 -11.00 -24.00 -9.04
CA CYS C 544 -10.10 -23.17 -9.83
C CYS C 544 -8.66 -23.70 -9.93
N ARG C 545 -8.08 -24.19 -8.82
CA ARG C 545 -6.74 -24.81 -8.87
C ARG C 545 -6.73 -25.89 -9.95
N ILE C 546 -7.64 -26.84 -9.84
CA ILE C 546 -7.68 -27.89 -10.83
C ILE C 546 -7.77 -27.29 -12.20
N MET C 547 -8.69 -26.34 -12.38
CA MET C 547 -8.81 -25.72 -13.70
C MET C 547 -7.43 -25.36 -14.23
N ALA C 548 -6.65 -24.70 -13.38
CA ALA C 548 -5.34 -24.29 -13.81
C ALA C 548 -4.55 -25.52 -14.19
N LEU C 549 -4.48 -26.50 -13.29
CA LEU C 549 -3.66 -27.69 -13.54
C LEU C 549 -3.96 -28.27 -14.88
N ALA C 550 -5.24 -28.48 -15.14
CA ALA C 550 -5.68 -28.91 -16.44
C ALA C 550 -5.11 -27.98 -17.51
N ALA C 551 -5.49 -26.70 -17.44
CA ALA C 551 -5.03 -25.72 -18.44
C ALA C 551 -3.55 -25.88 -18.76
N ALA C 552 -2.75 -26.04 -17.71
CA ALA C 552 -1.29 -26.09 -17.79
C ALA C 552 -0.80 -27.38 -18.39
N ALA C 553 -1.30 -28.49 -17.89
CA ALA C 553 -0.88 -29.77 -18.41
C ALA C 553 -1.35 -30.01 -19.84
N LEU C 554 -2.46 -29.37 -20.22
CA LEU C 554 -3.07 -29.47 -21.57
C LEU C 554 -2.35 -28.70 -22.66
N LEU C 555 -2.16 -27.43 -22.38
CA LEU C 555 -1.41 -26.57 -23.27
C LEU C 555 0.10 -26.85 -23.21
N PRO C 556 0.91 -26.07 -23.97
CA PRO C 556 2.36 -26.25 -23.97
C PRO C 556 3.29 -25.04 -23.60
N THR C 557 2.80 -23.99 -22.94
CA THR C 557 3.70 -22.89 -22.52
C THR C 557 3.10 -22.01 -21.45
N PHE C 558 3.86 -21.82 -20.38
CA PHE C 558 3.42 -21.01 -19.25
C PHE C 558 2.56 -19.87 -19.74
N HIS C 559 3.09 -19.10 -20.68
CA HIS C 559 2.36 -17.99 -21.27
C HIS C 559 1.07 -18.43 -21.89
N MET C 560 1.13 -19.48 -22.70
CA MET C 560 -0.05 -19.99 -23.36
C MET C 560 -1.13 -20.44 -22.37
N ALA C 561 -0.78 -21.35 -21.45
CA ALA C 561 -1.71 -21.84 -20.45
C ALA C 561 -2.26 -20.68 -19.64
N SER C 562 -1.35 -19.76 -19.30
CA SER C 562 -1.68 -18.57 -18.56
C SER C 562 -2.43 -17.56 -19.43
N PHE C 563 -2.63 -17.86 -20.71
CA PHE C 563 -3.62 -17.15 -21.48
C PHE C 563 -4.94 -17.90 -21.44
N PHE C 564 -4.90 -19.14 -21.91
CA PHE C 564 -6.12 -19.94 -22.02
C PHE C 564 -6.88 -19.76 -20.72
N SER C 565 -6.15 -19.84 -19.61
CA SER C 565 -6.72 -19.62 -18.30
C SER C 565 -7.35 -18.25 -18.20
N ASN C 566 -6.56 -17.18 -18.31
CA ASN C 566 -7.13 -15.83 -18.09
C ASN C 566 -8.28 -15.44 -19.06
N ALA C 567 -8.33 -16.06 -20.22
CA ALA C 567 -9.49 -15.97 -21.10
C ALA C 567 -10.69 -16.76 -20.56
N LEU C 568 -10.44 -18.01 -20.23
CA LEU C 568 -11.46 -18.85 -19.62
C LEU C 568 -12.03 -18.25 -18.32
N TYR C 569 -11.22 -17.46 -17.62
CA TYR C 569 -11.60 -16.78 -16.38
C TYR C 569 -12.33 -15.47 -16.72
N ASN C 570 -11.71 -14.61 -17.52
CA ASN C 570 -12.41 -13.39 -17.97
C ASN C 570 -13.79 -13.77 -18.52
N SER C 571 -13.93 -14.99 -19.07
CA SER C 571 -15.22 -15.48 -19.59
C SER C 571 -16.23 -15.95 -18.53
N PHE C 572 -15.70 -16.48 -17.45
CA PHE C 572 -16.53 -16.84 -16.33
C PHE C 572 -16.94 -15.61 -15.52
N TYR C 573 -16.07 -14.60 -15.43
CA TYR C 573 -16.31 -13.36 -14.65
C TYR C 573 -17.58 -12.66 -15.08
N LEU C 574 -17.72 -12.51 -16.38
CA LEU C 574 -18.89 -11.92 -16.99
C LEU C 574 -20.15 -12.75 -16.69
N ALA C 575 -20.09 -14.04 -16.97
CA ALA C 575 -21.18 -14.96 -16.63
C ALA C 575 -21.67 -14.82 -15.17
N GLY C 576 -20.72 -14.58 -14.25
CA GLY C 576 -21.07 -14.24 -12.87
C GLY C 576 -22.19 -13.20 -12.79
N GLY C 577 -22.99 -13.25 -11.73
CA GLY C 577 -24.13 -12.32 -11.61
C GLY C 577 -23.78 -10.82 -11.57
N PHE C 578 -23.21 -10.41 -10.43
CA PHE C 578 -23.11 -8.99 -10.05
C PHE C 578 -22.61 -8.06 -11.13
N MET C 579 -21.66 -8.53 -11.91
CA MET C 579 -21.07 -7.70 -12.93
C MET C 579 -22.00 -7.38 -14.08
N ILE C 580 -22.86 -8.33 -14.47
CA ILE C 580 -23.69 -8.07 -15.69
C ILE C 580 -25.13 -8.58 -15.65
N ASN C 581 -25.65 -8.85 -14.45
CA ASN C 581 -27.09 -9.13 -14.30
C ASN C 581 -27.53 -10.40 -15.02
N LEU C 582 -27.74 -11.46 -14.25
CA LEU C 582 -28.15 -12.75 -14.77
C LEU C 582 -29.50 -12.68 -15.50
N SER C 583 -29.77 -13.69 -16.32
CA SER C 583 -30.97 -13.73 -17.16
C SER C 583 -30.88 -12.72 -18.32
N SER C 584 -30.79 -11.43 -18.02
CA SER C 584 -30.78 -10.37 -19.05
C SER C 584 -29.48 -10.32 -19.92
N LEU C 585 -29.08 -11.49 -20.41
CA LEU C 585 -27.97 -11.65 -21.34
C LEU C 585 -28.39 -12.90 -22.10
N TRP C 586 -28.83 -12.76 -23.33
CA TRP C 586 -29.92 -13.64 -23.78
C TRP C 586 -29.73 -15.15 -23.65
N THR C 587 -28.74 -15.73 -24.31
CA THR C 587 -28.39 -17.13 -24.02
C THR C 587 -27.15 -17.54 -24.73
N VAL C 588 -26.62 -16.61 -25.52
CA VAL C 588 -25.62 -16.92 -26.51
C VAL C 588 -24.48 -17.66 -25.75
N PRO C 589 -24.02 -17.07 -24.62
CA PRO C 589 -23.26 -17.81 -23.61
C PRO C 589 -24.06 -18.13 -22.35
N ALA C 590 -24.88 -17.19 -21.91
CA ALA C 590 -25.49 -17.19 -20.58
C ALA C 590 -25.60 -18.55 -19.94
N TRP C 591 -25.88 -19.53 -20.77
CA TRP C 591 -25.92 -20.91 -20.36
C TRP C 591 -24.56 -21.30 -19.71
N ILE C 592 -23.46 -20.82 -20.27
CA ILE C 592 -22.12 -20.86 -19.61
C ILE C 592 -22.18 -20.52 -18.13
N SER C 593 -22.97 -19.52 -17.77
CA SER C 593 -23.01 -19.10 -16.37
C SER C 593 -23.28 -20.31 -15.52
N LYS C 594 -24.12 -21.23 -15.99
CA LYS C 594 -24.43 -22.43 -15.18
C LYS C 594 -23.17 -23.24 -14.86
N VAL C 595 -22.16 -23.07 -15.70
CA VAL C 595 -20.87 -23.71 -15.54
C VAL C 595 -19.77 -22.75 -14.94
N SER C 596 -20.15 -21.60 -14.42
CA SER C 596 -19.14 -20.69 -13.88
C SER C 596 -18.96 -20.74 -12.37
N PHE C 597 -17.88 -21.40 -11.93
CA PHE C 597 -17.56 -21.43 -10.50
C PHE C 597 -17.58 -20.04 -9.82
N LEU C 598 -17.27 -18.97 -10.58
CA LEU C 598 -17.31 -17.58 -10.08
C LEU C 598 -18.70 -17.10 -9.79
N ARG C 599 -19.62 -17.52 -10.64
CA ARG C 599 -21.02 -17.25 -10.47
C ARG C 599 -21.53 -18.09 -9.32
N TRP C 600 -21.29 -19.40 -9.38
CA TRP C 600 -21.78 -20.27 -8.32
C TRP C 600 -21.29 -19.87 -6.95
N CYS C 601 -20.05 -19.42 -6.89
CA CYS C 601 -19.54 -18.84 -5.65
C CYS C 601 -20.45 -17.72 -5.14
N PHE C 602 -20.77 -16.82 -6.06
CA PHE C 602 -21.54 -15.63 -5.74
C PHE C 602 -22.97 -15.97 -5.36
N GLU C 603 -23.63 -16.83 -6.13
CA GLU C 603 -24.98 -17.21 -5.80
C GLU C 603 -24.97 -17.96 -4.49
N GLY C 604 -24.01 -18.86 -4.35
CA GLY C 604 -23.87 -19.61 -3.12
C GLY C 604 -23.78 -18.67 -1.95
N LEU C 605 -22.66 -17.96 -1.87
CA LEU C 605 -22.47 -17.02 -0.79
C LEU C 605 -23.72 -16.20 -0.61
N MET C 606 -24.23 -15.64 -1.69
CA MET C 606 -25.41 -14.81 -1.57
C MET C 606 -26.55 -15.54 -0.87
N LYS C 607 -26.85 -16.74 -1.32
CA LYS C 607 -27.96 -17.54 -0.78
C LYS C 607 -27.70 -17.80 0.72
N ILE C 608 -26.45 -18.15 1.04
CA ILE C 608 -26.07 -18.51 2.41
C ILE C 608 -26.25 -17.33 3.35
N GLN C 609 -25.66 -16.26 2.89
CA GLN C 609 -25.37 -15.10 3.67
C GLN C 609 -26.66 -14.33 3.78
N PHE C 610 -27.08 -13.86 2.63
CA PHE C 610 -27.83 -12.62 2.51
C PHE C 610 -29.32 -12.82 2.37
N SER C 611 -29.71 -14.05 2.09
CA SER C 611 -31.10 -14.41 2.16
C SER C 611 -31.28 -15.67 3.00
N ARG C 612 -31.16 -16.83 2.38
CA ARG C 612 -31.61 -18.05 3.00
C ARG C 612 -33.02 -17.74 3.55
N ARG C 613 -33.29 -18.15 4.78
CA ARG C 613 -34.41 -17.62 5.53
C ARG C 613 -33.80 -16.74 6.59
N THR C 614 -33.74 -15.43 6.37
CA THR C 614 -33.12 -14.50 7.33
C THR C 614 -33.52 -13.07 6.92
N TYR C 615 -33.43 -12.11 7.85
CA TYR C 615 -34.01 -10.74 7.66
C TYR C 615 -33.04 -9.54 7.78
N LYS C 616 -33.03 -8.72 6.71
CA LYS C 616 -31.94 -7.76 6.43
C LYS C 616 -32.43 -6.33 6.62
N MET C 617 -31.47 -5.41 6.77
CA MET C 617 -31.73 -3.96 6.81
C MET C 617 -30.88 -3.14 5.81
N PRO C 618 -31.37 -2.91 4.57
CA PRO C 618 -30.70 -1.99 3.64
C PRO C 618 -30.55 -0.57 4.20
N LEU C 619 -29.55 0.19 3.73
CA LEU C 619 -29.31 1.54 4.30
C LEU C 619 -30.37 2.61 3.96
N GLY C 620 -30.71 3.41 4.97
CA GLY C 620 -31.49 4.64 4.81
C GLY C 620 -30.76 5.78 5.51
N ASN C 621 -30.84 6.98 4.95
CA ASN C 621 -30.02 8.12 5.40
C ASN C 621 -30.23 8.51 6.88
N LEU C 622 -31.48 8.55 7.33
CA LEU C 622 -31.76 8.75 8.76
C LEU C 622 -31.45 7.48 9.53
N THR C 623 -31.98 6.36 9.04
CA THR C 623 -31.78 5.03 9.63
C THR C 623 -32.06 3.88 8.66
N ILE C 624 -31.70 2.67 9.09
CA ILE C 624 -31.92 1.41 8.34
C ILE C 624 -33.38 0.91 8.41
N ALA C 625 -33.83 0.21 7.36
CA ALA C 625 -35.21 -0.33 7.18
C ALA C 625 -35.31 -1.85 7.30
N VAL C 626 -36.52 -2.40 7.25
CA VAL C 626 -36.76 -3.87 7.39
C VAL C 626 -37.04 -4.57 6.04
N SER C 627 -36.27 -5.63 5.75
CA SER C 627 -36.52 -6.51 4.58
C SER C 627 -36.19 -7.97 4.92
N GLY C 628 -36.42 -8.89 3.98
CA GLY C 628 -36.17 -10.31 4.21
C GLY C 628 -35.66 -11.12 3.03
N ASP C 629 -35.77 -12.45 3.15
CA ASP C 629 -35.42 -13.41 2.07
C ASP C 629 -35.91 -12.97 0.70
N LYS C 630 -37.12 -12.39 0.65
CA LYS C 630 -37.77 -12.01 -0.62
C LYS C 630 -36.80 -11.31 -1.56
N ILE C 631 -35.92 -10.50 -0.99
CA ILE C 631 -34.89 -9.81 -1.78
C ILE C 631 -34.25 -10.71 -2.82
N LEU C 632 -33.96 -11.94 -2.47
CA LEU C 632 -33.27 -12.86 -3.36
C LEU C 632 -34.23 -13.38 -4.41
N SER C 633 -35.47 -13.68 -3.98
CA SER C 633 -36.50 -14.07 -4.93
C SER C 633 -36.67 -12.98 -5.99
N VAL C 634 -36.63 -11.72 -5.56
CA VAL C 634 -36.62 -10.58 -6.49
C VAL C 634 -35.32 -10.64 -7.34
N MET C 635 -34.20 -10.94 -6.68
CA MET C 635 -32.85 -11.06 -7.27
C MET C 635 -32.68 -12.14 -8.34
N GLU C 636 -33.55 -13.14 -8.38
CA GLU C 636 -33.47 -14.15 -9.46
C GLU C 636 -32.51 -15.27 -9.08
N LEU C 637 -32.00 -15.22 -7.85
CA LEU C 637 -31.01 -16.17 -7.40
C LEU C 637 -31.54 -17.31 -6.51
N ASP C 638 -32.81 -17.28 -6.14
CA ASP C 638 -33.41 -18.40 -5.39
C ASP C 638 -33.36 -19.68 -6.22
N SER C 639 -33.19 -19.50 -7.53
CA SER C 639 -33.30 -20.56 -8.53
C SER C 639 -32.82 -21.93 -8.05
N TYR C 640 -31.61 -21.99 -7.51
CA TYR C 640 -31.09 -23.26 -7.02
C TYR C 640 -30.91 -23.17 -5.51
N PRO C 641 -30.92 -24.32 -4.82
CA PRO C 641 -31.02 -24.29 -3.37
C PRO C 641 -29.70 -24.31 -2.62
N LEU C 642 -29.79 -23.82 -1.39
CA LEU C 642 -28.74 -23.81 -0.37
C LEU C 642 -27.54 -24.72 -0.66
N TYR C 643 -27.84 -26.01 -0.76
CA TYR C 643 -26.86 -27.10 -0.80
C TYR C 643 -26.61 -27.68 -2.18
N ALA C 644 -27.38 -27.28 -3.17
CA ALA C 644 -27.15 -27.80 -4.51
C ALA C 644 -25.78 -27.40 -4.98
N ILE C 645 -25.44 -26.16 -4.66
CA ILE C 645 -24.39 -25.46 -5.36
C ILE C 645 -23.04 -26.12 -5.15
N TYR C 646 -22.82 -26.55 -3.90
CA TYR C 646 -21.61 -27.31 -3.54
C TYR C 646 -21.39 -28.46 -4.51
N LEU C 647 -22.50 -29.09 -4.85
CA LEU C 647 -22.45 -30.22 -5.71
C LEU C 647 -22.16 -29.76 -7.12
N ILE C 648 -22.73 -28.62 -7.52
CA ILE C 648 -22.46 -28.10 -8.84
C ILE C 648 -21.00 -27.79 -9.00
N VAL C 649 -20.39 -27.17 -8.01
CA VAL C 649 -18.96 -26.81 -8.15
C VAL C 649 -18.06 -28.05 -7.98
N ILE C 650 -18.44 -28.97 -7.09
CA ILE C 650 -17.64 -30.19 -6.92
C ILE C 650 -17.74 -31.03 -8.17
N GLY C 651 -18.84 -30.82 -8.90
CA GLY C 651 -19.05 -31.46 -10.18
C GLY C 651 -18.23 -30.80 -11.25
N LEU C 652 -18.31 -29.47 -11.29
CA LEU C 652 -17.48 -28.69 -12.19
C LEU C 652 -16.06 -29.14 -12.08
N SER C 653 -15.58 -29.19 -10.83
CA SER C 653 -14.26 -29.71 -10.54
C SER C 653 -14.06 -30.95 -11.41
N GLY C 654 -14.92 -31.94 -11.22
CA GLY C 654 -14.87 -33.13 -12.05
C GLY C 654 -14.41 -32.88 -13.48
N GLY C 655 -15.11 -31.99 -14.19
CA GLY C 655 -14.83 -31.71 -15.61
C GLY C 655 -13.38 -31.33 -15.86
N PHE C 656 -12.87 -30.44 -15.02
CA PHE C 656 -11.50 -30.00 -15.16
C PHE C 656 -10.59 -31.16 -14.77
N MET C 657 -10.89 -31.80 -13.64
CA MET C 657 -10.13 -32.96 -13.15
C MET C 657 -9.90 -33.96 -14.25
N VAL C 658 -10.94 -34.18 -15.02
CA VAL C 658 -10.90 -35.13 -16.11
C VAL C 658 -10.05 -34.62 -17.26
N LEU C 659 -10.15 -33.33 -17.51
CA LEU C 659 -9.24 -32.69 -18.42
C LEU C 659 -7.76 -32.79 -18.01
N TYR C 660 -7.48 -32.73 -16.71
CA TYR C 660 -6.13 -32.91 -16.18
C TYR C 660 -5.68 -34.36 -16.35
N TYR C 661 -6.49 -35.29 -15.81
CA TYR C 661 -6.18 -36.73 -15.95
C TYR C 661 -5.99 -37.10 -17.42
N VAL C 662 -6.83 -36.59 -18.33
CA VAL C 662 -6.58 -36.84 -19.74
C VAL C 662 -5.31 -36.15 -20.20
N SER C 663 -5.21 -34.84 -19.99
CA SER C 663 -4.08 -34.11 -20.58
C SER C 663 -2.73 -34.72 -20.14
N LEU C 664 -2.63 -35.13 -18.88
CA LEU C 664 -1.49 -35.95 -18.42
C LEU C 664 -1.70 -37.31 -19.04
N ARG C 665 -0.70 -38.16 -19.09
CA ARG C 665 -0.94 -39.56 -19.54
C ARG C 665 -1.13 -39.59 -21.06
N PHE C 666 -2.17 -38.91 -21.54
CA PHE C 666 -2.51 -38.92 -22.94
C PHE C 666 -1.80 -37.80 -23.69
N ILE C 667 -1.38 -36.74 -23.01
CA ILE C 667 -0.40 -35.83 -23.62
C ILE C 667 0.74 -35.40 -22.67
N LYS C 668 1.90 -35.19 -23.28
CA LYS C 668 3.17 -34.87 -22.64
C LYS C 668 3.23 -33.62 -21.73
N GLN C 669 4.42 -33.36 -21.21
CA GLN C 669 4.77 -32.02 -20.77
C GLN C 669 6.24 -31.75 -21.04
N LYS C 670 6.54 -30.49 -21.29
CA LYS C 670 7.88 -30.03 -21.59
C LYS C 670 7.94 -28.55 -21.22
N PRO C 671 9.13 -27.93 -21.33
CA PRO C 671 9.43 -26.47 -21.15
C PRO C 671 8.75 -25.45 -22.08
N HIS D 36 51.33 2.15 -32.74
CA HIS D 36 50.64 2.56 -31.49
C HIS D 36 51.18 1.77 -30.29
N SER D 37 51.04 2.38 -29.11
CA SER D 37 51.63 1.88 -27.86
C SER D 37 50.58 1.71 -26.77
N LEU D 38 50.58 0.55 -26.11
CA LEU D 38 49.62 0.29 -25.05
C LEU D 38 50.22 -0.52 -23.91
N GLY D 39 50.49 0.17 -22.80
CA GLY D 39 51.05 -0.48 -21.62
C GLY D 39 50.29 -0.26 -20.33
N ILE D 40 50.58 -1.11 -19.35
CA ILE D 40 50.05 -0.98 -17.99
C ILE D 40 51.15 -1.23 -16.95
N LEU D 41 51.18 -0.41 -15.88
CA LEU D 41 52.10 -0.56 -14.74
C LEU D 41 51.33 -0.69 -13.45
N HIS D 42 51.68 -1.70 -12.65
CA HIS D 42 51.23 -1.84 -11.27
C HIS D 42 49.77 -1.42 -11.09
N ALA D 43 48.89 -2.12 -11.80
CA ALA D 43 47.45 -1.85 -11.74
C ALA D 43 46.77 -2.82 -10.76
N SER D 44 45.75 -2.33 -10.06
CA SER D 44 45.08 -3.12 -9.03
C SER D 44 43.63 -2.68 -8.85
N TYR D 45 42.83 -3.44 -8.10
CA TYR D 45 41.38 -3.19 -8.02
C TYR D 45 40.62 -3.79 -6.83
N SER D 46 39.77 -2.97 -6.21
CA SER D 46 38.68 -3.46 -5.35
C SER D 46 37.36 -2.96 -5.90
N GLN D 67 40.89 -5.50 -3.75
CA GLN D 67 40.93 -6.94 -3.58
C GLN D 67 41.27 -7.66 -4.89
N ILE D 68 40.37 -7.67 -5.88
CA ILE D 68 40.37 -8.71 -6.94
C ILE D 68 41.45 -8.63 -8.03
N LEU D 69 42.21 -7.54 -8.05
CA LEU D 69 43.23 -7.35 -9.08
C LEU D 69 44.48 -6.75 -8.45
N LYS D 70 45.65 -7.34 -8.70
CA LYS D 70 46.86 -6.99 -7.95
C LYS D 70 48.09 -6.67 -8.81
N ASP D 71 48.54 -5.42 -8.71
CA ASP D 71 49.78 -4.93 -9.34
C ASP D 71 50.17 -5.69 -10.62
N VAL D 72 49.28 -5.57 -11.61
CA VAL D 72 49.49 -6.15 -12.92
C VAL D 72 50.23 -5.12 -13.78
N SER D 73 50.88 -5.62 -14.84
CA SER D 73 51.69 -4.79 -15.72
C SER D 73 51.94 -5.48 -17.09
N LEU D 74 51.81 -4.75 -18.20
CA LEU D 74 52.22 -5.32 -19.52
C LEU D 74 52.19 -4.40 -20.75
N TYR D 75 52.86 -4.87 -21.80
CA TYR D 75 53.11 -4.07 -23.00
C TYR D 75 52.54 -4.66 -24.27
N VAL D 76 52.01 -3.78 -25.11
CA VAL D 76 51.53 -4.14 -26.45
C VAL D 76 51.74 -3.01 -27.43
N GLU D 77 51.94 -3.40 -28.70
CA GLU D 77 52.16 -2.50 -29.80
C GLU D 77 51.08 -2.76 -30.84
N SER D 78 50.76 -1.73 -31.62
CA SER D 78 49.84 -1.90 -32.74
C SER D 78 50.27 -3.06 -33.64
N GLY D 79 49.28 -3.77 -34.17
CA GLY D 79 49.53 -4.92 -35.01
C GLY D 79 49.67 -6.23 -34.24
N GLN D 80 49.88 -6.16 -32.93
CA GLN D 80 49.99 -7.36 -32.10
C GLN D 80 48.64 -7.92 -31.69
N ILE D 81 48.68 -9.07 -31.03
CA ILE D 81 47.51 -9.70 -30.39
C ILE D 81 47.85 -10.07 -28.95
N MET D 82 46.88 -9.77 -28.08
CA MET D 82 46.97 -10.12 -26.68
C MET D 82 45.96 -11.19 -26.35
N CYS D 83 46.46 -12.30 -25.81
CA CYS D 83 45.66 -13.40 -25.40
C CYS D 83 45.72 -13.53 -23.89
N ILE D 84 44.61 -13.19 -23.24
CA ILE D 84 44.47 -13.41 -21.81
C ILE D 84 43.64 -14.66 -21.54
N LEU D 85 44.28 -15.54 -20.80
CA LEU D 85 43.70 -16.76 -20.37
C LEU D 85 43.57 -16.60 -18.88
N GLY D 86 42.38 -16.84 -18.35
CA GLY D 86 42.09 -16.59 -16.95
C GLY D 86 41.44 -17.81 -16.37
N SER D 87 42.02 -18.29 -15.26
CA SER D 87 41.36 -19.30 -14.49
C SER D 87 39.95 -18.79 -14.24
N SER D 88 39.00 -19.68 -13.99
CA SER D 88 37.63 -19.24 -13.73
C SER D 88 37.59 -18.15 -12.62
N GLY D 89 38.64 -18.08 -11.80
CA GLY D 89 39.03 -16.86 -11.02
C GLY D 89 39.31 -15.56 -11.79
N SER D 90 38.59 -15.42 -12.91
CA SER D 90 38.03 -14.17 -13.39
C SER D 90 38.75 -12.89 -13.04
N GLY D 91 40.07 -12.91 -12.92
CA GLY D 91 40.78 -11.67 -13.18
C GLY D 91 40.45 -11.27 -14.62
N LYS D 92 40.56 -12.24 -15.53
CA LYS D 92 40.51 -11.94 -16.97
C LYS D 92 39.29 -11.08 -17.27
N THR D 93 38.13 -11.62 -16.93
CA THR D 93 36.88 -10.99 -17.21
C THR D 93 36.95 -9.59 -16.65
N THR D 94 37.35 -9.49 -15.38
CA THR D 94 37.23 -8.24 -14.57
C THR D 94 38.10 -7.05 -15.05
N LEU D 95 39.40 -7.28 -15.22
CA LEU D 95 40.27 -6.17 -15.63
C LEU D 95 39.84 -5.62 -16.98
N LEU D 96 39.63 -6.52 -17.93
CA LEU D 96 39.33 -6.15 -19.29
C LEU D 96 38.16 -5.20 -19.29
N ASP D 97 37.07 -5.62 -18.67
CA ASP D 97 35.91 -4.76 -18.47
C ASP D 97 36.42 -3.44 -17.89
N ALA D 98 37.09 -3.54 -16.74
CA ALA D 98 37.51 -2.35 -15.98
C ALA D 98 38.15 -1.29 -16.89
N MET D 99 39.14 -1.73 -17.64
CA MET D 99 39.88 -0.87 -18.55
C MET D 99 39.04 -0.15 -19.57
N SER D 100 37.96 -0.77 -20.03
CA SER D 100 37.09 -0.11 -21.00
C SER D 100 36.22 0.95 -20.33
N GLY D 101 36.37 1.10 -19.02
CA GLY D 101 35.73 2.16 -18.24
C GLY D 101 34.39 1.76 -17.65
N ARG D 102 33.98 0.52 -17.92
CA ARG D 102 32.61 0.08 -17.70
C ARG D 102 32.05 0.51 -16.34
N LEU D 103 32.60 -0.08 -15.27
CA LEU D 103 32.50 0.46 -13.91
C LEU D 103 33.88 0.15 -13.26
N GLY D 104 34.29 0.80 -12.17
CA GLY D 104 33.57 1.86 -11.46
C GLY D 104 34.39 2.27 -10.25
N ARG D 105 33.92 3.31 -9.56
CA ARG D 105 34.51 3.70 -8.26
C ARG D 105 33.81 3.01 -7.07
N ALA D 106 33.07 1.94 -7.35
CA ALA D 106 32.61 1.01 -6.32
C ALA D 106 33.83 0.17 -5.88
N GLY D 107 34.61 0.74 -4.98
CA GLY D 107 35.92 0.21 -4.60
C GLY D 107 36.97 1.11 -5.21
N THR D 108 38.17 0.58 -5.45
CA THR D 108 39.31 1.41 -5.89
C THR D 108 40.01 0.79 -7.09
N PHE D 109 40.81 1.62 -7.77
CA PHE D 109 41.52 1.25 -9.00
C PHE D 109 42.95 1.80 -8.94
N LEU D 110 43.90 0.96 -8.56
CA LEU D 110 45.29 1.38 -8.44
C LEU D 110 45.98 1.23 -9.79
N GLY D 111 47.04 2.01 -9.98
CA GLY D 111 47.86 1.94 -11.18
C GLY D 111 47.40 2.95 -12.23
N GLU D 112 48.14 2.97 -13.34
CA GLU D 112 47.79 3.80 -14.48
C GLU D 112 48.22 3.11 -15.77
N VAL D 113 47.53 3.45 -16.85
CA VAL D 113 47.73 2.84 -18.16
C VAL D 113 48.36 3.84 -19.13
N TYR D 114 49.44 3.42 -19.79
CA TYR D 114 50.22 4.32 -20.67
C TYR D 114 49.95 4.02 -22.15
N VAL D 115 49.31 4.99 -22.82
CA VAL D 115 48.80 4.80 -24.18
C VAL D 115 49.37 5.81 -25.16
N ASN D 116 50.31 5.37 -25.99
CA ASN D 116 50.86 6.22 -27.04
C ASN D 116 51.51 7.46 -26.43
N GLY D 117 52.45 7.23 -25.51
CA GLY D 117 53.14 8.30 -24.77
C GLY D 117 52.44 8.69 -23.48
N ARG D 118 51.42 9.56 -23.59
CA ARG D 118 50.67 10.10 -22.43
C ARG D 118 50.12 8.99 -21.55
N ALA D 119 49.82 9.32 -20.30
CA ALA D 119 49.12 8.40 -19.41
C ALA D 119 47.64 8.63 -19.62
N LEU D 120 46.87 7.56 -19.58
CA LEU D 120 45.44 7.65 -19.67
C LEU D 120 44.88 8.29 -18.40
N ARG D 121 43.76 9.00 -18.53
CA ARG D 121 42.99 9.46 -17.39
C ARG D 121 41.65 8.74 -17.37
N ARG D 122 41.16 8.44 -16.18
CA ARG D 122 39.93 7.65 -16.05
C ARG D 122 38.74 8.22 -16.87
N GLU D 123 38.73 9.53 -17.12
CA GLU D 123 37.64 10.17 -17.86
C GLU D 123 37.72 9.96 -19.40
N GLN D 124 38.80 9.34 -19.88
CA GLN D 124 39.07 9.23 -21.32
C GLN D 124 39.01 7.81 -21.85
N PHE D 125 39.12 6.81 -20.98
CA PHE D 125 39.08 5.40 -21.36
C PHE D 125 38.23 5.09 -22.62
N GLN D 126 36.91 5.24 -22.42
CA GLN D 126 35.90 4.95 -23.42
C GLN D 126 36.13 5.70 -24.73
N ASP D 127 36.69 6.90 -24.64
CA ASP D 127 37.13 7.57 -25.87
C ASP D 127 38.21 6.78 -26.62
N CYS D 128 39.29 6.37 -25.93
CA CYS D 128 40.45 5.73 -26.56
C CYS D 128 40.45 4.20 -26.51
N PHE D 129 39.30 3.59 -26.21
CA PHE D 129 39.20 2.13 -26.39
C PHE D 129 38.00 1.73 -27.26
N SER D 130 38.00 0.49 -27.76
CA SER D 130 36.74 -0.08 -28.28
C SER D 130 36.40 -1.47 -27.73
N TYR D 131 35.12 -1.73 -27.53
CA TYR D 131 34.70 -2.87 -26.73
C TYR D 131 33.72 -3.81 -27.42
N VAL D 132 34.04 -5.10 -27.37
CA VAL D 132 33.18 -6.14 -27.90
C VAL D 132 32.83 -7.17 -26.83
N LEU D 133 31.54 -7.20 -26.53
CA LEU D 133 31.02 -7.88 -25.37
C LEU D 133 31.05 -9.39 -25.56
N GLN D 134 30.68 -10.11 -24.51
CA GLN D 134 30.67 -11.58 -24.48
C GLN D 134 29.61 -12.14 -25.43
N SER D 135 28.55 -11.36 -25.61
CA SER D 135 27.46 -11.71 -26.52
C SER D 135 27.27 -10.53 -27.44
N ASP D 136 26.31 -10.67 -28.35
CA ASP D 136 26.12 -9.68 -29.39
C ASP D 136 24.67 -9.66 -29.84
N THR D 137 23.81 -9.21 -28.94
CA THR D 137 22.39 -9.06 -29.25
C THR D 137 22.18 -7.95 -30.26
N LEU D 138 21.32 -8.21 -31.25
CA LEU D 138 21.01 -7.25 -32.32
C LEU D 138 19.53 -7.32 -32.67
N LEU D 139 18.97 -6.20 -33.14
CA LEU D 139 17.52 -6.08 -33.29
C LEU D 139 17.04 -7.01 -34.37
N SER D 140 16.26 -8.01 -33.95
CA SER D 140 16.04 -9.22 -34.74
C SER D 140 15.28 -9.06 -36.08
N SER D 141 14.66 -7.90 -36.33
CA SER D 141 13.77 -7.71 -37.47
C SER D 141 14.26 -6.66 -38.51
N LEU D 142 15.56 -6.38 -38.47
CA LEU D 142 16.18 -5.46 -39.43
C LEU D 142 17.15 -6.21 -40.35
N THR D 143 17.85 -5.48 -41.22
CA THR D 143 18.91 -6.06 -42.05
C THR D 143 20.25 -5.62 -41.53
N VAL D 144 21.30 -6.38 -41.86
CA VAL D 144 22.65 -6.02 -41.40
C VAL D 144 22.93 -4.58 -41.75
N ARG D 145 22.79 -4.28 -43.04
CA ARG D 145 23.06 -2.93 -43.52
C ARG D 145 22.18 -1.92 -42.79
N GLU D 146 20.97 -2.30 -42.37
CA GLU D 146 20.13 -1.34 -41.65
C GLU D 146 20.64 -1.14 -40.22
N THR D 147 20.85 -2.23 -39.47
CA THR D 147 21.37 -2.11 -38.11
C THR D 147 22.65 -1.27 -38.17
N LEU D 148 23.52 -1.58 -39.14
CA LEU D 148 24.78 -0.83 -39.27
C LEU D 148 24.55 0.64 -39.68
N HIS D 149 23.62 0.86 -40.60
CA HIS D 149 23.20 2.20 -41.02
C HIS D 149 22.73 3.02 -39.81
N TYR D 150 22.01 2.38 -38.88
CA TYR D 150 21.50 3.06 -37.68
C TYR D 150 22.58 3.25 -36.64
N THR D 151 23.35 2.20 -36.32
CA THR D 151 24.48 2.41 -35.40
C THR D 151 25.29 3.57 -35.96
N ALA D 152 25.79 3.43 -37.19
CA ALA D 152 26.71 4.40 -37.81
C ALA D 152 26.09 5.79 -37.87
N LEU D 153 24.89 5.84 -38.44
CA LEU D 153 24.15 7.08 -38.59
C LEU D 153 23.94 7.72 -37.21
N LEU D 154 23.82 6.90 -36.18
CA LEU D 154 23.69 7.42 -34.82
C LEU D 154 25.04 7.90 -34.27
N ALA D 155 26.12 7.19 -34.58
CA ALA D 155 27.41 7.48 -34.00
C ALA D 155 28.08 8.72 -34.57
N ILE D 156 27.80 9.08 -35.82
CA ILE D 156 28.57 10.13 -36.50
C ILE D 156 27.70 11.06 -37.35
N ARG D 157 28.08 12.35 -37.39
CA ARG D 157 27.37 13.36 -38.20
C ARG D 157 28.27 13.85 -39.37
N ARG D 158 27.99 13.39 -40.60
CA ARG D 158 28.84 13.73 -41.78
C ARG D 158 28.04 13.88 -43.10
N GLY D 159 28.46 13.21 -44.19
CA GLY D 159 28.01 13.51 -45.55
C GLY D 159 26.51 13.51 -45.79
N ASN D 160 25.91 12.32 -45.77
CA ASN D 160 24.45 12.16 -45.86
C ASN D 160 23.99 10.71 -45.63
N PRO D 161 22.68 10.51 -45.30
CA PRO D 161 22.06 9.18 -45.19
C PRO D 161 22.25 8.26 -46.41
N GLY D 162 22.76 8.80 -47.52
CA GLY D 162 23.25 8.01 -48.64
C GLY D 162 24.73 7.61 -48.46
N SER D 163 25.57 8.58 -48.15
CA SER D 163 27.02 8.34 -48.02
C SER D 163 27.35 7.47 -46.82
N PHE D 164 26.66 7.69 -45.71
CA PHE D 164 26.80 6.81 -44.56
C PHE D 164 26.90 5.34 -44.98
N GLN D 165 25.90 4.91 -45.74
CA GLN D 165 25.81 3.53 -46.20
C GLN D 165 27.09 3.14 -46.93
N LYS D 166 27.61 4.03 -47.78
CA LYS D 166 28.91 3.79 -48.44
C LYS D 166 30.03 3.53 -47.42
N LYS D 167 30.08 4.30 -46.33
CA LYS D 167 31.05 3.99 -45.27
C LYS D 167 30.73 2.58 -44.75
N VAL D 168 29.45 2.32 -44.48
CA VAL D 168 29.02 0.98 -44.01
C VAL D 168 29.65 -0.11 -44.89
N GLU D 169 29.54 0.08 -46.22
CA GLU D 169 30.04 -0.87 -47.21
C GLU D 169 31.50 -1.23 -46.95
N ALA D 170 32.32 -0.25 -46.52
CA ALA D 170 33.75 -0.47 -46.27
C ALA D 170 33.93 -1.40 -45.09
N VAL D 171 33.02 -1.27 -44.15
CA VAL D 171 33.04 -2.08 -42.95
C VAL D 171 32.54 -3.49 -43.26
N MET D 172 31.37 -3.58 -43.89
CA MET D 172 30.80 -4.88 -44.29
C MET D 172 31.76 -5.67 -45.15
N ALA D 173 32.27 -5.02 -46.18
CA ALA D 173 33.26 -5.64 -47.06
C ALA D 173 34.62 -5.85 -46.39
N GLU D 174 35.03 -4.98 -45.46
CA GLU D 174 36.27 -5.23 -44.68
C GLU D 174 36.13 -6.44 -43.77
N LEU D 175 34.90 -6.68 -43.30
CA LEU D 175 34.65 -7.85 -42.47
C LEU D 175 34.09 -9.06 -43.22
N SER D 176 33.87 -8.93 -44.54
CA SER D 176 33.31 -10.03 -45.34
C SER D 176 31.90 -10.39 -44.85
N LEU D 177 31.04 -9.39 -44.94
CA LEU D 177 29.65 -9.44 -44.61
C LEU D 177 28.76 -8.97 -45.74
N SER D 178 29.33 -8.23 -46.70
CA SER D 178 28.54 -7.67 -47.82
C SER D 178 27.53 -8.69 -48.38
N HIS D 179 27.95 -9.95 -48.52
CA HIS D 179 27.11 -10.99 -49.12
C HIS D 179 25.79 -11.27 -48.40
N VAL D 180 25.68 -10.96 -47.10
CA VAL D 180 24.36 -11.08 -46.43
C VAL D 180 23.77 -9.70 -46.14
N ALA D 181 24.50 -8.66 -46.54
CA ALA D 181 24.26 -7.28 -46.13
C ALA D 181 22.79 -6.92 -45.90
N ASP D 182 21.98 -7.20 -46.90
CA ASP D 182 20.60 -6.76 -46.92
C ASP D 182 19.64 -7.92 -46.73
N ARG D 183 19.96 -8.84 -45.82
CA ARG D 183 18.95 -9.82 -45.43
C ARG D 183 18.46 -9.61 -43.98
N LEU D 184 17.27 -10.17 -43.72
CA LEU D 184 16.74 -10.36 -42.36
C LEU D 184 17.87 -10.85 -41.42
N ILE D 185 18.33 -10.00 -40.48
CA ILE D 185 19.39 -10.44 -39.53
C ILE D 185 18.94 -11.70 -38.84
N GLY D 186 17.75 -11.66 -38.27
CA GLY D 186 17.22 -12.77 -37.51
C GLY D 186 18.03 -13.22 -36.31
N ASN D 187 17.91 -14.50 -36.02
CA ASN D 187 18.48 -15.14 -34.85
C ASN D 187 18.98 -16.50 -35.32
N TYR D 188 20.03 -17.04 -34.71
CA TYR D 188 20.57 -18.32 -35.19
C TYR D 188 19.56 -19.45 -35.06
N SER D 189 18.81 -19.44 -33.98
CA SER D 189 17.79 -20.48 -33.72
C SER D 189 16.52 -20.47 -34.60
N LEU D 190 16.11 -19.32 -35.14
CA LEU D 190 14.74 -19.19 -35.68
C LEU D 190 14.63 -18.37 -36.99
N GLY D 191 15.58 -18.52 -37.90
CA GLY D 191 15.61 -17.75 -39.17
C GLY D 191 16.60 -16.60 -39.15
N GLY D 192 17.31 -16.41 -40.27
CA GLY D 192 18.25 -15.30 -40.46
C GLY D 192 19.76 -15.61 -40.49
N ILE D 193 20.55 -14.73 -39.87
CA ILE D 193 22.00 -14.72 -40.09
C ILE D 193 22.67 -15.93 -39.45
N SER D 194 23.76 -16.40 -40.05
CA SER D 194 24.54 -17.49 -39.47
C SER D 194 25.19 -17.07 -38.17
N THR D 195 25.28 -18.07 -37.30
CA THR D 195 25.62 -17.89 -35.91
C THR D 195 27.06 -17.47 -35.79
N GLY D 196 27.86 -17.75 -36.80
CA GLY D 196 29.17 -17.13 -36.92
C GLY D 196 29.02 -15.67 -37.35
N GLU D 197 28.37 -15.46 -38.49
CA GLU D 197 28.28 -14.14 -39.12
C GLU D 197 27.75 -13.06 -38.18
N ARG D 198 26.71 -13.39 -37.43
CA ARG D 198 26.15 -12.39 -36.54
C ARG D 198 27.30 -11.83 -35.71
N ARG D 199 28.17 -12.69 -35.17
CA ARG D 199 29.27 -12.20 -34.32
C ARG D 199 30.00 -11.12 -35.10
N ARG D 200 30.38 -11.51 -36.31
CA ARG D 200 31.02 -10.64 -37.27
C ARG D 200 30.33 -9.29 -37.30
N VAL D 201 29.03 -9.27 -37.62
CA VAL D 201 28.28 -8.00 -37.63
C VAL D 201 28.62 -7.17 -36.41
N SER D 202 28.52 -7.78 -35.24
CA SER D 202 28.68 -7.02 -34.00
C SER D 202 30.00 -6.23 -34.03
N ILE D 203 31.03 -6.86 -34.54
CA ILE D 203 32.34 -6.24 -34.59
C ILE D 203 32.27 -5.02 -35.48
N ALA D 204 31.63 -5.19 -36.63
CA ALA D 204 31.39 -4.11 -37.61
C ALA D 204 30.98 -2.81 -36.94
N ALA D 205 29.97 -2.87 -36.07
CA ALA D 205 29.49 -1.68 -35.35
C ALA D 205 30.61 -0.94 -34.58
N GLN D 206 31.59 -1.66 -34.03
CA GLN D 206 32.73 -1.04 -33.37
C GLN D 206 33.90 -0.81 -34.30
N LEU D 207 33.71 -0.94 -35.60
CA LEU D 207 34.69 -0.41 -36.55
C LEU D 207 34.27 0.88 -37.24
N LEU D 208 32.97 1.17 -37.24
CA LEU D 208 32.48 2.47 -37.74
C LEU D 208 33.08 3.61 -36.93
N GLN D 209 33.53 3.31 -35.72
CA GLN D 209 34.12 4.32 -34.84
C GLN D 209 35.58 4.56 -35.24
N ASP D 210 36.14 3.61 -36.00
CA ASP D 210 37.50 3.67 -36.49
C ASP D 210 38.55 3.70 -35.37
N PRO D 211 38.39 2.82 -34.35
CA PRO D 211 39.37 2.69 -33.28
C PRO D 211 40.60 2.00 -33.81
N LYS D 212 41.70 2.11 -33.07
CA LYS D 212 42.88 1.32 -33.39
C LYS D 212 43.30 0.51 -32.18
N VAL D 213 42.37 0.38 -31.22
CA VAL D 213 42.61 -0.37 -30.01
C VAL D 213 41.29 -0.99 -29.51
N MET D 214 41.32 -2.32 -29.53
CA MET D 214 40.12 -3.11 -29.44
C MET D 214 40.25 -4.23 -28.43
N LEU D 215 39.16 -4.38 -27.68
CA LEU D 215 39.04 -5.23 -26.51
C LEU D 215 37.85 -6.14 -26.76
N PHE D 216 38.11 -7.44 -26.72
CA PHE D 216 37.09 -8.46 -27.01
C PHE D 216 36.93 -9.44 -25.84
N ASP D 217 35.72 -9.59 -25.33
CA ASP D 217 35.50 -10.47 -24.17
C ASP D 217 35.06 -11.87 -24.61
N GLU D 218 35.79 -12.90 -24.18
CA GLU D 218 35.45 -14.33 -24.39
C GLU D 218 34.97 -14.71 -25.83
N PRO D 219 35.48 -14.01 -26.87
CA PRO D 219 34.84 -14.04 -28.21
C PRO D 219 34.88 -15.34 -29.04
N THR D 220 35.69 -16.32 -28.62
CA THR D 220 35.59 -17.66 -29.18
C THR D 220 34.35 -18.34 -28.64
N THR D 221 34.08 -18.11 -27.35
CA THR D 221 33.09 -18.90 -26.61
C THR D 221 31.72 -18.91 -27.28
N GLY D 222 31.08 -20.08 -27.24
CA GLY D 222 29.79 -20.27 -27.89
C GLY D 222 29.89 -20.35 -29.41
N LEU D 223 30.75 -21.24 -29.89
CA LEU D 223 30.91 -21.50 -31.33
C LEU D 223 31.47 -22.94 -31.53
N ASP D 224 32.03 -23.21 -32.71
CA ASP D 224 32.53 -24.55 -33.07
C ASP D 224 33.90 -24.52 -33.69
N CYS D 225 34.54 -25.69 -33.80
CA CYS D 225 35.86 -25.86 -34.45
C CYS D 225 36.12 -24.90 -35.60
N MET D 226 35.25 -24.95 -36.61
CA MET D 226 35.38 -24.14 -37.84
C MET D 226 35.24 -22.64 -37.51
N THR D 227 34.10 -22.33 -36.91
CA THR D 227 33.67 -20.95 -36.76
C THR D 227 34.62 -20.23 -35.83
N ALA D 228 34.85 -20.77 -34.64
CA ALA D 228 35.75 -20.19 -33.63
C ALA D 228 36.99 -19.66 -34.32
N ASN D 229 37.77 -20.59 -34.89
CA ASN D 229 38.97 -20.26 -35.62
C ASN D 229 38.66 -19.19 -36.66
N GLN D 230 37.62 -19.41 -37.48
CA GLN D 230 37.27 -18.39 -38.50
C GLN D 230 37.15 -16.97 -37.89
N ILE D 231 36.59 -16.87 -36.68
CA ILE D 231 36.49 -15.60 -35.96
C ILE D 231 37.86 -15.13 -35.45
N VAL D 232 38.60 -16.03 -34.78
CA VAL D 232 39.95 -15.68 -34.31
C VAL D 232 40.74 -15.04 -35.44
N VAL D 233 40.85 -15.75 -36.57
CA VAL D 233 41.48 -15.19 -37.75
C VAL D 233 41.19 -13.70 -37.86
N LEU D 234 39.90 -13.34 -37.90
CA LEU D 234 39.52 -11.98 -38.26
C LEU D 234 40.17 -11.02 -37.27
N LEU D 235 40.15 -11.40 -35.98
CA LEU D 235 40.77 -10.58 -34.95
C LEU D 235 42.19 -10.27 -35.39
N VAL D 236 42.94 -11.34 -35.64
CA VAL D 236 44.32 -11.21 -36.08
C VAL D 236 44.38 -10.27 -37.29
N GLU D 237 43.49 -10.44 -38.29
CA GLU D 237 43.56 -9.59 -39.50
C GLU D 237 43.43 -8.12 -39.09
N LEU D 238 42.49 -7.85 -38.21
CA LEU D 238 42.35 -6.50 -37.71
C LEU D 238 43.70 -6.00 -37.19
N ALA D 239 44.39 -6.85 -36.43
CA ALA D 239 45.78 -6.58 -36.01
C ALA D 239 46.71 -6.33 -37.22
N ARG D 240 46.56 -7.11 -38.28
CA ARG D 240 47.26 -6.81 -39.54
C ARG D 240 46.97 -5.37 -39.99
N ARG D 241 45.72 -4.91 -39.84
CA ARG D 241 45.37 -3.55 -40.28
C ARG D 241 45.80 -2.45 -39.28
N ASN D 242 46.94 -2.66 -38.60
CA ASN D 242 47.51 -1.69 -37.67
C ASN D 242 46.59 -1.39 -36.48
N ARG D 243 46.27 -2.42 -35.70
CA ARG D 243 45.38 -2.27 -34.54
C ARG D 243 45.97 -2.95 -33.32
N ILE D 244 45.40 -2.65 -32.16
CA ILE D 244 45.70 -3.38 -30.95
C ILE D 244 44.49 -4.24 -30.57
N VAL D 245 44.77 -5.46 -30.14
CA VAL D 245 43.76 -6.49 -29.99
C VAL D 245 43.97 -7.14 -28.65
N VAL D 246 42.94 -7.12 -27.80
CA VAL D 246 43.01 -7.83 -26.51
C VAL D 246 41.86 -8.82 -26.28
N LEU D 247 42.21 -10.04 -25.88
CA LEU D 247 41.27 -11.13 -25.76
C LEU D 247 41.23 -11.72 -24.37
N THR D 248 40.07 -12.19 -23.95
CA THR D 248 39.96 -13.04 -22.77
C THR D 248 39.33 -14.32 -23.28
N ILE D 249 40.10 -15.41 -23.34
CA ILE D 249 39.66 -16.64 -24.00
C ILE D 249 39.45 -17.80 -23.05
N HIS D 250 38.20 -18.25 -22.90
CA HIS D 250 37.96 -19.45 -22.11
C HIS D 250 38.44 -20.62 -22.91
N GLN D 251 38.08 -20.58 -24.19
CA GLN D 251 38.29 -21.65 -25.17
C GLN D 251 39.72 -22.13 -25.08
N PRO D 252 39.96 -23.36 -24.61
CA PRO D 252 41.34 -23.85 -24.58
C PRO D 252 41.82 -24.48 -25.93
N ARG D 253 41.65 -23.78 -27.05
CA ARG D 253 41.98 -24.38 -28.35
C ARG D 253 43.49 -24.61 -28.46
N SER D 254 43.90 -25.81 -28.88
CA SER D 254 45.32 -26.15 -29.12
C SER D 254 45.85 -25.66 -30.48
N GLU D 255 44.94 -25.43 -31.40
CA GLU D 255 45.29 -25.10 -32.78
C GLU D 255 45.66 -23.62 -32.87
N LEU D 256 45.34 -22.83 -31.85
CA LEU D 256 45.60 -21.41 -31.93
C LEU D 256 46.63 -20.87 -30.91
N PHE D 257 47.10 -21.72 -29.99
CA PHE D 257 48.26 -21.38 -29.14
C PHE D 257 49.33 -20.62 -29.89
N GLN D 258 49.69 -21.14 -31.07
CA GLN D 258 50.78 -20.63 -31.87
C GLN D 258 50.41 -19.41 -32.71
N LEU D 259 49.27 -18.75 -32.47
CA LEU D 259 48.88 -17.61 -33.31
C LEU D 259 48.91 -16.28 -32.57
N PHE D 260 49.56 -16.24 -31.41
CA PHE D 260 49.45 -15.07 -30.52
C PHE D 260 50.80 -14.39 -30.27
N ASP D 261 50.96 -13.17 -30.78
CA ASP D 261 52.05 -12.30 -30.35
C ASP D 261 52.26 -12.37 -28.83
N LYS D 262 51.24 -12.04 -28.03
CA LYS D 262 51.43 -12.05 -26.57
C LYS D 262 50.35 -12.77 -25.73
N ILE D 263 50.70 -13.92 -25.16
CA ILE D 263 49.84 -14.70 -24.25
C ILE D 263 50.19 -14.44 -22.77
N ALA D 264 49.17 -14.23 -21.93
CA ALA D 264 49.37 -13.83 -20.52
C ALA D 264 48.32 -14.33 -19.51
N ILE D 265 48.80 -14.86 -18.39
CA ILE D 265 47.96 -15.58 -17.43
C ILE D 265 47.68 -14.82 -16.12
N LEU D 266 46.40 -14.86 -15.73
CA LEU D 266 45.94 -14.32 -14.44
C LEU D 266 45.38 -15.42 -13.55
N SER D 267 45.71 -15.35 -12.26
CA SER D 267 45.12 -16.25 -11.27
C SER D 267 44.69 -15.46 -10.05
N PHE D 268 43.38 -15.47 -9.81
CA PHE D 268 42.80 -14.76 -8.67
C PHE D 268 43.25 -13.32 -8.72
N GLY D 269 43.09 -12.73 -9.90
CA GLY D 269 43.53 -11.36 -10.12
C GLY D 269 45.05 -11.16 -10.18
N GLU D 270 45.81 -12.08 -9.61
CA GLU D 270 47.25 -11.91 -9.53
C GLU D 270 47.82 -12.25 -10.90
N LEU D 271 48.70 -11.40 -11.39
CA LEU D 271 49.35 -11.59 -12.68
C LEU D 271 50.42 -12.68 -12.61
N ILE D 272 50.55 -13.45 -13.69
CA ILE D 272 51.65 -14.40 -13.79
C ILE D 272 52.50 -14.15 -15.02
N PHE D 273 52.51 -15.05 -16.00
CA PHE D 273 53.31 -14.88 -17.19
C PHE D 273 52.65 -14.02 -18.26
N CYS D 274 53.48 -13.33 -19.04
CA CYS D 274 53.06 -12.62 -20.23
C CYS D 274 54.18 -12.76 -21.23
N GLY D 275 53.88 -13.16 -22.46
CA GLY D 275 54.91 -13.16 -23.51
C GLY D 275 54.61 -13.95 -24.77
N THR D 276 55.66 -14.19 -25.56
CA THR D 276 55.54 -15.01 -26.78
C THR D 276 55.28 -16.45 -26.39
N PRO D 277 54.44 -17.16 -27.15
CA PRO D 277 54.25 -18.57 -26.86
C PRO D 277 55.59 -19.28 -26.64
N ALA D 278 56.49 -19.18 -27.61
CA ALA D 278 57.82 -19.75 -27.46
C ALA D 278 58.40 -19.33 -26.10
N GLU D 279 58.36 -18.01 -25.86
CA GLU D 279 58.83 -17.43 -24.62
C GLU D 279 58.25 -18.15 -23.38
N MET D 280 56.98 -18.54 -23.45
CA MET D 280 56.32 -19.27 -22.34
C MET D 280 56.85 -20.70 -22.28
N LEU D 281 56.84 -21.35 -23.44
CA LEU D 281 57.36 -22.69 -23.55
C LEU D 281 58.79 -22.79 -22.99
N ASP D 282 59.57 -21.71 -23.08
CA ASP D 282 60.86 -21.60 -22.36
C ASP D 282 60.66 -21.31 -20.89
N PHE D 283 60.05 -20.17 -20.61
CA PHE D 283 59.93 -19.67 -19.25
C PHE D 283 59.34 -20.64 -18.23
N PHE D 284 58.30 -21.36 -18.62
CA PHE D 284 57.70 -22.36 -17.70
C PHE D 284 58.70 -23.47 -17.38
N ASN D 285 59.58 -23.74 -18.34
CA ASN D 285 60.69 -24.64 -18.12
C ASN D 285 61.87 -23.92 -17.44
N ASP D 286 61.85 -22.58 -17.44
CA ASP D 286 62.71 -21.79 -16.53
C ASP D 286 62.21 -21.98 -15.09
N CYS D 287 60.90 -22.10 -14.92
CA CYS D 287 60.29 -22.41 -13.62
C CYS D 287 60.33 -23.91 -13.32
N GLY D 288 60.65 -24.72 -14.32
CA GLY D 288 60.95 -26.13 -14.10
C GLY D 288 59.77 -27.03 -14.34
N TYR D 289 58.93 -26.67 -15.31
CA TYR D 289 57.79 -27.50 -15.72
C TYR D 289 57.55 -27.40 -17.20
N PRO D 290 57.80 -28.52 -17.93
CA PRO D 290 57.42 -28.70 -19.33
C PRO D 290 56.19 -29.54 -19.55
N CYS D 291 55.51 -29.28 -20.66
CA CYS D 291 54.29 -29.97 -21.03
C CYS D 291 54.50 -30.94 -22.19
N PRO D 292 54.29 -32.24 -21.97
CA PRO D 292 54.70 -33.17 -23.01
C PRO D 292 53.83 -33.01 -24.26
N GLU D 293 54.37 -33.42 -25.41
CA GLU D 293 53.65 -33.31 -26.68
C GLU D 293 52.39 -34.18 -26.65
N HIS D 294 51.32 -33.67 -27.23
CA HIS D 294 49.97 -34.13 -26.94
C HIS D 294 49.57 -33.67 -25.55
N SER D 295 49.66 -32.35 -25.35
CA SER D 295 48.97 -31.74 -24.22
C SER D 295 48.40 -30.33 -24.44
N ASN D 296 48.52 -29.75 -25.64
CA ASN D 296 47.78 -28.53 -25.99
C ASN D 296 48.26 -27.50 -25.00
N PRO D 297 49.59 -27.39 -24.89
CA PRO D 297 50.21 -26.56 -23.85
C PRO D 297 49.36 -25.37 -23.40
N PHE D 298 48.80 -24.69 -24.37
CA PHE D 298 47.80 -23.66 -24.15
C PHE D 298 46.71 -24.11 -23.19
N ASP D 299 46.25 -25.35 -23.36
CA ASP D 299 45.31 -25.98 -22.44
C ASP D 299 45.98 -26.31 -21.13
N PHE D 300 47.23 -26.80 -21.19
CA PHE D 300 47.92 -27.27 -20.00
C PHE D 300 48.37 -26.10 -19.14
N TYR D 301 49.50 -25.46 -19.44
CA TYR D 301 50.01 -24.38 -18.60
C TYR D 301 48.94 -23.76 -17.70
N MET D 302 47.70 -23.60 -18.18
CA MET D 302 46.60 -23.13 -17.33
C MET D 302 46.29 -24.08 -16.18
N ASP D 303 46.28 -25.38 -16.43
CA ASP D 303 46.16 -26.38 -15.38
C ASP D 303 47.17 -26.04 -14.27
N LEU D 304 48.43 -25.85 -14.68
CA LEU D 304 49.54 -25.57 -13.77
C LEU D 304 49.41 -24.22 -13.06
N THR D 305 48.98 -23.19 -13.78
CA THR D 305 48.82 -21.83 -13.27
C THR D 305 47.77 -21.64 -12.21
N SER D 306 46.67 -22.39 -12.25
CA SER D 306 45.52 -22.05 -11.43
C SER D 306 45.20 -23.13 -10.41
N VAL D 307 45.14 -22.69 -9.15
CA VAL D 307 44.83 -23.56 -8.00
C VAL D 307 43.34 -23.76 -7.93
N ASP D 308 42.88 -25.01 -7.87
CA ASP D 308 41.46 -25.19 -7.86
C ASP D 308 40.99 -25.81 -6.58
N THR D 309 39.83 -25.32 -6.20
CA THR D 309 39.26 -25.48 -4.90
C THR D 309 38.48 -26.79 -4.77
N GLN D 310 39.02 -27.90 -5.30
CA GLN D 310 38.57 -29.24 -4.97
C GLN D 310 39.40 -29.62 -3.76
N SER D 311 38.73 -30.07 -2.69
CA SER D 311 39.39 -30.40 -1.43
C SER D 311 39.95 -29.15 -0.71
N LYS D 312 40.53 -29.37 0.48
CA LYS D 312 41.32 -28.37 1.22
C LYS D 312 42.78 -28.50 0.80
N GLU D 313 43.35 -29.69 0.99
CA GLU D 313 44.76 -29.97 0.79
C GLU D 313 45.28 -29.64 -0.63
N ARG D 314 44.64 -30.22 -1.66
CA ARG D 314 45.12 -30.13 -3.04
C ARG D 314 45.17 -28.67 -3.47
N GLU D 315 44.15 -27.88 -3.11
CA GLU D 315 44.20 -26.44 -3.34
C GLU D 315 45.47 -25.86 -2.69
N ILE D 316 45.67 -26.18 -1.41
CA ILE D 316 46.71 -25.53 -0.62
C ILE D 316 48.04 -25.79 -1.30
N GLU D 317 48.33 -27.08 -1.47
CA GLU D 317 49.52 -27.53 -2.20
C GLU D 317 49.73 -26.66 -3.42
N THR D 318 48.66 -26.50 -4.21
CA THR D 318 48.75 -25.83 -5.48
C THR D 318 49.04 -24.36 -5.27
N SER D 319 48.39 -23.78 -4.26
CA SER D 319 48.56 -22.37 -4.03
C SER D 319 50.03 -22.01 -3.91
N LYS D 320 50.77 -22.85 -3.18
CA LYS D 320 52.21 -22.70 -3.06
C LYS D 320 52.88 -22.72 -4.44
N ARG D 321 52.54 -23.75 -5.24
CA ARG D 321 53.06 -23.84 -6.60
C ARG D 321 52.81 -22.53 -7.35
N VAL D 322 51.55 -22.16 -7.53
CA VAL D 322 51.28 -20.92 -8.27
C VAL D 322 52.00 -19.72 -7.65
N GLN D 323 52.16 -19.68 -6.32
CA GLN D 323 52.96 -18.60 -5.75
C GLN D 323 54.37 -18.66 -6.34
N MET D 324 55.02 -19.83 -6.24
CA MET D 324 56.43 -19.94 -6.63
C MET D 324 56.62 -19.65 -8.13
N ILE D 325 55.68 -20.18 -8.93
CA ILE D 325 55.60 -19.88 -10.37
C ILE D 325 55.36 -18.38 -10.62
N GLU D 326 54.60 -17.71 -9.76
CA GLU D 326 54.39 -16.27 -9.88
C GLU D 326 55.68 -15.52 -9.57
N SER D 327 56.18 -15.68 -8.35
CA SER D 327 57.42 -15.01 -7.94
C SER D 327 58.49 -15.24 -8.97
N ALA D 328 58.65 -16.50 -9.39
CA ALA D 328 59.57 -16.85 -10.47
C ALA D 328 59.53 -15.77 -11.55
N TYR D 329 58.33 -15.54 -12.12
CA TYR D 329 58.10 -14.52 -13.16
C TYR D 329 58.47 -13.08 -12.81
N LYS D 330 57.87 -12.55 -11.75
CA LYS D 330 57.98 -11.11 -11.50
C LYS D 330 59.43 -10.66 -11.28
N LYS D 331 60.30 -11.60 -10.90
CA LYS D 331 61.75 -11.35 -10.84
C LYS D 331 62.38 -11.40 -12.24
N SER D 332 62.00 -12.39 -13.04
CA SER D 332 62.65 -12.70 -14.32
C SER D 332 62.90 -11.58 -15.33
N ALA D 333 63.99 -11.81 -16.06
CA ALA D 333 64.45 -10.94 -17.12
C ALA D 333 63.27 -10.44 -17.93
N ILE D 334 62.47 -11.34 -18.48
CA ILE D 334 61.36 -10.96 -19.35
C ILE D 334 60.48 -9.93 -18.65
N CYS D 335 60.14 -10.22 -17.41
CA CYS D 335 59.23 -9.40 -16.63
C CYS D 335 59.85 -8.07 -16.30
N HIS D 336 61.18 -8.03 -16.19
CA HIS D 336 61.84 -6.71 -16.23
C HIS D 336 61.56 -6.07 -17.61
N LYS D 337 61.99 -6.76 -18.67
CA LYS D 337 62.01 -6.23 -20.03
C LYS D 337 60.68 -5.60 -20.39
N THR D 338 59.61 -6.40 -20.37
CA THR D 338 58.28 -5.93 -20.76
C THR D 338 58.03 -4.60 -20.01
N LEU D 339 58.29 -4.58 -18.70
CA LEU D 339 58.08 -3.37 -17.90
C LEU D 339 58.82 -2.20 -18.54
N LYS D 340 60.12 -2.39 -18.77
CA LYS D 340 60.92 -1.33 -19.37
C LYS D 340 60.27 -0.82 -20.65
N ASN D 341 59.65 -1.70 -21.43
CA ASN D 341 59.06 -1.24 -22.70
C ASN D 341 57.87 -0.32 -22.48
N ILE D 342 57.14 -0.49 -21.37
CA ILE D 342 56.11 0.50 -21.03
C ILE D 342 56.74 1.78 -20.51
N GLU D 343 57.94 1.67 -19.94
CA GLU D 343 58.68 2.87 -19.50
C GLU D 343 59.25 3.69 -20.68
N ARG D 344 59.67 2.99 -21.74
CA ARG D 344 60.25 3.65 -22.91
C ARG D 344 59.17 4.44 -23.63
N MET D 345 57.93 3.94 -23.59
CA MET D 345 56.78 4.71 -24.07
C MET D 345 56.47 5.94 -23.20
N LYS D 346 57.12 6.09 -22.04
CA LYS D 346 57.01 7.36 -21.32
C LYS D 346 57.56 8.50 -22.22
N HIS D 347 58.61 8.22 -22.99
CA HIS D 347 59.22 9.21 -23.91
C HIS D 347 58.44 9.55 -25.21
N LEU D 348 58.44 8.65 -26.20
CA LEU D 348 58.03 8.96 -27.59
C LEU D 348 58.48 10.38 -28.00
N PRO D 355 46.73 8.31 -30.07
CA PRO D 355 45.57 7.91 -29.28
C PRO D 355 44.29 7.91 -30.14
N PHE D 356 44.26 7.01 -31.12
CA PHE D 356 43.18 6.96 -32.09
C PHE D 356 41.86 6.45 -31.49
N LYS D 357 40.79 7.14 -31.89
CA LYS D 357 39.40 6.84 -31.59
C LYS D 357 38.75 8.17 -31.53
N THR D 358 37.47 8.22 -31.90
CA THR D 358 36.92 9.48 -32.31
C THR D 358 35.74 10.00 -31.50
N LYS D 359 35.82 11.28 -31.19
CA LYS D 359 34.78 12.01 -30.46
C LYS D 359 34.03 12.91 -31.45
N ASP D 360 34.31 12.72 -32.74
CA ASP D 360 33.48 13.20 -33.86
C ASP D 360 31.99 13.17 -33.49
N SER D 361 31.65 14.07 -32.57
CA SER D 361 30.42 13.94 -31.78
C SER D 361 29.15 14.04 -32.61
N PRO D 362 28.33 12.97 -32.66
CA PRO D 362 27.00 13.12 -33.25
C PRO D 362 26.10 14.00 -32.38
N GLY D 363 24.86 14.17 -32.80
CA GLY D 363 23.99 15.23 -32.26
C GLY D 363 22.75 14.70 -31.58
N VAL D 364 22.54 15.04 -30.30
CA VAL D 364 21.42 14.46 -29.49
C VAL D 364 20.06 14.55 -30.17
N PHE D 365 19.82 15.76 -30.62
CA PHE D 365 18.50 16.31 -30.77
C PHE D 365 17.76 15.46 -31.84
N SER D 366 18.41 15.26 -32.98
CA SER D 366 17.95 14.30 -34.00
C SER D 366 18.35 12.83 -33.70
N LYS D 367 19.38 12.67 -32.85
CA LYS D 367 19.79 11.36 -32.33
C LYS D 367 18.56 10.64 -31.88
N LEU D 368 17.77 11.29 -31.02
CA LEU D 368 16.54 10.61 -30.59
C LEU D 368 15.65 10.25 -31.80
N GLY D 369 15.50 11.20 -32.72
CA GLY D 369 14.75 10.99 -33.95
C GLY D 369 15.14 9.73 -34.72
N VAL D 370 16.44 9.48 -34.87
CA VAL D 370 16.87 8.23 -35.58
C VAL D 370 16.38 6.99 -34.85
N LEU D 371 16.63 6.97 -33.54
CA LEU D 371 16.32 5.83 -32.69
C LEU D 371 14.86 5.48 -32.89
N LEU D 372 14.02 6.52 -32.95
CA LEU D 372 12.62 6.34 -33.26
C LEU D 372 12.45 5.63 -34.61
N ARG D 373 13.01 6.20 -35.68
CA ARG D 373 12.85 5.62 -37.02
C ARG D 373 13.23 4.14 -36.99
N ARG D 374 14.40 3.84 -36.40
CA ARG D 374 14.85 2.46 -36.18
C ARG D 374 13.75 1.64 -35.47
N VAL D 375 13.31 2.10 -34.29
CA VAL D 375 12.35 1.30 -33.50
C VAL D 375 11.03 1.06 -34.21
N THR D 376 10.43 2.14 -34.68
CA THR D 376 9.24 2.07 -35.50
C THR D 376 9.51 1.08 -36.68
N ARG D 377 10.73 1.10 -37.26
CA ARG D 377 11.05 0.15 -38.35
C ARG D 377 10.98 -1.28 -37.85
N ASN D 378 11.72 -1.56 -36.79
CA ASN D 378 11.64 -2.84 -36.13
C ASN D 378 10.17 -3.27 -35.94
N LEU D 379 9.46 -2.53 -35.07
CA LEU D 379 8.08 -2.86 -34.68
C LEU D 379 7.12 -2.96 -35.86
N VAL D 380 7.39 -2.28 -36.96
CA VAL D 380 6.52 -2.44 -38.12
C VAL D 380 6.83 -3.72 -38.92
N ARG D 381 8.09 -4.19 -38.93
CA ARG D 381 8.45 -5.34 -39.80
C ARG D 381 8.28 -6.67 -39.07
N ASN D 382 7.16 -6.81 -38.36
CA ASN D 382 6.79 -8.10 -37.74
C ASN D 382 5.27 -8.17 -37.53
N LYS D 383 4.62 -8.78 -38.51
CA LYS D 383 3.18 -8.97 -38.51
C LYS D 383 2.73 -9.40 -37.12
N LEU D 384 3.44 -10.42 -36.58
CA LEU D 384 3.24 -10.92 -35.21
C LEU D 384 2.69 -9.77 -34.38
N ALA D 385 3.53 -8.75 -34.22
CA ALA D 385 3.36 -7.76 -33.17
C ALA D 385 2.29 -6.75 -33.50
N VAL D 386 2.49 -6.12 -34.66
CA VAL D 386 1.73 -4.93 -34.98
C VAL D 386 0.25 -5.22 -34.84
N ILE D 387 -0.17 -6.26 -35.53
CA ILE D 387 -1.58 -6.60 -35.52
C ILE D 387 -2.12 -6.46 -34.11
N THR D 388 -1.40 -7.03 -33.15
CA THR D 388 -1.91 -7.11 -31.79
C THR D 388 -2.12 -5.71 -31.22
N ARG D 389 -1.14 -4.82 -31.38
CA ARG D 389 -1.21 -3.46 -30.77
C ARG D 389 -2.59 -2.85 -31.09
N LEU D 390 -2.89 -2.94 -32.38
CA LEU D 390 -4.02 -2.28 -33.00
C LEU D 390 -5.25 -3.00 -32.58
N LEU D 391 -5.13 -4.31 -32.59
CA LEU D 391 -6.33 -5.08 -32.64
C LEU D 391 -6.85 -5.53 -31.32
N GLN D 392 -5.97 -5.97 -30.39
CA GLN D 392 -6.47 -6.63 -29.20
C GLN D 392 -7.51 -5.73 -28.54
N ASN D 393 -7.22 -4.44 -28.41
CA ASN D 393 -8.15 -3.60 -27.72
C ASN D 393 -9.53 -3.96 -28.22
N LEU D 394 -9.74 -3.93 -29.54
CA LEU D 394 -10.99 -4.44 -30.18
C LEU D 394 -11.44 -5.82 -29.70
N ILE D 395 -10.53 -6.76 -29.71
CA ILE D 395 -10.81 -8.07 -29.17
C ILE D 395 -11.52 -7.91 -27.82
N MET D 396 -11.05 -7.02 -26.95
CA MET D 396 -11.68 -6.80 -25.65
C MET D 396 -13.17 -6.53 -25.83
N GLY D 397 -13.45 -5.60 -26.73
CA GLY D 397 -14.79 -5.10 -26.93
C GLY D 397 -15.67 -6.13 -27.57
N LEU D 398 -15.13 -6.89 -28.51
CA LEU D 398 -15.88 -8.00 -29.07
C LEU D 398 -16.20 -8.94 -27.95
N PHE D 399 -15.15 -9.44 -27.31
CA PHE D 399 -15.28 -10.44 -26.27
C PHE D 399 -16.36 -10.09 -25.24
N LEU D 400 -16.46 -8.81 -24.92
CA LEU D 400 -17.55 -8.32 -24.07
C LEU D 400 -18.86 -8.35 -24.81
N LEU D 401 -18.85 -7.71 -25.97
CA LEU D 401 -20.00 -7.54 -26.83
C LEU D 401 -20.76 -8.85 -26.95
N PHE D 402 -20.00 -9.93 -27.03
CA PHE D 402 -20.52 -11.28 -27.13
C PHE D 402 -21.35 -11.77 -25.92
N PHE D 403 -20.89 -11.49 -24.71
CA PHE D 403 -21.69 -11.75 -23.51
C PHE D 403 -22.81 -10.74 -23.38
N VAL D 404 -22.44 -9.46 -23.41
CA VAL D 404 -23.35 -8.40 -23.00
C VAL D 404 -24.44 -8.12 -24.05
N LEU D 405 -24.21 -8.60 -25.27
CA LEU D 405 -25.08 -8.33 -26.40
C LEU D 405 -25.09 -6.82 -26.65
N ARG D 406 -26.25 -6.27 -27.00
CA ARG D 406 -26.44 -4.83 -27.17
C ARG D 406 -26.96 -4.34 -25.82
N VAL D 407 -26.71 -3.09 -25.44
CA VAL D 407 -27.20 -2.59 -24.13
C VAL D 407 -28.71 -2.40 -24.07
N ARG D 408 -29.38 -3.10 -23.15
CA ARG D 408 -30.81 -2.89 -22.96
C ARG D 408 -31.08 -1.54 -22.30
N SER D 409 -32.05 -0.81 -22.84
CA SER D 409 -32.35 0.52 -22.33
C SER D 409 -33.62 0.55 -21.51
N ASN D 410 -34.72 0.10 -22.11
CA ASN D 410 -36.07 0.32 -21.57
C ASN D 410 -36.29 -0.14 -20.15
N VAL D 411 -36.17 -1.44 -19.93
CA VAL D 411 -36.14 -1.99 -18.57
C VAL D 411 -34.97 -1.33 -17.87
N LEU D 412 -34.94 -1.33 -16.54
CA LEU D 412 -33.70 -1.00 -15.83
C LEU D 412 -32.94 -2.27 -15.52
N LYS D 413 -33.63 -3.41 -15.61
CA LYS D 413 -33.05 -4.73 -15.38
C LYS D 413 -31.68 -4.93 -16.01
N GLY D 414 -31.51 -4.49 -17.26
CA GLY D 414 -30.19 -4.46 -17.87
C GLY D 414 -29.54 -3.08 -17.82
N ALA D 415 -30.35 -2.03 -17.61
CA ALA D 415 -30.01 -0.72 -18.21
C ALA D 415 -28.86 0.05 -17.60
N ILE D 416 -28.77 0.11 -16.27
CA ILE D 416 -27.54 0.65 -15.65
C ILE D 416 -26.50 -0.42 -15.37
N GLN D 417 -26.97 -1.59 -14.91
CA GLN D 417 -26.12 -2.65 -14.39
C GLN D 417 -25.28 -3.31 -15.49
N ASP D 418 -25.83 -3.37 -16.70
CA ASP D 418 -25.07 -3.83 -17.87
C ASP D 418 -24.01 -2.83 -18.32
N ARG D 419 -24.22 -1.54 -18.02
CA ARG D 419 -23.30 -0.50 -18.48
C ARG D 419 -22.19 -0.30 -17.50
N VAL D 420 -22.56 -0.19 -16.24
CA VAL D 420 -21.59 -0.16 -15.15
C VAL D 420 -20.49 -1.18 -15.45
N GLY D 421 -20.88 -2.44 -15.62
CA GLY D 421 -19.93 -3.52 -15.82
C GLY D 421 -19.07 -3.24 -17.03
N LEU D 422 -19.71 -2.74 -18.07
CA LEU D 422 -19.07 -2.46 -19.33
C LEU D 422 -17.94 -1.43 -19.19
N LEU D 423 -18.33 -0.27 -18.69
CA LEU D 423 -17.38 0.80 -18.49
C LEU D 423 -16.28 0.29 -17.59
N TYR D 424 -16.69 -0.28 -16.45
CA TYR D 424 -15.75 -0.91 -15.51
C TYR D 424 -14.70 -1.72 -16.28
N GLN D 425 -15.16 -2.73 -17.00
CA GLN D 425 -14.25 -3.58 -17.73
C GLN D 425 -13.36 -2.76 -18.67
N PHE D 426 -13.95 -1.80 -19.41
CA PHE D 426 -13.09 -1.00 -20.30
C PHE D 426 -11.96 -0.33 -19.54
N VAL D 427 -12.32 0.38 -18.47
CA VAL D 427 -11.34 1.13 -17.68
C VAL D 427 -10.34 0.22 -16.92
N GLY D 428 -10.73 -1.02 -16.64
CA GLY D 428 -9.79 -1.99 -16.05
C GLY D 428 -9.22 -2.99 -17.03
N ALA D 429 -9.36 -2.72 -18.33
CA ALA D 429 -8.71 -3.52 -19.40
C ALA D 429 -7.80 -2.70 -20.30
N THR D 430 -8.25 -1.49 -20.61
CA THR D 430 -7.49 -0.63 -21.49
C THR D 430 -6.11 -0.22 -20.96
N PRO D 431 -5.84 -0.34 -19.64
CA PRO D 431 -4.43 -0.31 -19.24
C PRO D 431 -3.73 -1.68 -19.38
N TYR D 432 -4.46 -2.76 -19.12
CA TYR D 432 -3.92 -4.11 -19.36
C TYR D 432 -3.38 -4.23 -20.77
N THR D 433 -4.21 -3.88 -21.76
CA THR D 433 -3.74 -3.93 -23.14
C THR D 433 -2.43 -3.17 -23.28
N GLY D 434 -2.29 -2.08 -22.53
CA GLY D 434 -1.05 -1.31 -22.51
C GLY D 434 0.18 -2.13 -22.19
N MET D 435 0.19 -2.73 -21.01
CA MET D 435 1.33 -3.56 -20.65
C MET D 435 1.46 -4.77 -21.55
N LEU D 436 0.32 -5.36 -21.92
CA LEU D 436 0.37 -6.52 -22.79
C LEU D 436 1.23 -6.05 -23.98
N ASN D 437 0.84 -4.93 -24.58
CA ASN D 437 1.71 -4.26 -25.54
C ASN D 437 3.17 -4.20 -25.07
N ALA D 438 3.42 -3.48 -23.98
CA ALA D 438 4.81 -3.16 -23.58
C ALA D 438 5.67 -4.36 -23.22
N VAL D 439 5.35 -4.99 -22.10
CA VAL D 439 6.09 -6.12 -21.56
C VAL D 439 6.51 -7.10 -22.64
N ASN D 440 5.71 -7.26 -23.68
CA ASN D 440 6.07 -8.18 -24.74
C ASN D 440 7.06 -7.64 -25.76
N LEU D 441 6.88 -6.38 -26.14
CA LEU D 441 7.75 -5.81 -27.16
C LEU D 441 9.05 -5.31 -26.60
N PHE D 442 8.96 -4.58 -25.50
CA PHE D 442 10.05 -3.69 -25.11
C PHE D 442 11.39 -4.30 -24.63
N PRO D 443 11.36 -5.47 -23.94
CA PRO D 443 12.58 -6.00 -23.32
C PRO D 443 13.78 -6.06 -24.24
N VAL D 444 13.57 -6.56 -25.45
CA VAL D 444 14.61 -6.55 -26.47
C VAL D 444 15.26 -5.15 -26.58
N LEU D 445 14.43 -4.13 -26.80
CA LEU D 445 14.91 -2.76 -26.96
C LEU D 445 15.61 -2.30 -25.71
N ARG D 446 15.00 -2.58 -24.58
CA ARG D 446 15.60 -2.26 -23.30
C ARG D 446 17.05 -2.81 -23.15
N ALA D 447 17.17 -4.12 -23.33
CA ALA D 447 18.46 -4.81 -23.14
C ALA D 447 19.46 -4.41 -24.22
N VAL D 448 18.97 -4.18 -25.44
CA VAL D 448 19.84 -3.68 -26.51
C VAL D 448 20.32 -2.25 -26.16
N SER D 449 19.45 -1.42 -25.58
CA SER D 449 19.88 -0.13 -25.03
C SER D 449 20.96 -0.38 -24.03
N ASP D 450 20.71 -1.32 -23.11
CA ASP D 450 21.75 -1.72 -22.16
C ASP D 450 23.09 -2.01 -22.86
N GLN D 451 23.18 -3.11 -23.60
CA GLN D 451 24.43 -3.52 -24.24
C GLN D 451 25.04 -2.43 -25.17
N GLU D 452 24.19 -1.60 -25.78
CA GLU D 452 24.67 -0.57 -26.72
C GLU D 452 25.22 0.64 -25.99
N SER D 453 24.40 1.25 -25.14
CA SER D 453 24.80 2.47 -24.44
C SER D 453 26.19 2.33 -23.81
N GLN D 454 26.52 1.16 -23.24
CA GLN D 454 27.85 0.91 -22.66
C GLN D 454 29.02 1.24 -23.58
N ASP D 455 28.86 0.96 -24.87
CA ASP D 455 29.89 1.25 -25.86
C ASP D 455 29.96 2.75 -26.13
N GLY D 456 28.83 3.44 -25.91
CA GLY D 456 28.80 4.89 -25.84
C GLY D 456 27.99 5.55 -26.93
N LEU D 457 26.82 5.01 -27.23
CA LEU D 457 26.08 5.40 -28.42
C LEU D 457 24.88 6.29 -28.14
N TYR D 458 24.04 5.90 -27.19
CA TYR D 458 22.88 6.72 -26.76
C TYR D 458 22.46 6.43 -25.32
N GLN D 459 22.30 7.49 -24.53
CA GLN D 459 22.03 7.39 -23.09
C GLN D 459 20.72 6.60 -22.87
N LYS D 460 20.66 5.82 -21.80
CA LYS D 460 19.63 4.77 -21.64
C LYS D 460 18.22 5.22 -21.94
N TRP D 461 17.92 6.45 -21.58
CA TRP D 461 16.58 6.99 -21.70
C TRP D 461 16.21 7.25 -23.12
N GLN D 462 17.18 7.71 -23.89
CA GLN D 462 16.93 8.02 -25.29
C GLN D 462 15.89 7.00 -25.78
N MET D 463 16.22 5.72 -25.61
CA MET D 463 15.46 4.61 -26.16
C MET D 463 14.06 4.58 -25.61
N MET D 464 13.98 4.57 -24.28
CA MET D 464 12.70 4.48 -23.59
C MET D 464 11.82 5.60 -24.13
N LEU D 465 12.40 6.78 -24.33
CA LEU D 465 11.62 7.84 -24.90
C LEU D 465 11.07 7.32 -26.22
N ALA D 466 11.98 6.96 -27.12
CA ALA D 466 11.64 6.48 -28.45
C ALA D 466 10.48 5.49 -28.44
N TYR D 467 10.63 4.39 -27.71
CA TYR D 467 9.56 3.39 -27.69
C TYR D 467 8.28 4.12 -27.38
N ALA D 468 8.31 4.85 -26.27
CA ALA D 468 7.14 5.56 -25.78
C ALA D 468 6.54 6.44 -26.83
N LEU D 469 7.39 6.99 -27.68
CA LEU D 469 6.90 7.93 -28.65
C LEU D 469 6.14 7.22 -29.75
N HIS D 470 6.64 6.09 -30.25
CA HIS D 470 6.00 5.51 -31.42
C HIS D 470 4.63 4.95 -31.09
N VAL D 471 4.47 4.39 -29.89
CA VAL D 471 3.20 3.71 -29.55
C VAL D 471 1.99 4.59 -29.87
N LEU D 472 2.16 5.90 -29.70
CA LEU D 472 1.06 6.82 -29.82
C LEU D 472 0.18 6.46 -31.03
N PRO D 473 0.75 6.55 -32.24
CA PRO D 473 0.01 6.13 -33.43
C PRO D 473 -0.80 4.85 -33.26
N PHE D 474 -0.10 3.80 -32.87
CA PHE D 474 -0.67 2.47 -32.85
C PHE D 474 -1.78 2.43 -31.81
N SER D 475 -1.43 2.62 -30.54
CA SER D 475 -2.46 2.62 -29.48
C SER D 475 -3.67 3.50 -29.90
N VAL D 476 -3.41 4.72 -30.38
CA VAL D 476 -4.52 5.59 -30.77
C VAL D 476 -5.37 5.04 -31.91
N VAL D 477 -4.75 4.32 -32.85
CA VAL D 477 -5.61 3.67 -33.82
C VAL D 477 -6.41 2.60 -33.10
N ALA D 478 -5.74 1.82 -32.23
CA ALA D 478 -6.38 0.67 -31.56
C ALA D 478 -7.65 1.12 -30.87
N THR D 479 -7.51 2.20 -30.12
CA THR D 479 -8.61 2.78 -29.39
C THR D 479 -9.77 3.07 -30.34
N MET D 480 -9.45 3.62 -31.50
CA MET D 480 -10.45 3.96 -32.50
C MET D 480 -11.12 2.75 -33.15
N ILE D 481 -10.31 1.77 -33.54
CA ILE D 481 -10.78 0.50 -34.06
C ILE D 481 -11.77 -0.12 -33.10
N PHE D 482 -11.31 -0.25 -31.87
CA PHE D 482 -12.12 -0.75 -30.77
C PHE D 482 -13.44 0.03 -30.62
N SER D 483 -13.31 1.34 -30.44
CA SER D 483 -14.44 2.23 -30.12
C SER D 483 -15.50 2.28 -31.21
N SER D 484 -15.01 2.58 -32.41
CA SER D 484 -15.88 2.69 -33.56
C SER D 484 -16.76 1.45 -33.68
N VAL D 485 -16.12 0.29 -33.73
CA VAL D 485 -16.84 -0.98 -33.79
C VAL D 485 -17.78 -1.09 -32.61
N CYS D 486 -17.23 -1.11 -31.40
CA CYS D 486 -18.04 -1.55 -30.26
C CYS D 486 -19.11 -0.54 -29.80
N TYR D 487 -18.69 0.70 -29.56
CA TYR D 487 -19.54 1.69 -28.90
C TYR D 487 -20.95 1.72 -29.46
N TRP D 488 -21.05 1.74 -30.80
CA TRP D 488 -22.34 1.82 -31.49
C TRP D 488 -23.09 0.50 -31.37
N THR D 489 -22.38 -0.61 -31.53
CA THR D 489 -23.00 -1.94 -31.40
C THR D 489 -23.63 -2.13 -30.03
N LEU D 490 -22.93 -1.65 -29.03
CA LEU D 490 -23.45 -1.75 -27.69
C LEU D 490 -24.55 -0.72 -27.50
N GLY D 491 -24.48 0.38 -28.28
CA GLY D 491 -25.50 1.42 -28.27
C GLY D 491 -25.46 2.33 -27.05
N LEU D 492 -24.34 3.00 -26.85
CA LEU D 492 -24.20 3.93 -25.73
C LEU D 492 -24.48 5.37 -26.22
N HIS D 493 -25.24 6.16 -25.45
CA HIS D 493 -25.48 7.61 -25.75
C HIS D 493 -25.10 8.02 -27.19
N PRO D 494 -26.01 7.81 -28.18
CA PRO D 494 -25.71 7.82 -29.62
C PRO D 494 -24.67 8.84 -30.17
N GLU D 495 -24.75 10.12 -29.75
CA GLU D 495 -24.16 11.23 -30.55
C GLU D 495 -22.63 11.17 -30.77
N VAL D 496 -22.20 11.38 -32.02
CA VAL D 496 -20.79 11.27 -32.40
C VAL D 496 -19.86 11.93 -31.38
N ALA D 497 -20.09 13.19 -31.05
CA ALA D 497 -19.26 13.89 -30.10
C ALA D 497 -18.99 13.00 -28.88
N ARG D 498 -20.06 12.47 -28.30
CA ARG D 498 -19.96 11.69 -27.05
C ARG D 498 -19.29 10.31 -27.29
N PHE D 499 -19.38 9.79 -28.51
CA PHE D 499 -18.48 8.72 -28.94
C PHE D 499 -17.03 9.25 -28.91
N GLY D 500 -16.83 10.39 -29.58
CA GLY D 500 -15.52 11.05 -29.67
C GLY D 500 -14.82 11.17 -28.34
N TYR D 501 -15.56 11.64 -27.33
CA TYR D 501 -15.05 11.68 -25.96
C TYR D 501 -14.72 10.28 -25.45
N PHE D 502 -15.65 9.34 -25.61
CA PHE D 502 -15.46 7.95 -25.15
C PHE D 502 -14.22 7.31 -25.77
N SER D 503 -13.85 7.74 -26.98
CA SER D 503 -12.62 7.27 -27.61
C SER D 503 -11.34 7.98 -27.11
N ALA D 504 -11.50 9.14 -26.53
CA ALA D 504 -10.35 9.81 -25.92
C ALA D 504 -10.18 9.33 -24.50
N ALA D 505 -11.27 8.91 -23.88
CA ALA D 505 -11.23 8.46 -22.51
C ALA D 505 -10.55 7.10 -22.35
N LEU D 506 -10.61 6.28 -23.40
CA LEU D 506 -10.00 4.96 -23.37
C LEU D 506 -8.71 4.87 -24.14
N LEU D 507 -8.21 6.00 -24.61
CA LEU D 507 -6.89 6.04 -25.18
C LEU D 507 -5.88 6.29 -24.09
N ALA D 508 -6.28 7.08 -23.10
CA ALA D 508 -5.39 7.42 -22.02
C ALA D 508 -4.96 6.18 -21.23
N PRO D 509 -5.92 5.44 -20.66
CA PRO D 509 -5.53 4.24 -19.94
C PRO D 509 -4.59 3.34 -20.75
N HIS D 510 -5.00 3.00 -21.98
CA HIS D 510 -4.19 2.20 -22.95
C HIS D 510 -2.76 2.72 -23.19
N LEU D 511 -2.50 3.99 -22.84
CA LEU D 511 -1.14 4.48 -22.83
C LEU D 511 -0.55 4.37 -21.45
N ILE D 512 -1.34 4.74 -20.45
CA ILE D 512 -0.89 4.72 -19.07
C ILE D 512 -0.31 3.35 -18.74
N GLY D 513 -1.01 2.31 -19.16
CA GLY D 513 -0.48 0.95 -19.02
C GLY D 513 0.89 0.82 -19.66
N GLU D 514 0.94 1.21 -20.93
CA GLU D 514 2.18 1.19 -21.69
C GLU D 514 3.33 1.85 -20.95
N PHE D 515 3.19 3.14 -20.66
CA PHE D 515 4.28 3.89 -20.09
C PHE D 515 4.58 3.53 -18.64
N LEU D 516 3.57 3.19 -17.85
CA LEU D 516 3.86 2.69 -16.51
C LEU D 516 4.72 1.45 -16.67
N THR D 517 4.15 0.47 -17.38
CA THR D 517 4.84 -0.79 -17.62
C THR D 517 6.27 -0.52 -18.07
N LEU D 518 6.41 0.46 -18.94
CA LEU D 518 7.69 0.90 -19.39
C LEU D 518 8.57 1.34 -18.21
N VAL D 519 8.13 2.34 -17.48
CA VAL D 519 8.89 2.83 -16.37
C VAL D 519 9.35 1.62 -15.61
N LEU D 520 8.39 0.82 -15.13
CA LEU D 520 8.73 -0.31 -14.28
C LEU D 520 9.78 -1.16 -14.94
N LEU D 521 9.66 -1.39 -16.23
CA LEU D 521 10.62 -2.25 -16.93
C LEU D 521 12.06 -1.75 -16.94
N GLY D 522 12.26 -0.48 -16.58
CA GLY D 522 13.59 0.04 -16.31
C GLY D 522 14.09 -0.27 -14.92
N ILE D 523 13.18 -0.33 -13.95
CA ILE D 523 13.55 -0.56 -12.56
C ILE D 523 13.66 -2.05 -12.30
N VAL D 524 12.53 -2.74 -12.50
CA VAL D 524 12.42 -4.18 -12.37
C VAL D 524 12.85 -4.81 -13.67
N GLN D 525 13.65 -5.85 -13.55
CA GLN D 525 14.39 -6.36 -14.69
C GLN D 525 13.97 -7.77 -15.10
N ASN D 526 12.80 -8.21 -14.66
CA ASN D 526 12.34 -9.57 -14.97
C ASN D 526 10.90 -9.62 -15.49
N PRO D 527 10.68 -9.12 -16.71
CA PRO D 527 9.39 -8.68 -17.24
C PRO D 527 8.21 -9.42 -16.70
N ASN D 528 8.29 -10.74 -16.60
CA ASN D 528 7.07 -11.45 -16.25
C ASN D 528 6.54 -11.10 -14.86
N ILE D 529 7.42 -10.67 -13.97
CA ILE D 529 6.99 -9.99 -12.73
C ILE D 529 6.29 -8.66 -13.04
N VAL D 530 6.95 -7.80 -13.79
CA VAL D 530 6.32 -6.57 -14.19
C VAL D 530 4.90 -6.87 -14.65
N ASN D 531 4.73 -7.84 -15.54
CA ASN D 531 3.39 -8.13 -16.03
C ASN D 531 2.40 -8.57 -14.94
N SER D 532 2.88 -9.31 -13.97
CA SER D 532 2.02 -9.71 -12.89
C SER D 532 1.62 -8.47 -12.12
N VAL D 533 2.61 -7.68 -11.71
CA VAL D 533 2.37 -6.48 -10.90
C VAL D 533 1.44 -5.48 -11.59
N VAL D 534 1.78 -5.10 -12.82
CA VAL D 534 1.05 -4.03 -13.46
C VAL D 534 -0.42 -4.44 -13.55
N ALA D 535 -0.68 -5.74 -13.68
CA ALA D 535 -2.06 -6.19 -13.72
C ALA D 535 -2.73 -5.82 -12.41
N LEU D 536 -2.12 -6.31 -11.34
CA LEU D 536 -2.66 -6.15 -10.02
C LEU D 536 -2.92 -4.69 -9.78
N LEU D 537 -1.93 -3.85 -10.06
CA LEU D 537 -2.12 -2.42 -10.06
C LEU D 537 -3.40 -2.04 -10.80
N SER D 538 -3.41 -2.30 -12.09
CA SER D 538 -4.39 -1.69 -12.97
C SER D 538 -5.78 -2.28 -12.80
N ILE D 539 -5.86 -3.31 -11.98
CA ILE D 539 -7.14 -3.87 -11.59
C ILE D 539 -7.55 -3.29 -10.24
N ALA D 540 -6.69 -3.45 -9.24
CA ALA D 540 -6.98 -2.86 -7.94
C ALA D 540 -7.49 -1.45 -8.15
N GLY D 541 -6.68 -0.68 -8.87
CA GLY D 541 -7.03 0.66 -9.25
C GLY D 541 -8.51 0.84 -9.49
N VAL D 542 -9.09 0.09 -10.42
CA VAL D 542 -10.50 0.33 -10.77
C VAL D 542 -11.45 0.13 -9.60
N LEU D 543 -11.17 -0.89 -8.80
CA LEU D 543 -12.07 -1.29 -7.72
C LEU D 543 -12.33 -0.09 -6.79
N VAL D 544 -11.24 0.49 -6.29
CA VAL D 544 -11.30 1.68 -5.45
C VAL D 544 -11.65 2.95 -6.22
N GLY D 545 -11.09 3.11 -7.40
CA GLY D 545 -11.06 4.41 -8.04
C GLY D 545 -12.17 4.67 -9.00
N SER D 546 -12.99 3.66 -9.29
CA SER D 546 -14.03 3.93 -10.25
C SER D 546 -15.19 4.58 -9.59
N GLY D 547 -15.48 4.15 -8.38
CA GLY D 547 -16.73 4.45 -7.75
C GLY D 547 -17.54 3.18 -7.78
N PHE D 548 -17.73 2.69 -9.00
CA PHE D 548 -18.77 1.73 -9.32
C PHE D 548 -19.00 0.70 -8.26
N LEU D 549 -17.93 0.05 -7.80
CA LEU D 549 -18.09 -1.12 -6.92
C LEU D 549 -18.20 -0.81 -5.42
N ARG D 550 -17.91 0.43 -5.02
CA ARG D 550 -18.01 0.78 -3.62
C ARG D 550 -18.12 2.26 -3.58
N ASN D 551 -19.33 2.75 -3.35
CA ASN D 551 -19.72 4.12 -3.75
C ASN D 551 -18.75 5.19 -3.25
N ILE D 552 -17.72 5.49 -4.05
CA ILE D 552 -16.48 6.14 -3.57
C ILE D 552 -16.73 7.05 -2.37
N GLN D 553 -17.61 8.03 -2.54
CA GLN D 553 -17.99 8.92 -1.46
C GLN D 553 -18.25 8.17 -0.13
N GLU D 554 -18.99 7.07 -0.23
CA GLU D 554 -19.34 6.24 0.93
C GLU D 554 -18.18 5.46 1.55
N MET D 555 -17.08 5.26 0.82
CA MET D 555 -16.06 4.27 1.23
C MET D 555 -15.21 4.74 2.39
N PRO D 556 -14.64 3.79 3.16
CA PRO D 556 -13.97 4.16 4.42
C PRO D 556 -12.70 4.92 4.22
N ILE D 557 -12.49 5.92 5.07
CA ILE D 557 -11.36 6.87 5.07
C ILE D 557 -10.28 6.65 4.01
N PRO D 558 -9.29 5.79 4.32
CA PRO D 558 -8.05 5.85 3.56
C PRO D 558 -8.20 5.54 2.09
N PHE D 559 -8.95 4.50 1.77
CA PHE D 559 -9.15 4.16 0.37
C PHE D 559 -9.60 5.43 -0.34
N LYS D 560 -10.49 6.18 0.30
CA LYS D 560 -10.99 7.37 -0.36
C LYS D 560 -9.81 8.15 -0.92
N ILE D 561 -8.82 8.40 -0.09
CA ILE D 561 -7.64 9.13 -0.49
C ILE D 561 -6.96 8.50 -1.67
N ILE D 562 -6.72 7.20 -1.54
CA ILE D 562 -6.11 6.44 -2.60
C ILE D 562 -6.83 6.79 -3.88
N SER D 563 -8.12 6.49 -3.93
CA SER D 563 -8.86 6.67 -5.17
C SER D 563 -8.40 7.92 -5.91
N TYR D 564 -8.38 9.07 -5.21
CA TYR D 564 -8.05 10.38 -5.83
C TYR D 564 -6.68 10.40 -6.54
N PHE D 565 -5.86 9.38 -6.26
CA PHE D 565 -4.53 9.25 -6.81
C PHE D 565 -4.45 8.31 -8.03
N THR D 566 -5.57 7.70 -8.40
CA THR D 566 -5.57 6.75 -9.51
C THR D 566 -6.12 7.40 -10.75
N PHE D 567 -5.53 7.13 -11.90
CA PHE D 567 -6.14 7.60 -13.16
C PHE D 567 -7.58 7.05 -13.31
N GLN D 568 -7.77 5.82 -12.88
CA GLN D 568 -9.07 5.18 -12.95
C GLN D 568 -10.22 6.13 -12.60
N LYS D 569 -10.29 6.59 -11.35
CA LYS D 569 -11.26 7.62 -10.96
C LYS D 569 -11.52 8.61 -12.08
N TYR D 570 -10.45 9.29 -12.49
CA TYR D 570 -10.58 10.48 -13.34
C TYR D 570 -10.88 10.10 -14.77
N CYS D 571 -10.74 8.82 -15.07
CA CYS D 571 -11.34 8.26 -16.29
C CYS D 571 -12.82 7.89 -16.15
N SER D 572 -13.16 7.03 -15.19
CA SER D 572 -14.56 6.63 -14.99
C SER D 572 -15.46 7.83 -14.87
N GLU D 573 -15.10 8.74 -13.96
CA GLU D 573 -15.94 9.93 -13.73
C GLU D 573 -16.04 10.83 -14.96
N ILE D 574 -15.31 10.48 -16.04
CA ILE D 574 -15.60 10.97 -17.39
C ILE D 574 -16.65 10.06 -17.98
N LEU D 575 -16.27 8.82 -18.25
CA LEU D 575 -17.12 7.91 -18.97
C LEU D 575 -18.58 7.86 -18.48
N VAL D 576 -18.77 7.86 -17.15
CA VAL D 576 -20.12 7.86 -16.60
C VAL D 576 -20.88 9.09 -17.03
N VAL D 577 -20.26 10.25 -16.87
CA VAL D 577 -20.91 11.50 -17.22
C VAL D 577 -21.13 11.57 -18.73
N ASN D 578 -20.06 11.41 -19.50
CA ASN D 578 -20.18 11.29 -20.96
C ASN D 578 -21.40 10.46 -21.33
N GLU D 579 -21.45 9.24 -20.81
CA GLU D 579 -22.44 8.31 -21.30
C GLU D 579 -23.84 8.49 -20.69
N PHE D 580 -23.97 9.16 -19.54
CA PHE D 580 -25.29 9.36 -18.94
C PHE D 580 -25.79 10.80 -19.00
N TYR D 581 -25.02 11.72 -19.63
CA TYR D 581 -25.20 13.22 -19.49
C TYR D 581 -26.64 13.56 -19.17
N GLY D 582 -27.50 12.86 -19.90
CA GLY D 582 -28.89 12.71 -19.59
C GLY D 582 -29.21 11.44 -20.34
N LEU D 583 -30.35 10.85 -20.01
CA LEU D 583 -30.82 9.63 -20.62
C LEU D 583 -32.12 9.33 -19.90
N ASN D 584 -32.85 8.29 -20.29
CA ASN D 584 -33.98 7.88 -19.47
C ASN D 584 -34.36 6.40 -19.58
N PHE D 585 -34.53 5.75 -18.44
CA PHE D 585 -34.77 4.28 -18.44
C PHE D 585 -36.21 3.95 -18.02
N THR D 586 -36.87 3.07 -18.77
CA THR D 586 -38.32 2.90 -18.60
C THR D 586 -38.59 2.33 -17.21
N CYS D 587 -37.85 1.27 -16.84
CA CYS D 587 -37.98 0.64 -15.52
C CYS D 587 -39.11 -0.42 -15.48
N GLY D 588 -38.73 -1.70 -15.50
CA GLY D 588 -39.67 -2.82 -15.48
C GLY D 588 -40.70 -2.75 -16.60
N SER D 589 -40.28 -2.28 -17.76
CA SER D 589 -41.18 -1.99 -18.88
C SER D 589 -40.42 -1.90 -20.20
N MET D 599 -34.24 -1.92 -8.66
CA MET D 599 -32.88 -1.39 -8.63
C MET D 599 -32.86 -0.10 -7.82
N CYS D 600 -31.74 0.09 -7.11
CA CYS D 600 -31.66 1.07 -6.02
C CYS D 600 -31.44 2.53 -6.47
N ALA D 601 -31.22 2.76 -7.77
CA ALA D 601 -31.21 4.13 -8.33
C ALA D 601 -32.16 4.17 -9.53
N PHE D 602 -33.21 5.00 -9.43
CA PHE D 602 -34.32 4.95 -10.39
C PHE D 602 -34.02 5.79 -11.65
N THR D 603 -35.06 6.30 -12.31
CA THR D 603 -35.13 6.33 -13.78
C THR D 603 -34.31 7.28 -14.71
N GLN D 604 -33.71 8.37 -14.20
CA GLN D 604 -32.98 9.32 -15.07
C GLN D 604 -31.49 9.07 -15.12
N GLY D 605 -30.80 9.78 -16.02
CA GLY D 605 -29.36 9.61 -16.24
C GLY D 605 -28.53 10.20 -15.11
N ILE D 606 -28.94 11.34 -14.59
CA ILE D 606 -28.16 12.01 -13.54
C ILE D 606 -28.37 11.35 -12.16
N GLN D 607 -29.57 10.80 -11.93
CA GLN D 607 -29.89 10.14 -10.67
C GLN D 607 -28.99 8.93 -10.36
N PHE D 608 -28.30 8.42 -11.38
CA PHE D 608 -27.18 7.51 -11.15
C PHE D 608 -25.87 8.28 -10.98
N ILE D 609 -25.61 9.24 -11.88
CA ILE D 609 -24.35 10.00 -11.85
C ILE D 609 -24.11 10.45 -10.40
N GLU D 610 -25.15 11.00 -9.79
CA GLU D 610 -25.03 11.49 -8.43
C GLU D 610 -24.64 10.40 -7.44
N LYS D 611 -25.29 9.24 -7.53
CA LYS D 611 -25.10 8.19 -6.52
C LYS D 611 -23.64 7.75 -6.40
N THR D 612 -22.95 7.63 -7.53
CA THR D 612 -21.58 7.12 -7.53
C THR D 612 -20.57 8.24 -7.42
N CYS D 613 -20.65 9.20 -8.33
CA CYS D 613 -19.62 10.25 -8.44
C CYS D 613 -20.31 11.56 -8.77
N PRO D 614 -20.61 12.36 -7.74
CA PRO D 614 -21.49 13.53 -7.89
C PRO D 614 -20.81 14.77 -8.47
N GLY D 615 -19.56 15.01 -8.07
CA GLY D 615 -18.84 16.18 -8.52
C GLY D 615 -18.35 16.04 -9.93
N ALA D 616 -18.78 14.97 -10.62
CA ALA D 616 -18.34 14.69 -11.98
C ALA D 616 -19.00 15.61 -13.02
N THR D 617 -20.33 15.62 -13.03
CA THR D 617 -21.10 16.45 -13.96
C THR D 617 -20.37 17.73 -14.36
N SER D 618 -19.99 18.53 -13.36
CA SER D 618 -19.37 19.83 -13.61
C SER D 618 -17.88 19.69 -13.92
N ARG D 619 -17.25 18.76 -13.20
CA ARG D 619 -15.80 18.57 -13.27
C ARG D 619 -15.34 18.06 -14.61
N PHE D 620 -16.19 17.31 -15.31
CA PHE D 620 -15.86 16.71 -16.61
C PHE D 620 -14.79 17.48 -17.42
N THR D 621 -15.10 18.72 -17.79
CA THR D 621 -14.17 19.56 -18.57
C THR D 621 -12.72 19.25 -18.14
N MET D 622 -12.45 19.41 -16.86
CA MET D 622 -11.11 19.17 -16.30
C MET D 622 -10.74 17.69 -16.32
N ASN D 623 -11.61 16.81 -15.81
CA ASN D 623 -11.23 15.41 -15.55
C ASN D 623 -10.25 14.94 -16.61
N PHE D 624 -10.65 15.07 -17.86
CA PHE D 624 -9.73 14.87 -18.98
C PHE D 624 -8.34 15.44 -18.71
N LEU D 625 -8.27 16.76 -18.50
CA LEU D 625 -7.01 17.41 -18.14
C LEU D 625 -6.19 16.49 -17.24
N ILE D 626 -6.81 16.03 -16.15
CA ILE D 626 -6.09 15.20 -15.17
C ILE D 626 -5.82 13.78 -15.71
N LEU D 627 -6.78 13.21 -16.42
CA LEU D 627 -6.64 11.83 -16.92
C LEU D 627 -5.45 11.76 -17.85
N TYR D 628 -5.35 12.75 -18.73
CA TYR D 628 -4.20 12.83 -19.62
C TYR D 628 -2.98 13.35 -18.87
N SER D 629 -3.19 13.97 -17.73
CA SER D 629 -2.06 14.44 -16.93
C SER D 629 -1.07 13.35 -16.59
N PHE D 630 -1.53 12.12 -16.34
CA PHE D 630 -0.62 11.04 -15.91
C PHE D 630 0.46 10.72 -16.96
N ILE D 631 0.06 10.69 -18.23
CA ILE D 631 0.92 10.13 -19.26
C ILE D 631 2.20 10.93 -19.58
N PRO D 632 2.18 12.27 -19.44
CA PRO D 632 3.49 12.91 -19.45
C PRO D 632 4.32 12.49 -18.25
N ALA D 633 3.67 12.43 -17.09
CA ALA D 633 4.38 12.13 -15.87
C ALA D 633 5.06 10.81 -16.04
N LEU D 634 4.29 9.75 -16.21
CA LEU D 634 4.87 8.44 -16.29
C LEU D 634 6.14 8.41 -17.13
N VAL D 635 6.08 8.92 -18.36
CA VAL D 635 7.24 8.91 -19.26
C VAL D 635 8.38 9.81 -18.76
N ILE D 636 8.04 11.01 -18.27
CA ILE D 636 9.07 11.88 -17.67
C ILE D 636 9.77 11.20 -16.49
N LEU D 637 9.03 10.44 -15.71
CA LEU D 637 9.60 9.66 -14.64
C LEU D 637 10.48 8.61 -15.27
N GLY D 638 9.94 7.93 -16.26
CA GLY D 638 10.68 6.92 -16.97
C GLY D 638 12.06 7.42 -17.33
N ILE D 639 12.09 8.56 -18.00
CA ILE D 639 13.38 9.10 -18.34
C ILE D 639 14.24 8.99 -17.08
N VAL D 640 13.85 9.63 -15.97
CA VAL D 640 14.68 9.56 -14.76
C VAL D 640 15.07 8.14 -14.39
N VAL D 641 14.11 7.21 -14.33
CA VAL D 641 14.44 5.85 -13.93
C VAL D 641 15.58 5.34 -14.80
N PHE D 642 15.51 5.65 -16.10
CA PHE D 642 16.50 5.09 -17.03
C PHE D 642 17.85 5.84 -16.91
N LYS D 643 17.80 7.17 -16.94
CA LYS D 643 18.92 8.05 -16.58
C LYS D 643 19.66 7.51 -15.33
N ILE D 644 18.89 7.07 -14.32
CA ILE D 644 19.41 6.41 -13.10
C ILE D 644 19.97 5.06 -13.43
N ARG D 645 19.14 4.24 -14.06
CA ARG D 645 19.41 2.82 -14.17
C ARG D 645 20.77 2.51 -14.82
N ASP D 646 21.25 3.42 -15.67
CA ASP D 646 22.60 3.38 -16.19
C ASP D 646 23.61 2.95 -15.13
N HIS D 647 23.51 3.56 -13.97
CA HIS D 647 24.39 3.29 -12.84
C HIS D 647 24.12 1.92 -12.20
N LEU D 648 22.84 1.52 -12.14
CA LEU D 648 22.48 0.30 -11.40
C LEU D 648 23.29 -0.93 -11.87
N ILE D 649 23.36 -1.17 -13.18
CA ILE D 649 24.45 -2.01 -13.73
C ILE D 649 25.43 -1.05 -14.40
#